data_8TS9
#
_entry.id   8TS9
#
_cell.length_a   86.240
_cell.length_b   120.469
_cell.length_c   191.338
_cell.angle_alpha   90.000
_cell.angle_beta   90.000
_cell.angle_gamma   90.000
#
_symmetry.space_group_name_H-M   'P 21 21 21'
#
loop_
_entity.id
_entity.type
_entity.pdbx_description
1 polymer 'Phosphatidylinositol 4,5-bisphosphate 3-kinase catalytic subunit alpha isoform'
2 polymer 'Phosphatidylinositol 3-kinase regulatory subunit alpha'
3 non-polymer 5-[3-fluoro-5-(trifluoromethyl)benzamido]-N-methyl-6-(2-methylanilino)pyridine-3-carboxamide
#
loop_
_entity_poly.entity_id
_entity_poly.type
_entity_poly.pdbx_seq_one_letter_code
_entity_poly.pdbx_strand_id
1 'polypeptide(L)'
;GSPGISGGGGGPPRPSSGELWGIHLMPPRILVECLLPNGMIVTLECLREATLITIKHELFKEARKYPLHQLLQDESSYIF
VSVTQEAEREEFFDETRRLCDLRLFQPFLKVIEPVGNREEKILNREIGFAIGMPVCEFDMVKDPEVQDFRRNILNVCKEA
VDLRDLNSPHSRAMYVYPPNVESSPELPKHIYNKLDKGQIIVVIWVIVSPNNDKQKYTLKINHDCVPEQVIAEAIRKKTR
SMLLSSEQLKLCVLEYQGKYILKVCGCDEYFLEKYPLSQYKYIRSCIMLGRMPNLMLMAKESLYSQLPMDCFTMPSYSRR
ISTATPYMNGETSTKSLWVINSALRIKILCATYVNVNIRDIDKIYVRTGIYHGGEPLCDNVNTQRVPCSNPRWNEWLNYD
IYIPDLPRAARLCLSICSVKGRKGAKEEHCPLAWGNINLFDYTDTLVSGKMALNLWPVPHGLEDLLNPIGVTGSNPNKET
PCLELEFDWFSSVVKFPDMSVIEEHANWSVSREAGFSYSHAGLSNRLARDNELRENDKEQLKAISTRDPLSEITEQEKDF
LWSHRHYCVTIPEILPKLLLSVKWNSRDEVAQMYCLVKDWPPIKPEQAMELLDCNYPDPMVRGFAVRCLEKYLTDDKLSQ
YLIQLVQVLKYEQYLDNLLVRFLLKKALTNQRIGHFFFWHLKSEMHNKTVSQRFGLLLESYCRACGMYLKHLNRQVEAME
KLINLTDILKQEKKDETQKVQMKFLVEQMRRPDFMDALQGFLSPLNPAHQLGNLRLEECRIMSSAKRPLWLNWENPDIMS
ELLFQNNEIIFKNGDDLRQDMLTLQIIRIMENIWQNQGLDLRMLPYGCLSIGDCVGLIEVVRNSHTIMQIQCKGGLKGAL
QFNSHTLHQWLKDKNKGEIYDAAIDLFTRSCAGYCVATFILGIGDRHNSNIMVKDDGQLFHIDFGHFLDHKKKKFGYKRE
RVPFVLTQDFLIVISKGAQECTKTREFERFQEMCYKAYLAIRQHANLFINLFSMMLGSGMPELQSFDDIAYIRKTLALDK
TEQEALEYFMKQMNDARHGG
;
A
2 'polypeptide(L)'
;GPANNGMNNNMSLQDAEWYWGDISREEVNEKLRDTADGTFLVRDASTKMHGDYTLTLRKGGNNKLIKIFHRDGKYGFSDP
LTFSSVVELINHYRNESLAQYNPKLDVKLLYPVSKYQQDQVVKEDNIEAVGKKLHEYNTQFQEKSREYDRLYEEYTRTSQ
EIQMKRTAIEAFNETIKIFEEQCQTQERYSKEYIEKFKREGNEKEIQRIMHNYDKLKSRISEIIDSRRRLEEDLKKQAAE
YREIDKRMNSIKPDLIQLRKTRDQYLMWLTQKGVRQKKLNEWLGNENTEDQYSLVEDDED
;
B
#
# COMPACT_ATOMS: atom_id res chain seq x y z
N SER A 16 -3.65 5.01 -20.91
CA SER A 16 -3.88 5.67 -22.19
C SER A 16 -3.78 7.19 -22.03
N SER A 17 -2.78 7.78 -22.70
CA SER A 17 -2.52 9.21 -22.59
C SER A 17 -3.36 10.05 -23.54
N GLY A 18 -4.17 9.43 -24.38
CA GLY A 18 -4.99 10.20 -25.31
C GLY A 18 -5.79 9.28 -26.22
N GLU A 19 -6.62 9.92 -27.05
CA GLU A 19 -7.52 9.17 -27.93
C GLU A 19 -6.77 8.46 -29.06
N LEU A 20 -5.55 8.91 -29.39
CA LEU A 20 -4.68 8.22 -30.32
C LEU A 20 -3.27 8.26 -29.76
N TRP A 21 -2.43 7.35 -30.25
CA TRP A 21 -1.05 7.30 -29.78
C TRP A 21 -0.36 8.63 -30.03
N GLY A 22 0.12 9.24 -28.95
CA GLY A 22 0.79 10.52 -29.03
C GLY A 22 -0.11 11.71 -29.28
N ILE A 23 -1.43 11.55 -29.18
CA ILE A 23 -2.38 12.60 -29.48
C ILE A 23 -3.41 12.65 -28.35
N HIS A 24 -3.68 13.85 -27.85
CA HIS A 24 -4.63 14.02 -26.75
C HIS A 24 -6.06 13.78 -27.23
N LEU A 25 -6.49 14.51 -28.26
CA LEU A 25 -7.85 14.39 -28.78
C LEU A 25 -7.80 14.29 -30.30
N MET A 26 -8.81 13.61 -30.85
CA MET A 26 -8.95 13.54 -32.30
C MET A 26 -9.53 14.84 -32.85
N PRO A 27 -9.09 15.29 -34.01
CA PRO A 27 -9.78 16.40 -34.68
C PRO A 27 -11.24 16.07 -34.88
N PRO A 28 -12.09 17.08 -35.16
CA PRO A 28 -13.51 16.79 -35.37
C PRO A 28 -13.76 15.73 -36.44
N ARG A 29 -12.92 15.70 -37.48
CA ARG A 29 -13.05 14.74 -38.56
C ARG A 29 -11.67 14.17 -38.88
N ILE A 30 -11.57 12.84 -38.97
CA ILE A 30 -10.31 12.17 -39.28
C ILE A 30 -10.57 11.08 -40.31
N LEU A 31 -9.48 10.65 -40.94
CA LEU A 31 -9.52 9.57 -41.93
C LEU A 31 -9.16 8.26 -41.25
N VAL A 32 -9.99 7.25 -41.44
CA VAL A 32 -9.78 5.92 -40.88
C VAL A 32 -9.50 4.95 -42.01
N GLU A 33 -8.40 4.20 -41.89
CA GLU A 33 -8.07 3.15 -42.86
C GLU A 33 -8.89 1.92 -42.53
N CYS A 34 -9.84 1.58 -43.39
CA CYS A 34 -10.73 0.46 -43.17
C CYS A 34 -10.30 -0.71 -44.05
N LEU A 35 -10.02 -1.85 -43.43
CA LEU A 35 -9.58 -3.05 -44.13
C LEU A 35 -10.75 -4.02 -44.21
N LEU A 36 -11.16 -4.35 -45.43
CA LEU A 36 -12.35 -5.17 -45.68
C LEU A 36 -11.99 -6.64 -45.64
N PRO A 37 -12.99 -7.53 -45.56
CA PRO A 37 -12.69 -8.97 -45.63
C PRO A 37 -12.26 -9.42 -47.01
N ASN A 38 -12.62 -8.68 -48.05
CA ASN A 38 -11.84 -8.72 -49.28
C ASN A 38 -10.62 -7.80 -49.12
N GLY A 39 -9.68 -7.91 -50.04
CA GLY A 39 -8.41 -7.26 -49.84
C GLY A 39 -8.40 -5.75 -49.89
N MET A 40 -9.53 -5.11 -50.17
CA MET A 40 -9.52 -3.68 -50.42
C MET A 40 -9.33 -2.88 -49.14
N ILE A 41 -8.70 -1.71 -49.28
CA ILE A 41 -8.49 -0.77 -48.19
C ILE A 41 -9.22 0.52 -48.55
N VAL A 42 -10.10 0.97 -47.66
CA VAL A 42 -10.98 2.09 -47.91
C VAL A 42 -10.72 3.15 -46.85
N THR A 43 -10.41 4.37 -47.30
CA THR A 43 -10.31 5.52 -46.41
C THR A 43 -11.70 6.08 -46.17
N LEU A 44 -12.10 6.17 -44.90
CA LEU A 44 -13.41 6.68 -44.53
C LEU A 44 -13.23 7.92 -43.67
N GLU A 45 -13.74 9.06 -44.15
CA GLU A 45 -13.80 10.26 -43.35
C GLU A 45 -15.01 10.15 -42.42
N CYS A 46 -14.78 10.26 -41.11
CA CYS A 46 -15.84 10.09 -40.13
C CYS A 46 -15.59 11.00 -38.95
N LEU A 47 -16.69 11.37 -38.28
CA LEU A 47 -16.60 12.27 -37.14
C LEU A 47 -15.84 11.61 -35.98
N ARG A 48 -15.23 12.45 -35.15
CA ARG A 48 -14.55 11.94 -33.96
C ARG A 48 -15.50 11.11 -33.10
N GLU A 49 -16.72 11.60 -32.90
CA GLU A 49 -17.68 10.99 -31.99
C GLU A 49 -18.51 9.89 -32.65
N ALA A 50 -18.20 9.54 -33.90
CA ALA A 50 -19.02 8.57 -34.61
C ALA A 50 -19.02 7.22 -33.92
N THR A 51 -20.21 6.72 -33.63
CA THR A 51 -20.34 5.36 -33.11
C THR A 51 -19.98 4.35 -34.19
N LEU A 52 -19.42 3.22 -33.76
CA LEU A 52 -18.99 2.20 -34.72
C LEU A 52 -20.15 1.73 -35.59
N ILE A 53 -21.38 1.75 -35.07
CA ILE A 53 -22.54 1.43 -35.90
C ILE A 53 -22.62 2.38 -37.09
N THR A 54 -22.35 3.67 -36.86
CA THR A 54 -22.33 4.63 -37.95
C THR A 54 -21.15 4.38 -38.88
N ILE A 55 -20.00 4.00 -38.33
CA ILE A 55 -18.84 3.69 -39.15
C ILE A 55 -19.16 2.51 -40.07
N LYS A 56 -19.57 1.39 -39.48
CA LYS A 56 -19.79 0.18 -40.27
C LYS A 56 -20.83 0.41 -41.37
N HIS A 57 -21.90 1.14 -41.07
CA HIS A 57 -22.94 1.36 -42.07
C HIS A 57 -22.42 2.21 -43.23
N GLU A 58 -21.75 3.32 -42.91
CA GLU A 58 -21.24 4.20 -43.96
C GLU A 58 -20.04 3.61 -44.68
N LEU A 59 -19.30 2.70 -44.03
CA LEU A 59 -18.20 2.02 -44.71
C LEU A 59 -18.72 1.12 -45.82
N PHE A 60 -19.60 0.18 -45.48
CA PHE A 60 -20.18 -0.70 -46.50
C PHE A 60 -21.01 0.09 -47.52
N LYS A 61 -21.45 1.30 -47.17
CA LYS A 61 -22.09 2.16 -48.15
C LYS A 61 -21.06 2.73 -49.12
N GLU A 62 -19.86 3.03 -48.62
CA GLU A 62 -18.77 3.50 -49.47
C GLU A 62 -18.04 2.35 -50.17
N ALA A 63 -18.10 1.15 -49.61
CA ALA A 63 -17.39 0.01 -50.20
C ALA A 63 -17.85 -0.28 -51.62
N ARG A 64 -19.11 0.03 -51.93
CA ARG A 64 -19.62 -0.23 -53.27
C ARG A 64 -18.86 0.53 -54.34
N LYS A 65 -18.12 1.57 -53.97
CA LYS A 65 -17.31 2.31 -54.92
C LYS A 65 -15.96 1.66 -55.20
N TYR A 66 -15.65 0.54 -54.55
CA TYR A 66 -14.35 -0.11 -54.64
C TYR A 66 -14.49 -1.50 -55.26
N PRO A 67 -13.41 -2.03 -55.82
CA PRO A 67 -13.49 -3.32 -56.51
C PRO A 67 -13.94 -4.46 -55.60
N LEU A 68 -14.40 -5.53 -56.24
CA LEU A 68 -14.71 -6.79 -55.56
C LEU A 68 -15.70 -6.58 -54.42
N HIS A 69 -16.68 -5.70 -54.63
CA HIS A 69 -17.75 -5.57 -53.66
C HIS A 69 -18.58 -6.85 -53.57
N GLN A 70 -18.60 -7.64 -54.64
CA GLN A 70 -19.44 -8.83 -54.68
C GLN A 70 -19.12 -9.80 -53.56
N LEU A 71 -17.89 -9.77 -53.05
CA LEU A 71 -17.46 -10.75 -52.05
C LEU A 71 -17.88 -10.38 -50.63
N LEU A 72 -18.44 -9.20 -50.42
CA LEU A 72 -18.80 -8.77 -49.08
C LEU A 72 -20.18 -9.32 -48.69
N GLN A 73 -20.24 -9.99 -47.55
CA GLN A 73 -21.51 -10.41 -46.98
C GLN A 73 -22.26 -9.18 -46.47
N ASP A 74 -23.42 -9.42 -45.87
CA ASP A 74 -24.21 -8.32 -45.36
C ASP A 74 -23.52 -7.67 -44.16
N GLU A 75 -23.58 -6.34 -44.12
CA GLU A 75 -23.03 -5.52 -43.04
C GLU A 75 -23.19 -6.14 -41.66
N SER A 76 -24.35 -6.76 -41.40
CA SER A 76 -24.63 -7.28 -40.07
C SER A 76 -23.77 -8.48 -39.72
N SER A 77 -23.14 -9.12 -40.69
CA SER A 77 -22.36 -10.33 -40.45
C SER A 77 -20.94 -10.06 -40.01
N TYR A 78 -20.56 -8.80 -39.85
CA TYR A 78 -19.18 -8.43 -39.52
C TYR A 78 -19.15 -7.53 -38.30
N ILE A 79 -17.98 -7.50 -37.65
CA ILE A 79 -17.65 -6.53 -36.63
C ILE A 79 -16.27 -5.96 -36.95
N PHE A 80 -15.84 -4.99 -36.13
CA PHE A 80 -14.52 -4.40 -36.29
C PHE A 80 -13.54 -5.00 -35.29
N VAL A 81 -12.27 -5.03 -35.69
CA VAL A 81 -11.16 -5.32 -34.80
C VAL A 81 -10.04 -4.34 -35.12
N SER A 82 -9.28 -3.98 -34.10
CA SER A 82 -8.18 -3.04 -34.27
C SER A 82 -7.20 -3.24 -33.11
N VAL A 83 -6.19 -2.37 -33.03
CA VAL A 83 -5.13 -2.47 -32.03
C VAL A 83 -5.23 -1.27 -31.11
N THR A 84 -5.25 -1.53 -29.81
CA THR A 84 -5.34 -0.48 -28.81
C THR A 84 -3.94 0.01 -28.43
N GLN A 85 -3.90 1.14 -27.71
CA GLN A 85 -2.64 1.66 -27.19
C GLN A 85 -2.04 0.77 -26.12
N GLU A 86 -2.75 -0.27 -25.69
CA GLU A 86 -2.20 -1.30 -24.82
C GLU A 86 -1.68 -2.49 -25.62
N ALA A 87 -1.61 -2.37 -26.94
CA ALA A 87 -1.09 -3.39 -27.85
C ALA A 87 -1.99 -4.61 -27.96
N GLU A 88 -3.28 -4.45 -27.69
CA GLU A 88 -4.25 -5.54 -27.74
C GLU A 88 -5.01 -5.50 -29.05
N ARG A 89 -5.15 -6.66 -29.69
CA ARG A 89 -6.08 -6.81 -30.81
C ARG A 89 -7.47 -6.95 -30.24
N GLU A 90 -8.21 -5.85 -30.17
CA GLU A 90 -9.50 -5.81 -29.48
C GLU A 90 -10.63 -5.92 -30.50
N GLU A 91 -11.52 -6.88 -30.27
CA GLU A 91 -12.70 -7.08 -31.09
C GLU A 91 -13.82 -6.20 -30.55
N PHE A 92 -14.27 -5.24 -31.37
CA PHE A 92 -15.26 -4.24 -30.93
C PHE A 92 -16.66 -4.81 -31.13
N PHE A 93 -17.06 -5.66 -30.17
CA PHE A 93 -18.43 -6.17 -30.16
C PHE A 93 -19.42 -5.08 -29.80
N ASP A 94 -19.10 -4.25 -28.81
CA ASP A 94 -19.98 -3.16 -28.37
C ASP A 94 -19.90 -2.05 -29.42
N GLU A 95 -20.70 -2.18 -30.47
CA GLU A 95 -20.67 -1.24 -31.58
C GLU A 95 -21.28 0.11 -31.23
N THR A 96 -21.77 0.29 -30.00
CA THR A 96 -22.32 1.58 -29.59
C THR A 96 -21.24 2.61 -29.25
N ARG A 97 -19.99 2.18 -29.08
CA ARG A 97 -18.96 3.05 -28.57
C ARG A 97 -18.47 4.04 -29.62
N ARG A 98 -18.17 5.26 -29.17
CA ARG A 98 -17.62 6.28 -30.05
C ARG A 98 -16.23 5.90 -30.53
N LEU A 99 -15.91 6.29 -31.77
CA LEU A 99 -14.59 6.00 -32.33
C LEU A 99 -13.48 6.47 -31.40
N CYS A 100 -13.64 7.63 -30.76
CA CYS A 100 -12.60 8.22 -29.95
C CYS A 100 -12.46 7.60 -28.57
N ASP A 101 -13.38 6.73 -28.17
CA ASP A 101 -13.29 6.05 -26.88
C ASP A 101 -12.55 4.71 -26.97
N LEU A 102 -12.18 4.28 -28.17
CA LEU A 102 -11.59 2.95 -28.34
C LEU A 102 -10.15 2.87 -27.85
N ARG A 103 -9.49 4.00 -27.66
CA ARG A 103 -8.06 4.02 -27.29
C ARG A 103 -7.23 3.39 -28.40
N LEU A 104 -7.51 3.77 -29.63
CA LEU A 104 -6.81 3.19 -30.78
C LEU A 104 -5.35 3.60 -30.78
N PHE A 105 -4.49 2.68 -31.22
CA PHE A 105 -3.09 2.98 -31.43
C PHE A 105 -2.90 3.81 -32.70
N GLN A 106 -3.50 3.36 -33.80
CA GLN A 106 -3.53 4.09 -35.05
C GLN A 106 -4.95 4.08 -35.59
N PRO A 107 -5.34 5.09 -36.37
CA PRO A 107 -6.73 5.15 -36.87
C PRO A 107 -7.00 4.21 -38.05
N PHE A 108 -7.24 2.94 -37.72
CA PHE A 108 -7.57 1.95 -38.72
C PHE A 108 -8.52 0.94 -38.10
N LEU A 109 -9.28 0.26 -38.98
CA LEU A 109 -10.25 -0.74 -38.56
C LEU A 109 -10.24 -1.92 -39.51
N LYS A 110 -10.18 -3.13 -38.97
CA LYS A 110 -10.16 -4.37 -39.74
C LYS A 110 -11.51 -5.06 -39.57
N VAL A 111 -12.19 -5.30 -40.69
CA VAL A 111 -13.49 -5.95 -40.68
C VAL A 111 -13.30 -7.46 -40.59
N ILE A 112 -14.05 -8.10 -39.69
CA ILE A 112 -13.98 -9.54 -39.49
C ILE A 112 -15.37 -10.09 -39.19
N GLU A 113 -15.52 -11.40 -39.37
CA GLU A 113 -16.68 -12.10 -38.84
C GLU A 113 -16.50 -12.31 -37.35
N PRO A 114 -17.49 -12.00 -36.52
CA PRO A 114 -17.32 -12.21 -35.08
C PRO A 114 -17.21 -13.69 -34.75
N VAL A 115 -16.53 -13.97 -33.64
CA VAL A 115 -16.35 -15.34 -33.17
C VAL A 115 -16.40 -15.35 -31.65
N GLY A 116 -16.83 -16.48 -31.10
CA GLY A 116 -16.90 -16.64 -29.67
C GLY A 116 -18.08 -15.92 -29.05
N ASN A 117 -18.09 -15.91 -27.72
CA ASN A 117 -19.22 -15.36 -26.96
C ASN A 117 -19.15 -13.84 -26.97
N ARG A 118 -20.17 -13.20 -27.54
CA ARG A 118 -20.22 -11.75 -27.58
C ARG A 118 -20.21 -11.16 -26.17
N GLU A 119 -21.14 -11.61 -25.33
CA GLU A 119 -21.28 -11.01 -24.00
C GLU A 119 -20.00 -11.11 -23.19
N GLU A 120 -19.27 -12.22 -23.33
CA GLU A 120 -18.03 -12.39 -22.59
C GLU A 120 -16.98 -11.38 -23.06
N LYS A 121 -16.84 -11.21 -24.38
CA LYS A 121 -15.85 -10.28 -24.90
C LYS A 121 -16.19 -8.85 -24.53
N ILE A 122 -17.47 -8.48 -24.58
CA ILE A 122 -17.90 -7.16 -24.14
C ILE A 122 -17.54 -6.94 -22.67
N LEU A 123 -17.74 -7.96 -21.85
CA LEU A 123 -17.52 -7.83 -20.41
C LEU A 123 -16.04 -7.76 -20.09
N ASN A 124 -15.21 -8.51 -20.83
CA ASN A 124 -13.77 -8.49 -20.57
C ASN A 124 -13.18 -7.12 -20.89
N ARG A 125 -13.68 -6.45 -21.93
CA ARG A 125 -13.21 -5.10 -22.23
C ARG A 125 -13.49 -4.16 -21.06
N GLU A 126 -14.69 -4.22 -20.50
CA GLU A 126 -15.04 -3.35 -19.38
C GLU A 126 -14.16 -3.66 -18.17
N ILE A 127 -13.86 -4.93 -17.92
CA ILE A 127 -12.93 -5.29 -16.86
C ILE A 127 -11.55 -4.73 -17.14
N GLY A 128 -11.08 -4.88 -18.38
CA GLY A 128 -9.76 -4.38 -18.72
C GLY A 128 -9.61 -2.89 -18.47
N PHE A 129 -10.62 -2.11 -18.88
CA PHE A 129 -10.59 -0.67 -18.62
C PHE A 129 -10.57 -0.39 -17.13
N ALA A 130 -11.30 -1.18 -16.35
CA ALA A 130 -11.35 -0.95 -14.91
C ALA A 130 -10.00 -1.19 -14.25
N ILE A 131 -9.37 -2.32 -14.56
CA ILE A 131 -8.11 -2.67 -13.90
C ILE A 131 -6.90 -2.05 -14.57
N GLY A 132 -7.06 -1.45 -15.73
CA GLY A 132 -5.95 -0.78 -16.40
C GLY A 132 -5.06 -1.68 -17.22
N MET A 133 -5.50 -2.88 -17.56
CA MET A 133 -4.72 -3.77 -18.42
C MET A 133 -5.67 -4.77 -19.06
N PRO A 134 -5.34 -5.30 -20.24
CA PRO A 134 -6.26 -6.24 -20.90
C PRO A 134 -6.28 -7.59 -20.21
N VAL A 135 -7.47 -8.18 -20.14
CA VAL A 135 -7.62 -9.49 -19.51
C VAL A 135 -6.94 -10.57 -20.34
N CYS A 136 -6.91 -10.40 -21.66
CA CYS A 136 -6.32 -11.44 -22.52
C CYS A 136 -4.85 -11.69 -22.16
N GLU A 137 -4.17 -10.69 -21.61
CA GLU A 137 -2.77 -10.89 -21.23
C GLU A 137 -2.62 -12.02 -20.21
N PHE A 138 -3.64 -12.25 -19.38
CA PHE A 138 -3.59 -13.37 -18.46
C PHE A 138 -3.73 -14.70 -19.18
N ASP A 139 -4.50 -14.73 -20.28
CA ASP A 139 -4.68 -15.97 -21.03
C ASP A 139 -3.36 -16.51 -21.55
N MET A 140 -2.40 -15.63 -21.81
CA MET A 140 -1.13 -16.03 -22.43
C MET A 140 -0.11 -16.54 -21.41
N VAL A 141 -0.39 -16.44 -20.12
CA VAL A 141 0.62 -16.75 -19.11
C VAL A 141 0.87 -18.24 -19.07
N LYS A 142 2.15 -18.63 -19.23
CA LYS A 142 2.50 -20.04 -19.15
C LYS A 142 2.31 -20.59 -17.75
N ASP A 143 2.66 -19.79 -16.73
CA ASP A 143 2.71 -20.24 -15.35
C ASP A 143 1.41 -20.94 -14.97
N PRO A 144 1.45 -22.21 -14.55
CA PRO A 144 0.20 -22.89 -14.16
C PRO A 144 -0.41 -22.34 -12.88
N GLU A 145 0.40 -21.79 -11.97
CA GLU A 145 -0.16 -21.19 -10.77
C GLU A 145 -1.16 -20.09 -11.12
N VAL A 146 -0.85 -19.32 -12.17
CA VAL A 146 -1.73 -18.24 -12.58
C VAL A 146 -3.05 -18.79 -13.10
N GLN A 147 -2.97 -19.80 -13.99
CA GLN A 147 -4.20 -20.33 -14.58
C GLN A 147 -5.04 -21.05 -13.55
N ASP A 148 -4.41 -21.76 -12.61
CA ASP A 148 -5.16 -22.41 -11.54
C ASP A 148 -5.85 -21.39 -10.66
N PHE A 149 -5.18 -20.27 -10.37
CA PHE A 149 -5.81 -19.23 -9.56
C PHE A 149 -7.05 -18.67 -10.23
N ARG A 150 -6.94 -18.32 -11.51
CA ARG A 150 -8.09 -17.76 -12.22
C ARG A 150 -9.30 -18.67 -12.11
N ARG A 151 -9.10 -19.98 -12.18
CA ARG A 151 -10.21 -20.91 -12.12
C ARG A 151 -10.65 -21.17 -10.68
N ASN A 152 -9.69 -21.27 -9.75
CA ASN A 152 -9.97 -21.83 -8.44
C ASN A 152 -10.55 -20.84 -7.44
N ILE A 153 -10.59 -19.54 -7.76
CA ILE A 153 -11.29 -18.60 -6.90
C ILE A 153 -12.66 -18.22 -7.43
N LEU A 154 -13.03 -18.69 -8.63
CA LEU A 154 -14.38 -18.45 -9.14
C LEU A 154 -15.44 -19.04 -8.22
N ASN A 155 -15.10 -20.05 -7.42
CA ASN A 155 -16.05 -20.57 -6.45
C ASN A 155 -16.24 -19.60 -5.28
N VAL A 156 -15.20 -18.84 -4.94
CA VAL A 156 -15.37 -17.75 -3.97
C VAL A 156 -16.30 -16.69 -4.53
N CYS A 157 -16.19 -16.42 -5.84
CA CYS A 157 -17.12 -15.50 -6.48
C CYS A 157 -18.54 -16.05 -6.47
N LYS A 158 -18.70 -17.33 -6.81
CA LYS A 158 -20.03 -17.92 -6.83
C LYS A 158 -20.67 -17.88 -5.44
N GLU A 159 -19.91 -18.28 -4.42
CA GLU A 159 -20.42 -18.21 -3.05
C GLU A 159 -20.95 -16.82 -2.72
N ALA A 160 -20.17 -15.78 -3.02
CA ALA A 160 -20.56 -14.43 -2.66
C ALA A 160 -21.78 -13.98 -3.46
N VAL A 161 -21.80 -14.25 -4.76
CA VAL A 161 -22.93 -13.84 -5.60
C VAL A 161 -24.19 -14.59 -5.17
N ASP A 162 -24.10 -15.90 -5.00
CA ASP A 162 -25.25 -16.67 -4.51
C ASP A 162 -25.74 -16.12 -3.17
N LEU A 163 -24.81 -15.81 -2.27
CA LEU A 163 -25.19 -15.38 -0.93
C LEU A 163 -25.98 -14.09 -0.95
N ARG A 164 -25.54 -13.11 -1.75
CA ARG A 164 -26.16 -11.80 -1.75
C ARG A 164 -27.41 -11.73 -2.63
N ASP A 165 -27.65 -12.73 -3.47
CA ASP A 165 -28.91 -12.85 -4.19
C ASP A 165 -29.88 -13.81 -3.50
N LEU A 166 -29.57 -14.22 -2.26
CA LEU A 166 -30.36 -15.22 -1.57
C LEU A 166 -31.74 -14.69 -1.20
N ASN A 167 -31.78 -13.61 -0.42
CA ASN A 167 -33.05 -13.04 0.04
C ASN A 167 -33.35 -11.74 -0.69
N SER A 168 -33.40 -11.80 -2.01
CA SER A 168 -33.57 -10.59 -2.80
C SER A 168 -34.95 -9.97 -2.56
N PRO A 169 -35.07 -8.64 -2.71
CA PRO A 169 -34.00 -7.67 -3.00
C PRO A 169 -33.25 -7.20 -1.76
N HIS A 170 -33.69 -7.57 -0.55
CA HIS A 170 -33.05 -7.04 0.65
C HIS A 170 -31.58 -7.39 0.70
N SER A 171 -31.24 -8.66 0.46
CA SER A 171 -29.84 -9.07 0.48
C SER A 171 -29.01 -8.27 -0.53
N ARG A 172 -29.62 -7.89 -1.66
CA ARG A 172 -28.90 -7.09 -2.64
C ARG A 172 -28.71 -5.66 -2.14
N ALA A 173 -29.72 -5.09 -1.48
CA ALA A 173 -29.57 -3.77 -0.89
C ALA A 173 -28.52 -3.78 0.21
N MET A 174 -28.47 -4.86 1.00
CA MET A 174 -27.47 -4.98 2.05
C MET A 174 -26.06 -5.08 1.48
N TYR A 175 -25.91 -5.54 0.24
CA TYR A 175 -24.60 -5.59 -0.40
C TYR A 175 -24.19 -4.21 -0.91
N VAL A 176 -25.12 -3.50 -1.56
CA VAL A 176 -24.79 -2.22 -2.15
C VAL A 176 -24.74 -1.12 -1.10
N TYR A 177 -25.70 -1.13 -0.16
CA TYR A 177 -25.84 -0.10 0.86
C TYR A 177 -25.74 -0.76 2.23
N PRO A 178 -24.56 -1.22 2.62
CA PRO A 178 -24.43 -1.95 3.88
C PRO A 178 -24.53 -1.00 5.08
N PRO A 179 -24.93 -1.51 6.24
CA PRO A 179 -25.00 -0.64 7.43
C PRO A 179 -23.63 -0.11 7.81
N ASN A 180 -23.52 1.22 7.90
CA ASN A 180 -22.29 1.87 8.35
C ASN A 180 -22.40 2.04 9.86
N VAL A 181 -21.96 1.03 10.60
CA VAL A 181 -22.21 0.94 12.03
C VAL A 181 -20.90 0.81 12.79
N GLU A 182 -20.92 1.26 14.04
CA GLU A 182 -19.82 1.02 14.96
C GLU A 182 -19.76 -0.46 15.33
N SER A 183 -18.60 -0.88 15.83
CA SER A 183 -18.38 -2.28 16.15
C SER A 183 -19.05 -2.71 17.46
N SER A 184 -19.61 -1.77 18.23
CA SER A 184 -20.28 -2.11 19.48
C SER A 184 -21.45 -1.17 19.71
N PRO A 185 -22.61 -1.69 20.12
CA PRO A 185 -23.72 -0.79 20.48
C PRO A 185 -23.44 0.02 21.74
N GLU A 186 -22.53 -0.44 22.59
CA GLU A 186 -22.27 0.23 23.86
C GLU A 186 -21.71 1.62 23.64
N LEU A 187 -22.41 2.62 24.19
CA LEU A 187 -21.89 3.98 24.18
C LEU A 187 -20.94 4.20 25.35
N PRO A 188 -19.82 4.88 25.13
CA PRO A 188 -19.05 5.39 26.28
C PRO A 188 -19.78 6.58 26.88
N LYS A 189 -19.88 6.59 28.21
CA LYS A 189 -20.89 7.44 28.84
C LYS A 189 -20.67 8.93 28.59
N HIS A 190 -19.51 9.35 28.09
CA HIS A 190 -19.37 10.75 27.69
C HIS A 190 -20.16 11.05 26.42
N ILE A 191 -20.49 10.02 25.63
CA ILE A 191 -21.43 10.18 24.53
C ILE A 191 -22.87 10.11 25.04
N TYR A 192 -23.14 9.13 25.90
CA TYR A 192 -24.47 8.98 26.48
C TYR A 192 -24.91 10.23 27.23
N ASN A 193 -23.96 11.01 27.74
CA ASN A 193 -24.32 12.18 28.54
C ASN A 193 -24.89 13.32 27.70
N LYS A 194 -24.63 13.34 26.39
CA LYS A 194 -25.25 14.32 25.52
C LYS A 194 -26.65 13.92 25.09
N LEU A 195 -27.20 12.85 25.64
CA LEU A 195 -28.58 12.45 25.42
C LEU A 195 -29.47 13.04 26.50
N ASP A 196 -30.73 13.27 26.14
CA ASP A 196 -31.72 13.76 27.10
C ASP A 196 -32.25 12.57 27.88
N LYS A 197 -31.77 12.40 29.11
CA LYS A 197 -32.06 11.22 29.93
C LYS A 197 -32.19 9.97 29.07
N GLY A 198 -31.16 9.68 28.28
CA GLY A 198 -31.09 8.47 27.48
C GLY A 198 -31.76 8.55 26.13
N GLN A 199 -32.27 9.71 25.73
CA GLN A 199 -33.04 9.84 24.49
C GLN A 199 -32.36 10.83 23.55
N ILE A 200 -32.70 10.69 22.27
CA ILE A 200 -32.15 11.51 21.19
C ILE A 200 -33.31 12.13 20.43
N ILE A 201 -33.12 13.36 19.97
CA ILE A 201 -34.11 14.04 19.15
C ILE A 201 -33.69 13.93 17.69
N VAL A 202 -34.60 13.45 16.84
CA VAL A 202 -34.33 13.19 15.44
C VAL A 202 -35.49 13.75 14.62
N VAL A 203 -35.17 14.24 13.42
CA VAL A 203 -36.15 14.83 12.51
C VAL A 203 -36.25 13.94 11.28
N ILE A 204 -37.48 13.54 10.94
CA ILE A 204 -37.76 12.71 9.77
C ILE A 204 -38.38 13.58 8.69
N TRP A 205 -37.92 13.40 7.46
CA TRP A 205 -38.34 14.24 6.35
C TRP A 205 -39.09 13.42 5.30
N VAL A 206 -39.95 14.11 4.55
CA VAL A 206 -40.73 13.49 3.48
C VAL A 206 -40.87 14.50 2.34
N ILE A 207 -40.89 13.98 1.11
CA ILE A 207 -41.18 14.77 -0.08
C ILE A 207 -42.57 14.36 -0.57
N VAL A 208 -43.40 15.36 -0.89
CA VAL A 208 -44.70 15.13 -1.51
C VAL A 208 -44.61 15.58 -2.96
N SER A 209 -45.17 14.76 -3.87
CA SER A 209 -44.77 14.83 -5.26
C SER A 209 -45.18 16.12 -5.98
N PRO A 210 -46.43 16.62 -5.81
CA PRO A 210 -46.96 17.60 -6.78
C PRO A 210 -45.97 18.65 -7.26
N ASN A 211 -45.12 19.16 -6.37
CA ASN A 211 -43.93 19.89 -6.79
C ASN A 211 -42.77 19.61 -5.84
N ASN A 212 -42.67 18.36 -5.38
CA ASN A 212 -41.49 17.89 -4.66
C ASN A 212 -41.27 18.68 -3.38
N ASP A 213 -42.34 18.92 -2.63
CA ASP A 213 -42.29 19.78 -1.45
C ASP A 213 -41.85 18.99 -0.23
N LYS A 214 -41.00 19.61 0.58
CA LYS A 214 -40.49 19.00 1.80
C LYS A 214 -41.48 19.14 2.96
N GLN A 215 -41.38 18.22 3.91
CA GLN A 215 -42.07 18.33 5.18
C GLN A 215 -41.33 17.48 6.21
N LYS A 216 -41.27 17.96 7.45
CA LYS A 216 -40.47 17.31 8.48
C LYS A 216 -41.33 16.93 9.68
N TYR A 217 -40.83 15.96 10.44
CA TYR A 217 -41.48 15.49 11.65
C TYR A 217 -40.40 15.26 12.69
N THR A 218 -40.43 16.04 13.77
CA THR A 218 -39.42 15.95 14.83
C THR A 218 -39.84 14.91 15.87
N LEU A 219 -38.90 14.05 16.25
CA LEU A 219 -39.17 12.96 17.18
C LEU A 219 -38.15 12.96 18.31
N LYS A 220 -38.57 12.43 19.46
CA LYS A 220 -37.68 12.13 20.57
C LYS A 220 -37.84 10.65 20.90
N ILE A 221 -36.73 9.91 20.94
CA ILE A 221 -36.75 8.46 21.03
C ILE A 221 -35.56 7.98 21.85
N ASN A 222 -35.68 6.78 22.39
CA ASN A 222 -34.53 6.15 23.02
C ASN A 222 -33.42 5.98 22.00
N HIS A 223 -32.18 6.22 22.44
CA HIS A 223 -31.06 6.16 21.52
C HIS A 223 -30.88 4.77 20.91
N ASP A 224 -31.40 3.73 21.56
CA ASP A 224 -31.21 2.36 21.12
C ASP A 224 -32.41 1.81 20.35
N CYS A 225 -33.30 2.68 19.87
CA CYS A 225 -34.37 2.23 18.98
C CYS A 225 -33.77 1.69 17.70
N VAL A 226 -34.46 0.73 17.09
CA VAL A 226 -34.09 0.23 15.77
C VAL A 226 -34.83 1.08 14.74
N PRO A 227 -34.39 1.11 13.49
CA PRO A 227 -35.05 1.99 12.51
C PRO A 227 -36.54 1.73 12.38
N GLU A 228 -36.97 0.46 12.42
CA GLU A 228 -38.40 0.17 12.36
C GLU A 228 -39.14 0.82 13.53
N GLN A 229 -38.53 0.82 14.71
CA GLN A 229 -39.15 1.49 15.85
C GLN A 229 -39.19 3.00 15.65
N VAL A 230 -38.19 3.57 14.98
CA VAL A 230 -38.26 4.98 14.63
C VAL A 230 -39.44 5.23 13.71
N ILE A 231 -39.59 4.40 12.67
CA ILE A 231 -40.74 4.51 11.78
C ILE A 231 -42.04 4.33 12.54
N ALA A 232 -41.99 3.56 13.64
CA ALA A 232 -43.19 3.39 14.46
C ALA A 232 -43.52 4.66 15.23
N GLU A 233 -42.51 5.28 15.84
CA GLU A 233 -42.76 6.51 16.59
C GLU A 233 -43.18 7.65 15.67
N ALA A 234 -42.75 7.62 14.40
CA ALA A 234 -43.13 8.68 13.47
C ALA A 234 -44.59 8.55 13.05
N ILE A 235 -45.00 7.35 12.63
CA ILE A 235 -46.39 7.15 12.26
C ILE A 235 -47.29 7.25 13.49
N ARG A 236 -46.76 6.88 14.66
CA ARG A 236 -47.52 7.04 15.90
C ARG A 236 -47.74 8.51 16.22
N LYS A 237 -46.76 9.37 15.92
CA LYS A 237 -46.88 10.78 16.21
C LYS A 237 -47.82 11.48 15.24
N LYS A 238 -47.92 10.98 14.00
CA LYS A 238 -48.79 11.62 13.02
C LYS A 238 -50.24 11.17 13.14
N THR A 239 -50.47 9.92 13.56
CA THR A 239 -51.81 9.42 13.81
C THR A 239 -52.34 9.83 15.19
N ARG A 240 -51.70 10.82 15.82
CA ARG A 240 -52.08 11.22 17.17
C ARG A 240 -53.57 11.50 17.28
N SER A 241 -54.13 12.21 16.31
CA SER A 241 -55.50 12.71 16.37
C SER A 241 -56.45 11.94 15.46
N MET A 242 -56.06 10.76 15.00
CA MET A 242 -56.89 9.99 14.08
C MET A 242 -57.85 9.03 14.81
N LEU A 243 -57.78 8.95 16.13
CA LEU A 243 -58.69 8.12 16.92
C LEU A 243 -58.65 6.67 16.43
N LEU A 244 -57.47 6.07 16.50
CA LEU A 244 -57.25 4.70 16.07
C LEU A 244 -57.20 3.76 17.27
N SER A 245 -57.76 2.57 17.10
CA SER A 245 -57.67 1.54 18.13
C SER A 245 -56.25 0.98 18.18
N SER A 246 -55.93 0.33 19.30
CA SER A 246 -54.60 -0.23 19.49
C SER A 246 -54.21 -1.15 18.34
N GLU A 247 -55.19 -1.81 17.73
CA GLU A 247 -54.90 -2.75 16.65
C GLU A 247 -54.94 -2.10 15.28
N GLN A 248 -55.76 -1.05 15.09
CA GLN A 248 -55.69 -0.26 13.87
C GLN A 248 -54.37 0.50 13.79
N LEU A 249 -53.85 0.94 14.93
CA LEU A 249 -52.53 1.56 14.95
C LEU A 249 -51.46 0.56 14.53
N LYS A 250 -51.52 -0.66 15.08
CA LYS A 250 -50.58 -1.71 14.68
C LYS A 250 -50.59 -1.93 13.17
N LEU A 251 -51.79 -1.88 12.56
CA LEU A 251 -51.90 -2.25 11.15
C LEU A 251 -51.16 -1.26 10.25
N CYS A 252 -51.22 0.04 10.57
CA CYS A 252 -50.49 1.02 9.76
C CYS A 252 -49.03 1.13 10.19
N VAL A 253 -48.72 0.84 11.45
CA VAL A 253 -47.32 0.66 11.85
C VAL A 253 -46.72 -0.50 11.06
N LEU A 254 -47.42 -1.63 11.03
CA LEU A 254 -46.99 -2.76 10.21
C LEU A 254 -46.87 -2.35 8.74
N GLU A 255 -47.81 -1.53 8.26
CA GLU A 255 -47.77 -1.09 6.86
C GLU A 255 -46.50 -0.31 6.57
N TYR A 256 -46.16 0.63 7.46
CA TYR A 256 -45.01 1.49 7.20
C TYR A 256 -43.69 0.81 7.53
N GLN A 257 -43.65 0.03 8.62
CA GLN A 257 -42.42 -0.70 8.96
C GLN A 257 -41.95 -1.54 7.78
N GLY A 258 -42.88 -2.16 7.06
CA GLY A 258 -42.53 -3.03 5.95
C GLY A 258 -42.47 -2.37 4.59
N LYS A 259 -42.93 -1.12 4.49
CA LYS A 259 -43.04 -0.44 3.21
C LYS A 259 -42.03 0.67 3.02
N TYR A 260 -41.40 1.16 4.09
CA TYR A 260 -40.47 2.28 4.01
C TYR A 260 -39.18 1.93 4.76
N ILE A 261 -38.12 2.68 4.42
CA ILE A 261 -36.86 2.65 5.15
C ILE A 261 -36.36 4.09 5.29
N LEU A 262 -35.34 4.27 6.13
CA LEU A 262 -34.80 5.58 6.43
C LEU A 262 -33.49 5.80 5.71
N LYS A 263 -33.30 7.03 5.24
CA LYS A 263 -32.11 7.42 4.49
C LYS A 263 -31.53 8.68 5.11
N VAL A 264 -30.19 8.78 5.13
CA VAL A 264 -29.55 9.99 5.60
C VAL A 264 -29.73 11.09 4.56
N CYS A 265 -30.23 12.24 5.00
CA CYS A 265 -30.42 13.36 4.08
C CYS A 265 -29.06 13.84 3.58
N GLY A 266 -28.90 13.87 2.26
CA GLY A 266 -27.72 14.44 1.63
C GLY A 266 -26.74 13.44 1.06
N CYS A 267 -26.85 12.16 1.41
CA CYS A 267 -25.92 11.15 0.90
C CYS A 267 -26.61 9.80 0.88
N ASP A 268 -25.95 8.84 0.24
CA ASP A 268 -26.54 7.51 0.01
C ASP A 268 -26.15 6.55 1.13
N GLU A 269 -26.64 6.85 2.33
CA GLU A 269 -26.56 5.96 3.47
C GLU A 269 -27.97 5.60 3.91
N TYR A 270 -28.20 4.32 4.20
CA TYR A 270 -29.53 3.80 4.49
C TYR A 270 -29.49 2.96 5.76
N PHE A 271 -30.61 2.94 6.48
CA PHE A 271 -30.76 2.18 7.71
C PHE A 271 -31.59 0.94 7.40
N LEU A 272 -30.95 -0.24 7.41
CA LEU A 272 -31.59 -1.43 6.86
C LEU A 272 -31.53 -2.69 7.72
N GLU A 273 -30.76 -2.74 8.80
CA GLU A 273 -30.51 -4.00 9.50
C GLU A 273 -30.58 -3.85 11.01
N LYS A 274 -31.62 -3.18 11.48
CA LYS A 274 -32.06 -3.19 12.88
C LYS A 274 -30.94 -3.18 13.93
N TYR A 275 -29.80 -2.57 13.61
CA TYR A 275 -28.88 -2.22 14.68
C TYR A 275 -29.50 -1.12 15.52
N PRO A 276 -29.17 -1.04 16.82
CA PRO A 276 -29.63 0.10 17.62
C PRO A 276 -29.23 1.40 16.94
N LEU A 277 -30.17 2.33 16.88
CA LEU A 277 -30.00 3.52 16.05
C LEU A 277 -28.70 4.26 16.38
N SER A 278 -28.34 4.32 17.67
CA SER A 278 -27.12 5.01 18.06
C SER A 278 -25.86 4.29 17.62
N GLN A 279 -25.97 3.05 17.13
CA GLN A 279 -24.80 2.34 16.64
C GLN A 279 -24.45 2.71 15.20
N TYR A 280 -25.37 3.32 14.47
CA TYR A 280 -25.05 3.85 13.15
C TYR A 280 -24.11 5.04 13.28
N LYS A 281 -23.03 5.04 12.49
CA LYS A 281 -21.98 6.03 12.68
C LYS A 281 -22.49 7.44 12.49
N TYR A 282 -23.39 7.65 11.53
CA TYR A 282 -23.93 8.99 11.32
C TYR A 282 -24.53 9.53 12.61
N ILE A 283 -25.29 8.70 13.33
CA ILE A 283 -25.97 9.16 14.53
C ILE A 283 -25.05 9.14 15.73
N ARG A 284 -24.14 8.17 15.81
CA ARG A 284 -23.14 8.18 16.89
C ARG A 284 -22.36 9.49 16.89
N SER A 285 -22.18 10.11 15.73
CA SER A 285 -21.48 11.39 15.66
C SER A 285 -22.41 12.57 15.87
N CYS A 286 -23.65 12.49 15.36
CA CYS A 286 -24.63 13.53 15.65
C CYS A 286 -24.79 13.73 17.15
N ILE A 287 -24.68 12.65 17.92
CA ILE A 287 -24.67 12.77 19.38
C ILE A 287 -23.39 13.44 19.84
N MET A 288 -22.24 12.92 19.39
CA MET A 288 -20.95 13.47 19.80
C MET A 288 -20.87 14.96 19.46
N LEU A 289 -21.12 15.32 18.20
CA LEU A 289 -21.13 16.71 17.80
C LEU A 289 -22.35 17.47 18.29
N GLY A 290 -23.31 16.78 18.90
CA GLY A 290 -24.52 17.45 19.34
C GLY A 290 -25.35 18.01 18.21
N ARG A 291 -25.16 17.53 16.99
CA ARG A 291 -25.91 18.02 15.84
C ARG A 291 -27.21 17.22 15.67
N MET A 292 -28.06 17.72 14.79
CA MET A 292 -29.41 17.16 14.61
C MET A 292 -29.37 16.06 13.56
N PRO A 293 -29.77 14.83 13.88
CA PRO A 293 -29.82 13.79 12.84
C PRO A 293 -31.03 14.00 11.94
N ASN A 294 -30.78 14.26 10.66
CA ASN A 294 -31.84 14.46 9.68
C ASN A 294 -31.97 13.22 8.82
N LEU A 295 -33.13 12.57 8.90
CA LEU A 295 -33.41 11.35 8.17
C LEU A 295 -34.56 11.58 7.21
N MET A 296 -34.53 10.88 6.08
CA MET A 296 -35.56 10.94 5.07
C MET A 296 -36.26 9.60 4.98
N LEU A 297 -37.59 9.61 5.17
CA LEU A 297 -38.38 8.40 4.99
C LEU A 297 -38.55 8.15 3.49
N MET A 298 -38.20 6.94 3.05
CA MET A 298 -38.14 6.63 1.63
C MET A 298 -38.80 5.28 1.38
N ALA A 299 -39.45 5.17 0.22
CA ALA A 299 -40.13 3.94 -0.14
C ALA A 299 -39.13 2.86 -0.54
N LYS A 300 -39.37 1.63 -0.08
CA LYS A 300 -38.46 0.53 -0.39
C LYS A 300 -38.46 0.21 -1.87
N GLU A 301 -39.64 0.28 -2.52
CA GLU A 301 -39.70 0.00 -3.95
C GLU A 301 -38.91 1.03 -4.75
N SER A 302 -38.75 2.25 -4.22
CA SER A 302 -37.90 3.23 -4.90
C SER A 302 -36.43 2.89 -4.72
N LEU A 303 -36.03 2.42 -3.54
CA LEU A 303 -34.65 2.01 -3.33
C LEU A 303 -34.30 0.80 -4.16
N TYR A 304 -35.16 -0.23 -4.14
CA TYR A 304 -34.92 -1.41 -4.94
C TYR A 304 -34.95 -1.10 -6.44
N SER A 305 -35.69 -0.06 -6.83
CA SER A 305 -35.76 0.31 -8.24
C SER A 305 -34.39 0.68 -8.78
N GLN A 306 -33.57 1.35 -7.98
CA GLN A 306 -32.22 1.73 -8.39
C GLN A 306 -31.20 0.64 -8.09
N LEU A 307 -31.64 -0.62 -7.99
CA LEU A 307 -30.75 -1.77 -7.85
C LEU A 307 -30.97 -2.68 -9.06
N PRO A 308 -30.44 -2.31 -10.22
CA PRO A 308 -30.61 -3.18 -11.40
C PRO A 308 -29.99 -4.55 -11.16
N MET A 309 -30.64 -5.57 -11.69
CA MET A 309 -30.17 -6.94 -11.49
C MET A 309 -28.82 -7.14 -12.15
N ASP A 310 -27.98 -7.96 -11.52
CA ASP A 310 -26.63 -8.20 -11.98
C ASP A 310 -26.30 -9.68 -11.79
N CYS A 311 -26.04 -10.37 -12.90
CA CYS A 311 -25.77 -11.80 -12.87
C CYS A 311 -24.27 -12.04 -12.69
N PHE A 312 -23.87 -13.31 -12.78
CA PHE A 312 -22.46 -13.69 -12.69
C PHE A 312 -22.27 -14.91 -13.60
N THR A 313 -21.80 -14.65 -14.82
CA THR A 313 -21.51 -15.73 -15.76
C THR A 313 -20.12 -16.29 -15.51
N MET A 314 -20.01 -17.62 -15.50
CA MET A 314 -18.70 -18.26 -15.43
C MET A 314 -17.94 -17.97 -16.71
N PRO A 315 -16.67 -17.57 -16.64
CA PRO A 315 -15.93 -17.26 -17.86
C PRO A 315 -15.46 -18.53 -18.56
N SER A 316 -14.92 -18.33 -19.77
CA SER A 316 -14.50 -19.46 -20.61
C SER A 316 -13.44 -20.30 -19.91
N TYR A 317 -12.40 -19.65 -19.39
CA TYR A 317 -11.29 -20.37 -18.79
C TYR A 317 -11.69 -21.14 -17.53
N SER A 318 -12.93 -21.01 -17.08
CA SER A 318 -13.32 -21.56 -15.79
C SER A 318 -13.47 -23.08 -15.80
N ARG A 319 -13.58 -23.70 -16.96
CA ARG A 319 -14.11 -25.06 -17.02
C ARG A 319 -13.14 -26.11 -17.51
N ARG A 320 -12.29 -25.81 -18.50
CA ARG A 320 -11.63 -26.86 -19.24
C ARG A 320 -10.12 -26.69 -19.30
N ILE A 321 -9.44 -27.83 -19.47
CA ILE A 321 -8.02 -27.90 -19.82
C ILE A 321 -7.89 -28.95 -20.91
N SER A 322 -6.96 -28.73 -21.83
CA SER A 322 -6.79 -29.64 -22.96
C SER A 322 -6.43 -31.05 -22.49
N SER A 333 4.90 -42.58 -7.26
CA SER A 333 5.11 -41.54 -8.26
C SER A 333 5.93 -40.39 -7.68
N THR A 334 5.58 -39.98 -6.47
CA THR A 334 6.26 -38.90 -5.77
C THR A 334 6.71 -39.40 -4.40
N LYS A 335 7.81 -38.83 -3.91
CA LYS A 335 8.35 -39.21 -2.62
C LYS A 335 8.41 -38.01 -1.69
N SER A 336 8.44 -38.28 -0.39
CA SER A 336 8.33 -37.25 0.62
C SER A 336 9.68 -36.56 0.85
N LEU A 337 9.59 -35.27 1.19
CA LEU A 337 10.79 -34.52 1.58
C LEU A 337 11.55 -35.21 2.70
N TRP A 338 10.84 -35.90 3.59
CA TRP A 338 11.43 -36.48 4.79
C TRP A 338 12.09 -37.84 4.55
N VAL A 339 12.27 -38.24 3.29
CA VAL A 339 13.07 -39.42 2.96
C VAL A 339 14.37 -39.05 2.25
N ILE A 340 14.60 -37.77 2.00
CA ILE A 340 15.78 -37.31 1.26
C ILE A 340 16.91 -37.16 2.27
N ASN A 341 17.79 -38.16 2.31
CA ASN A 341 18.90 -38.18 3.28
C ASN A 341 20.12 -37.49 2.66
N SER A 342 20.03 -36.17 2.56
CA SER A 342 21.14 -35.38 2.03
C SER A 342 20.96 -33.93 2.45
N ALA A 343 22.08 -33.21 2.48
CA ALA A 343 22.06 -31.78 2.77
C ALA A 343 21.71 -30.98 1.52
N LEU A 344 21.25 -29.76 1.74
CA LEU A 344 20.80 -28.91 0.65
C LEU A 344 22.00 -28.30 -0.09
N ARG A 345 21.95 -28.35 -1.41
CA ARG A 345 22.93 -27.67 -2.24
C ARG A 345 22.22 -27.10 -3.47
N ILE A 346 22.76 -26.01 -4.00
CA ILE A 346 22.20 -25.32 -5.14
C ILE A 346 23.32 -24.88 -6.06
N LYS A 347 23.11 -25.02 -7.37
CA LYS A 347 24.12 -24.66 -8.35
C LYS A 347 23.81 -23.29 -8.94
N ILE A 348 24.79 -22.40 -8.88
CA ILE A 348 24.71 -21.09 -9.53
C ILE A 348 25.50 -21.19 -10.83
N LEU A 349 24.85 -20.90 -11.95
CA LEU A 349 25.50 -21.06 -13.25
C LEU A 349 26.16 -19.78 -13.71
N CYS A 350 25.36 -18.82 -14.19
CA CYS A 350 25.91 -17.61 -14.78
C CYS A 350 24.87 -16.51 -14.71
N ALA A 351 25.28 -15.30 -15.09
CA ALA A 351 24.43 -14.12 -15.09
C ALA A 351 24.47 -13.47 -16.47
N THR A 352 23.63 -12.45 -16.64
CA THR A 352 23.49 -11.76 -17.90
C THR A 352 23.14 -10.31 -17.61
N TYR A 353 23.34 -9.45 -18.62
CA TYR A 353 22.88 -8.05 -18.57
C TYR A 353 23.29 -7.36 -17.27
N VAL A 354 24.45 -7.70 -16.72
CA VAL A 354 24.92 -7.06 -15.49
C VAL A 354 25.55 -5.72 -15.85
N ASN A 355 24.99 -4.64 -15.30
CA ASN A 355 25.44 -3.28 -15.60
C ASN A 355 26.47 -2.85 -14.57
N VAL A 356 27.74 -3.00 -14.91
CA VAL A 356 28.84 -2.74 -13.99
C VAL A 356 29.99 -2.13 -14.77
N ASN A 357 30.64 -1.13 -14.17
CA ASN A 357 31.79 -0.46 -14.80
C ASN A 357 33.05 -1.28 -14.50
N ILE A 358 33.71 -1.75 -15.56
CA ILE A 358 34.76 -2.75 -15.41
C ILE A 358 35.97 -2.21 -14.68
N ARG A 359 36.23 -0.90 -14.77
CA ARG A 359 37.44 -0.33 -14.19
C ARG A 359 37.20 0.40 -12.88
N ASP A 360 35.95 0.62 -12.49
CA ASP A 360 35.64 1.12 -11.15
C ASP A 360 35.29 0.00 -10.17
N ILE A 361 34.88 -1.16 -10.67
CA ILE A 361 34.48 -2.29 -9.85
C ILE A 361 35.47 -3.42 -10.08
N ASP A 362 35.96 -4.01 -8.99
CA ASP A 362 36.97 -5.06 -9.08
C ASP A 362 36.37 -6.37 -9.58
N LYS A 363 35.44 -6.95 -8.79
CA LYS A 363 34.90 -8.25 -9.11
C LYS A 363 33.44 -8.31 -8.68
N ILE A 364 32.74 -9.35 -9.13
CA ILE A 364 31.36 -9.59 -8.77
C ILE A 364 31.22 -11.00 -8.20
N TYR A 365 30.16 -11.19 -7.42
CA TYR A 365 29.80 -12.50 -6.90
C TYR A 365 28.33 -12.47 -6.57
N VAL A 366 27.74 -13.66 -6.42
CA VAL A 366 26.34 -13.79 -6.04
C VAL A 366 26.28 -14.30 -4.61
N ARG A 367 25.50 -13.62 -3.78
CA ARG A 367 25.30 -13.99 -2.38
C ARG A 367 23.95 -14.68 -2.24
N THR A 368 23.90 -15.69 -1.38
CA THR A 368 22.68 -16.48 -1.22
C THR A 368 22.45 -16.76 0.26
N GLY A 369 21.19 -17.03 0.58
CA GLY A 369 20.81 -17.45 1.91
C GLY A 369 19.48 -18.16 1.87
N ILE A 370 19.27 -19.06 2.82
CA ILE A 370 17.99 -19.76 2.97
C ILE A 370 17.24 -19.11 4.12
N TYR A 371 16.07 -18.56 3.83
CA TYR A 371 15.31 -17.76 4.79
C TYR A 371 13.95 -18.37 5.05
N HIS A 372 13.51 -18.27 6.31
CA HIS A 372 12.13 -18.53 6.71
C HIS A 372 11.63 -17.21 7.29
N GLY A 373 10.93 -16.43 6.47
CA GLY A 373 10.58 -15.08 6.86
C GLY A 373 11.78 -14.17 6.72
N GLY A 374 12.26 -13.65 7.86
CA GLY A 374 13.43 -12.79 7.85
C GLY A 374 14.61 -13.39 8.58
N GLU A 375 14.45 -14.60 9.10
CA GLU A 375 15.50 -15.25 9.86
C GLU A 375 16.21 -16.28 9.00
N PRO A 376 17.52 -16.15 8.76
CA PRO A 376 18.23 -17.19 8.01
C PRO A 376 18.08 -18.55 8.69
N LEU A 377 17.68 -19.54 7.90
CA LEU A 377 17.62 -20.91 8.40
C LEU A 377 19.02 -21.50 8.60
N CYS A 378 20.03 -20.93 7.94
CA CYS A 378 21.41 -21.37 8.08
C CYS A 378 22.31 -20.24 7.63
N ASP A 379 23.60 -20.39 7.93
CA ASP A 379 24.56 -19.35 7.56
C ASP A 379 24.57 -19.17 6.04
N ASN A 380 24.82 -17.94 5.61
CA ASN A 380 24.85 -17.63 4.19
C ASN A 380 26.09 -18.25 3.53
N VAL A 381 26.02 -18.38 2.21
CA VAL A 381 27.15 -18.85 1.41
C VAL A 381 27.18 -18.05 0.12
N ASN A 382 28.38 -17.78 -0.38
CA ASN A 382 28.59 -16.99 -1.58
C ASN A 382 29.41 -17.77 -2.60
N THR A 383 29.19 -17.46 -3.87
CA THR A 383 30.06 -17.95 -4.92
C THR A 383 31.44 -17.32 -4.77
N GLN A 384 32.40 -17.84 -5.54
CA GLN A 384 33.68 -17.16 -5.66
C GLN A 384 33.49 -15.81 -6.33
N ARG A 385 34.47 -14.93 -6.12
CA ARG A 385 34.47 -13.65 -6.84
C ARG A 385 34.97 -13.86 -8.27
N VAL A 386 34.46 -13.04 -9.17
CA VAL A 386 34.57 -13.29 -10.61
C VAL A 386 34.71 -11.97 -11.34
N PRO A 387 35.41 -11.95 -12.47
CA PRO A 387 35.54 -10.71 -13.22
C PRO A 387 34.19 -10.22 -13.72
N CYS A 388 34.04 -8.89 -13.72
CA CYS A 388 32.81 -8.28 -14.22
C CYS A 388 32.52 -8.71 -15.65
N SER A 389 33.57 -8.92 -16.45
CA SER A 389 33.42 -9.18 -17.88
C SER A 389 33.02 -10.62 -18.19
N ASN A 390 32.95 -11.50 -17.19
CA ASN A 390 32.59 -12.90 -17.41
C ASN A 390 31.81 -13.41 -16.20
N PRO A 391 30.55 -12.99 -16.06
CA PRO A 391 29.74 -13.44 -14.91
C PRO A 391 29.32 -14.90 -15.04
N ARG A 392 30.24 -15.80 -14.73
CA ARG A 392 29.98 -17.24 -14.83
C ARG A 392 30.64 -17.92 -13.64
N TRP A 393 29.89 -18.79 -12.98
CA TRP A 393 30.35 -19.46 -11.76
C TRP A 393 30.28 -20.98 -11.85
N ASN A 394 29.12 -21.54 -12.20
CA ASN A 394 28.95 -22.99 -12.28
C ASN A 394 29.39 -23.67 -10.98
N GLU A 395 29.04 -23.07 -9.85
CA GLU A 395 29.38 -23.58 -8.54
C GLU A 395 28.16 -24.19 -7.86
N TRP A 396 28.35 -25.34 -7.22
CA TRP A 396 27.37 -25.86 -6.28
C TRP A 396 27.65 -25.25 -4.91
N LEU A 397 26.67 -24.53 -4.37
CA LEU A 397 26.78 -23.97 -3.03
C LEU A 397 26.10 -24.92 -2.05
N ASN A 398 26.82 -25.29 -0.99
CA ASN A 398 26.30 -26.20 0.03
C ASN A 398 25.81 -25.40 1.23
N TYR A 399 24.66 -25.81 1.75
CA TYR A 399 24.01 -25.12 2.86
C TYR A 399 23.93 -26.03 4.07
N ASP A 400 24.14 -25.44 5.25
CA ASP A 400 24.18 -26.20 6.51
C ASP A 400 22.77 -26.45 7.00
N ILE A 401 22.04 -27.25 6.24
CA ILE A 401 20.67 -27.62 6.60
C ILE A 401 20.31 -28.91 5.89
N TYR A 402 19.51 -29.74 6.57
CA TYR A 402 19.01 -30.97 5.97
C TYR A 402 17.77 -30.69 5.13
N ILE A 403 17.63 -31.40 4.02
CA ILE A 403 16.46 -31.24 3.17
C ILE A 403 15.19 -31.60 3.92
N PRO A 404 15.16 -32.66 4.73
CA PRO A 404 13.97 -32.89 5.59
C PRO A 404 13.76 -31.80 6.63
N ASP A 405 14.80 -31.05 7.00
CA ASP A 405 14.66 -29.97 7.95
C ASP A 405 14.12 -28.68 7.33
N LEU A 406 13.92 -28.66 6.02
CA LEU A 406 13.37 -27.47 5.38
C LEU A 406 11.92 -27.28 5.80
N PRO A 407 11.55 -26.11 6.32
CA PRO A 407 10.12 -25.83 6.54
C PRO A 407 9.42 -25.53 5.22
N ARG A 408 8.09 -25.67 5.25
CA ARG A 408 7.31 -25.50 4.03
C ARG A 408 7.52 -24.12 3.42
N ALA A 409 7.68 -23.10 4.26
CA ALA A 409 7.80 -21.72 3.78
C ALA A 409 9.24 -21.28 3.55
N ALA A 410 10.16 -22.22 3.33
CA ALA A 410 11.56 -21.87 3.10
C ALA A 410 11.71 -21.19 1.75
N ARG A 411 12.58 -20.18 1.71
CA ARG A 411 12.79 -19.37 0.51
C ARG A 411 14.29 -19.18 0.27
N LEU A 412 14.67 -19.19 -1.01
CA LEU A 412 16.02 -18.86 -1.42
C LEU A 412 16.09 -17.38 -1.78
N CYS A 413 16.93 -16.64 -1.08
CA CYS A 413 17.15 -15.22 -1.34
C CYS A 413 18.57 -15.02 -1.84
N LEU A 414 18.72 -14.36 -2.98
CA LEU A 414 20.03 -14.19 -3.59
C LEU A 414 20.14 -12.82 -4.24
N SER A 415 21.37 -12.45 -4.57
CA SER A 415 21.66 -11.18 -5.23
C SER A 415 23.06 -11.26 -5.83
N ILE A 416 23.29 -10.43 -6.85
CA ILE A 416 24.61 -10.23 -7.42
C ILE A 416 25.23 -9.01 -6.76
N CYS A 417 26.46 -9.15 -6.26
CA CYS A 417 27.12 -8.10 -5.52
C CYS A 417 28.46 -7.74 -6.15
N SER A 418 28.82 -6.46 -6.03
CA SER A 418 30.11 -5.95 -6.46
C SER A 418 30.98 -5.69 -5.24
N VAL A 419 32.28 -5.52 -5.48
CA VAL A 419 33.23 -5.18 -4.43
C VAL A 419 34.19 -4.12 -4.96
N LYS A 420 34.61 -3.24 -4.05
CA LYS A 420 35.69 -2.29 -4.31
C LYS A 420 36.64 -2.35 -3.12
N GLY A 421 37.94 -2.47 -3.40
CA GLY A 421 38.90 -2.72 -2.34
C GLY A 421 39.87 -1.60 -2.07
N ARG A 422 40.48 -1.62 -0.88
CA ARG A 422 41.53 -0.67 -0.53
C ARG A 422 42.23 -1.12 0.75
N ALA A 425 41.89 1.69 3.76
CA ALA A 425 40.47 1.75 4.10
C ALA A 425 39.78 0.42 3.74
N LYS A 426 38.62 0.20 4.36
CA LYS A 426 37.93 -1.07 4.26
C LYS A 426 37.47 -1.35 2.83
N GLU A 427 37.36 -2.64 2.52
CA GLU A 427 36.74 -3.11 1.28
C GLU A 427 35.23 -3.21 1.49
N GLU A 428 34.46 -2.62 0.58
CA GLU A 428 33.01 -2.52 0.75
C GLU A 428 32.29 -3.21 -0.40
N HIS A 429 31.22 -3.93 -0.06
CA HIS A 429 30.40 -4.66 -1.02
C HIS A 429 29.06 -3.97 -1.20
N CYS A 430 28.48 -4.11 -2.39
CA CYS A 430 27.20 -3.48 -2.70
C CYS A 430 26.35 -4.40 -3.57
N PRO A 431 25.03 -4.42 -3.35
CA PRO A 431 24.17 -5.26 -4.19
C PRO A 431 23.81 -4.58 -5.50
N LEU A 432 23.73 -5.38 -6.57
CA LEU A 432 23.38 -4.91 -7.90
C LEU A 432 21.94 -5.24 -8.26
N ALA A 433 21.51 -6.48 -8.01
CA ALA A 433 20.16 -6.92 -8.28
C ALA A 433 19.86 -8.11 -7.39
N TRP A 434 18.58 -8.25 -7.01
CA TRP A 434 18.17 -9.27 -6.06
C TRP A 434 17.05 -10.11 -6.66
N GLY A 435 16.75 -11.21 -5.96
CA GLY A 435 15.67 -12.09 -6.36
C GLY A 435 15.42 -13.16 -5.31
N ASN A 436 14.16 -13.53 -5.11
CA ASN A 436 13.78 -14.53 -4.12
C ASN A 436 12.99 -15.66 -4.78
N ILE A 437 13.14 -16.86 -4.23
CA ILE A 437 12.53 -18.06 -4.80
C ILE A 437 11.91 -18.88 -3.69
N ASN A 438 10.68 -19.36 -3.93
CA ASN A 438 10.05 -20.33 -3.03
C ASN A 438 10.61 -21.71 -3.35
N LEU A 439 11.28 -22.33 -2.37
CA LEU A 439 11.85 -23.66 -2.60
C LEU A 439 10.78 -24.72 -2.77
N PHE A 440 9.56 -24.48 -2.28
CA PHE A 440 8.39 -25.27 -2.60
C PHE A 440 7.42 -24.38 -3.37
N ASP A 441 6.76 -24.97 -4.38
CA ASP A 441 5.80 -24.22 -5.17
C ASP A 441 4.39 -24.42 -4.58
N TYR A 442 3.39 -23.83 -5.26
CA TYR A 442 2.04 -23.86 -4.71
C TYR A 442 1.45 -25.26 -4.65
N THR A 443 2.04 -26.22 -5.38
CA THR A 443 1.65 -27.61 -5.27
C THR A 443 2.50 -28.37 -4.25
N ASP A 444 3.07 -27.66 -3.27
CA ASP A 444 3.98 -28.20 -2.27
C ASP A 444 4.94 -29.25 -2.81
N THR A 445 5.44 -29.03 -4.03
CA THR A 445 6.54 -29.82 -4.57
C THR A 445 7.84 -29.04 -4.41
N LEU A 446 8.94 -29.77 -4.21
CA LEU A 446 10.25 -29.15 -4.11
C LEU A 446 10.83 -28.90 -5.50
N VAL A 447 11.43 -27.73 -5.69
CA VAL A 447 11.95 -27.36 -7.00
C VAL A 447 13.11 -28.29 -7.38
N SER A 448 13.23 -28.56 -8.67
CA SER A 448 14.31 -29.38 -9.20
C SER A 448 14.63 -28.92 -10.61
N GLY A 449 15.87 -29.17 -11.03
CA GLY A 449 16.28 -28.87 -12.38
C GLY A 449 16.74 -27.43 -12.56
N LYS A 450 17.10 -27.13 -13.80
CA LYS A 450 17.62 -25.80 -14.12
C LYS A 450 16.52 -24.76 -14.02
N MET A 451 16.90 -23.55 -13.58
CA MET A 451 15.96 -22.45 -13.43
C MET A 451 16.69 -21.16 -13.75
N ALA A 452 15.93 -20.20 -14.30
CA ALA A 452 16.48 -18.90 -14.70
C ALA A 452 15.46 -17.83 -14.37
N LEU A 453 15.86 -16.86 -13.55
CA LEU A 453 14.96 -15.80 -13.11
C LEU A 453 15.64 -14.44 -13.30
N ASN A 454 14.89 -13.50 -13.86
CA ASN A 454 15.37 -12.14 -14.02
C ASN A 454 15.25 -11.40 -12.69
N LEU A 455 16.31 -10.70 -12.32
CA LEU A 455 16.39 -10.06 -11.01
C LEU A 455 15.79 -8.66 -11.03
N TRP A 456 15.50 -8.15 -9.84
CA TRP A 456 14.84 -6.87 -9.66
C TRP A 456 15.87 -5.79 -9.31
N PRO A 457 15.55 -4.52 -9.57
CA PRO A 457 16.43 -3.45 -9.11
C PRO A 457 16.47 -3.39 -7.60
N VAL A 458 17.63 -3.01 -7.06
CA VAL A 458 17.79 -2.85 -5.62
C VAL A 458 17.04 -1.59 -5.21
N PRO A 459 16.10 -1.66 -4.27
CA PRO A 459 15.32 -0.46 -3.93
C PRO A 459 16.19 0.67 -3.41
N HIS A 460 15.74 1.89 -3.65
CA HIS A 460 16.50 3.06 -3.25
C HIS A 460 16.67 3.11 -1.74
N GLY A 461 17.92 3.22 -1.28
CA GLY A 461 18.23 3.32 0.13
C GLY A 461 18.61 2.01 0.78
N LEU A 462 18.24 0.88 0.19
CA LEU A 462 18.62 -0.42 0.74
C LEU A 462 20.09 -0.69 0.42
N GLU A 463 20.85 -1.03 1.45
CA GLU A 463 22.26 -1.36 1.29
C GLU A 463 22.60 -2.77 1.77
N ASP A 464 21.66 -3.48 2.39
CA ASP A 464 21.88 -4.88 2.70
C ASP A 464 22.09 -5.66 1.41
N LEU A 465 23.01 -6.63 1.45
CA LEU A 465 23.34 -7.37 0.24
C LEU A 465 22.17 -8.19 -0.27
N LEU A 466 21.21 -8.53 0.59
CA LEU A 466 20.04 -9.31 0.19
C LEU A 466 18.78 -8.56 0.58
N ASN A 467 17.65 -9.04 0.07
CA ASN A 467 16.34 -8.43 0.32
C ASN A 467 15.31 -9.53 0.57
N PRO A 468 15.36 -10.16 1.75
CA PRO A 468 14.42 -11.25 2.03
C PRO A 468 12.96 -10.83 2.15
N ILE A 469 12.67 -9.53 2.28
CA ILE A 469 11.27 -9.09 2.33
C ILE A 469 10.68 -8.83 0.94
N GLY A 470 11.51 -8.78 -0.09
CA GLY A 470 11.01 -8.59 -1.43
C GLY A 470 10.14 -9.75 -1.88
N VAL A 471 9.36 -9.50 -2.94
CA VAL A 471 8.46 -10.53 -3.45
C VAL A 471 9.27 -11.65 -4.10
N THR A 472 8.67 -12.83 -4.15
CA THR A 472 9.24 -13.97 -4.86
C THR A 472 8.73 -13.96 -6.29
N GLY A 473 9.63 -14.15 -7.24
CA GLY A 473 9.28 -14.20 -8.64
C GLY A 473 10.33 -13.57 -9.53
N SER A 474 10.25 -13.87 -10.81
CA SER A 474 11.15 -13.31 -11.80
C SER A 474 10.62 -11.98 -12.32
N ASN A 475 11.53 -11.07 -12.61
CA ASN A 475 11.15 -9.76 -13.13
C ASN A 475 10.71 -9.88 -14.57
N PRO A 476 9.48 -9.49 -14.93
CA PRO A 476 9.05 -9.62 -16.33
C PRO A 476 9.70 -8.61 -17.26
N ASN A 477 10.24 -7.52 -16.74
CA ASN A 477 10.87 -6.52 -17.59
C ASN A 477 12.05 -7.15 -18.34
N LYS A 478 12.19 -6.78 -19.61
CA LYS A 478 13.18 -7.37 -20.48
C LYS A 478 14.52 -6.65 -20.34
N GLU A 479 15.56 -7.30 -20.85
CA GLU A 479 16.93 -6.78 -20.79
C GLU A 479 17.28 -6.35 -19.37
N THR A 480 16.98 -7.22 -18.42
CA THR A 480 17.38 -7.09 -17.03
C THR A 480 18.23 -8.30 -16.65
N PRO A 481 19.09 -8.16 -15.63
CA PRO A 481 20.01 -9.27 -15.31
C PRO A 481 19.26 -10.56 -15.02
N CYS A 482 19.62 -11.60 -15.76
CA CYS A 482 19.01 -12.91 -15.63
C CYS A 482 20.05 -13.88 -15.04
N LEU A 483 19.74 -14.42 -13.87
CA LEU A 483 20.61 -15.38 -13.19
C LEU A 483 20.03 -16.78 -13.41
N GLU A 484 20.91 -17.73 -13.74
CA GLU A 484 20.51 -19.10 -13.99
C GLU A 484 21.02 -20.00 -12.87
N LEU A 485 20.19 -20.96 -12.47
CA LEU A 485 20.52 -21.87 -11.37
C LEU A 485 20.15 -23.29 -11.78
N GLU A 486 20.49 -24.23 -10.90
CA GLU A 486 20.02 -25.60 -11.02
C GLU A 486 19.82 -26.16 -9.62
N PHE A 487 18.70 -26.85 -9.42
CA PHE A 487 18.39 -27.53 -8.18
C PHE A 487 18.54 -29.03 -8.37
N ASP A 488 18.88 -29.72 -7.28
CA ASP A 488 19.08 -31.16 -7.34
C ASP A 488 17.81 -31.86 -7.83
N TRP A 489 17.96 -32.68 -8.87
CA TRP A 489 16.88 -33.53 -9.36
C TRP A 489 17.06 -34.91 -8.73
N PHE A 490 16.39 -35.14 -7.61
CA PHE A 490 16.33 -36.48 -7.06
C PHE A 490 15.46 -37.37 -7.95
N SER A 491 15.63 -38.67 -7.80
CA SER A 491 15.13 -39.61 -8.80
C SER A 491 13.67 -39.38 -9.18
N SER A 492 12.88 -38.73 -8.33
CA SER A 492 11.47 -38.52 -8.60
C SER A 492 11.07 -37.12 -8.16
N VAL A 493 9.81 -36.76 -8.44
CA VAL A 493 9.23 -35.55 -7.87
C VAL A 493 9.20 -35.68 -6.36
N VAL A 494 9.52 -34.59 -5.67
CA VAL A 494 9.52 -34.54 -4.21
C VAL A 494 8.42 -33.60 -3.75
N LYS A 495 7.70 -34.01 -2.70
CA LYS A 495 6.61 -33.21 -2.14
C LYS A 495 6.77 -33.07 -0.64
N PHE A 496 6.26 -31.97 -0.11
CA PHE A 496 6.25 -31.77 1.33
C PHE A 496 5.34 -32.81 1.98
N PRO A 497 5.70 -33.35 3.14
CA PRO A 497 4.85 -34.37 3.76
C PRO A 497 3.45 -33.86 4.05
N ASP A 498 2.48 -34.77 3.92
CA ASP A 498 1.11 -34.47 4.34
C ASP A 498 1.05 -34.33 5.85
N MET A 499 0.07 -33.56 6.32
CA MET A 499 -0.07 -33.35 7.76
C MET A 499 -0.20 -34.65 8.53
N SER A 500 -0.66 -35.72 7.87
CA SER A 500 -0.80 -37.01 8.54
C SER A 500 0.48 -37.42 9.23
N VAL A 501 1.60 -37.45 8.48
CA VAL A 501 2.86 -37.91 9.03
C VAL A 501 3.53 -36.86 9.92
N ILE A 502 3.15 -35.58 9.78
CA ILE A 502 3.75 -34.55 10.61
C ILE A 502 3.34 -34.74 12.07
N GLU A 503 2.04 -34.96 12.31
CA GLU A 503 1.57 -35.14 13.68
C GLU A 503 2.18 -36.38 14.30
N GLU A 504 2.29 -37.47 13.53
CA GLU A 504 2.91 -38.68 14.06
C GLU A 504 4.38 -38.44 14.41
N HIS A 505 5.08 -37.63 13.60
CA HIS A 505 6.44 -37.28 13.93
C HIS A 505 6.51 -36.45 15.20
N ALA A 506 5.46 -35.68 15.49
CA ALA A 506 5.39 -34.97 16.77
C ALA A 506 5.19 -35.95 17.92
N ASN A 507 4.33 -36.96 17.72
CA ASN A 507 4.18 -38.01 18.72
C ASN A 507 5.51 -38.73 18.96
N TRP A 508 6.29 -38.92 17.90
CA TRP A 508 7.58 -39.58 18.05
C TRP A 508 8.60 -38.67 18.71
N SER A 509 8.62 -37.39 18.32
CA SER A 509 9.65 -36.48 18.82
C SER A 509 9.44 -36.16 20.30
N VAL A 510 8.22 -35.79 20.67
CA VAL A 510 7.91 -35.47 22.06
C VAL A 510 8.47 -36.54 23.00
N SER A 511 8.48 -37.81 22.56
CA SER A 511 9.03 -38.90 23.35
C SER A 511 10.41 -38.54 23.91
N LEU A 533 1.63 -28.09 37.40
CA LEU A 533 1.94 -26.75 36.91
C LEU A 533 3.09 -26.13 37.70
N ARG A 534 3.44 -24.89 37.35
CA ARG A 534 4.46 -24.13 38.06
C ARG A 534 3.95 -22.72 38.31
N GLU A 535 4.54 -22.05 39.30
CA GLU A 535 4.03 -20.75 39.75
C GLU A 535 4.90 -19.60 39.26
N ASN A 536 6.08 -19.43 39.86
CA ASN A 536 6.91 -18.27 39.52
C ASN A 536 7.17 -18.17 38.03
N ASP A 537 7.20 -19.30 37.33
CA ASP A 537 7.32 -19.27 35.87
C ASP A 537 6.05 -18.71 35.23
N LYS A 538 4.91 -18.82 35.92
CA LYS A 538 3.65 -18.33 35.37
C LYS A 538 3.66 -16.81 35.23
N GLU A 539 4.22 -16.11 36.23
CA GLU A 539 4.20 -14.66 36.18
C GLU A 539 5.15 -14.12 35.11
N GLN A 540 6.22 -14.85 34.80
CA GLN A 540 7.14 -14.39 33.77
C GLN A 540 6.53 -14.56 32.38
N LEU A 541 5.90 -15.71 32.13
CA LEU A 541 5.25 -15.92 30.84
C LEU A 541 4.26 -14.81 30.54
N LYS A 542 3.40 -14.49 31.52
CA LYS A 542 2.48 -13.36 31.36
C LYS A 542 3.26 -12.06 31.21
N ALA A 543 4.38 -11.93 31.94
CA ALA A 543 5.20 -10.74 31.84
C ALA A 543 5.81 -10.57 30.44
N ILE A 544 5.86 -11.65 29.66
CA ILE A 544 6.40 -11.56 28.30
C ILE A 544 5.31 -11.23 27.29
N SER A 545 4.08 -11.67 27.53
CA SER A 545 2.98 -11.31 26.64
C SER A 545 2.78 -9.79 26.59
N THR A 546 3.06 -9.09 27.69
CA THR A 546 2.88 -7.65 27.71
C THR A 546 3.81 -6.95 26.74
N ARG A 547 5.02 -7.48 26.56
CA ARG A 547 6.04 -6.78 25.78
C ARG A 547 5.64 -6.72 24.31
N ASP A 548 5.99 -5.60 23.67
CA ASP A 548 5.51 -5.29 22.34
C ASP A 548 6.04 -6.30 21.31
N PRO A 549 5.51 -6.27 20.09
CA PRO A 549 5.97 -7.24 19.07
C PRO A 549 7.44 -7.11 18.70
N LEU A 550 8.06 -5.94 18.90
CA LEU A 550 9.44 -5.73 18.55
C LEU A 550 10.38 -5.71 19.76
N SER A 551 9.88 -6.06 20.94
CA SER A 551 10.73 -6.12 22.11
C SER A 551 11.85 -7.14 21.91
N GLU A 552 13.01 -6.83 22.48
CA GLU A 552 14.13 -7.77 22.44
C GLU A 552 13.76 -9.03 23.22
N ILE A 553 13.93 -10.19 22.58
CA ILE A 553 13.66 -11.48 23.20
C ILE A 553 14.94 -12.29 23.13
N THR A 554 15.61 -12.44 24.27
CA THR A 554 16.91 -13.09 24.31
C THR A 554 16.78 -14.60 24.21
N GLU A 555 17.92 -15.27 24.11
CA GLU A 555 17.93 -16.72 23.90
C GLU A 555 17.34 -17.45 25.10
N GLN A 556 17.68 -17.02 26.32
CA GLN A 556 17.14 -17.68 27.50
C GLN A 556 15.62 -17.60 27.52
N GLU A 557 15.05 -16.50 27.04
CA GLU A 557 13.61 -16.30 27.11
C GLU A 557 12.86 -17.12 26.06
N LYS A 558 13.44 -17.29 24.87
CA LYS A 558 12.70 -17.94 23.80
C LYS A 558 12.69 -19.46 23.96
N ASP A 559 13.81 -20.06 24.38
CA ASP A 559 13.78 -21.49 24.65
C ASP A 559 13.12 -21.80 26.00
N PHE A 560 12.99 -20.80 26.88
CA PHE A 560 12.11 -20.95 28.04
C PHE A 560 10.66 -21.04 27.61
N LEU A 561 10.27 -20.25 26.60
CA LEU A 561 8.94 -20.37 26.03
C LEU A 561 8.75 -21.74 25.37
N TRP A 562 9.72 -22.13 24.53
CA TRP A 562 9.62 -23.43 23.88
C TRP A 562 9.53 -24.56 24.89
N SER A 563 10.14 -24.39 26.06
CA SER A 563 10.02 -25.39 27.12
C SER A 563 8.58 -25.47 27.62
N HIS A 564 8.02 -24.33 28.05
CA HIS A 564 6.65 -24.27 28.53
C HIS A 564 5.65 -24.01 27.41
N ARG A 565 5.93 -24.49 26.20
CA ARG A 565 5.05 -24.24 25.06
C ARG A 565 3.65 -24.79 25.31
N HIS A 566 3.53 -25.84 26.12
CA HIS A 566 2.22 -26.43 26.39
C HIS A 566 1.42 -25.60 27.38
N TYR A 567 2.08 -24.91 28.30
CA TYR A 567 1.39 -23.99 29.20
C TYR A 567 1.00 -22.69 28.51
N CYS A 568 1.51 -22.43 27.30
CA CYS A 568 1.29 -21.14 26.66
C CYS A 568 -0.16 -20.97 26.20
N VAL A 569 -0.85 -22.06 25.89
CA VAL A 569 -2.24 -21.96 25.46
C VAL A 569 -3.16 -21.43 26.55
N THR A 570 -2.66 -21.25 27.77
CA THR A 570 -3.42 -20.58 28.81
C THR A 570 -3.33 -19.06 28.69
N ILE A 571 -2.33 -18.55 27.98
CA ILE A 571 -2.20 -17.12 27.69
C ILE A 571 -2.05 -16.98 26.18
N PRO A 572 -3.10 -17.18 25.39
CA PRO A 572 -2.95 -17.24 23.94
C PRO A 572 -2.26 -16.03 23.33
N GLU A 573 -2.23 -14.88 24.02
CA GLU A 573 -1.56 -13.70 23.46
C GLU A 573 -0.09 -13.96 23.19
N ILE A 574 0.50 -15.00 23.79
CA ILE A 574 1.92 -15.27 23.67
C ILE A 574 2.30 -15.95 22.36
N LEU A 575 1.32 -16.35 21.56
CA LEU A 575 1.61 -17.13 20.35
C LEU A 575 2.66 -16.49 19.45
N PRO A 576 2.58 -15.20 19.11
CA PRO A 576 3.64 -14.62 18.25
C PRO A 576 5.02 -14.75 18.85
N LYS A 577 5.16 -14.56 20.16
CA LYS A 577 6.45 -14.70 20.81
C LYS A 577 6.93 -16.15 20.75
N LEU A 578 6.02 -17.10 20.99
CA LEU A 578 6.40 -18.50 20.97
C LEU A 578 6.82 -18.94 19.57
N LEU A 579 6.17 -18.42 18.53
CA LEU A 579 6.49 -18.82 17.17
C LEU A 579 7.89 -18.36 16.77
N LEU A 580 8.28 -17.14 17.14
CA LEU A 580 9.64 -16.69 16.90
C LEU A 580 10.65 -17.48 17.70
N SER A 581 10.20 -18.20 18.74
CA SER A 581 11.10 -19.04 19.52
C SER A 581 11.35 -20.39 18.88
N VAL A 582 10.46 -20.84 18.00
CA VAL A 582 10.65 -22.14 17.36
C VAL A 582 11.91 -22.11 16.51
N LYS A 583 12.67 -23.20 16.55
CA LYS A 583 13.87 -23.37 15.72
C LYS A 583 13.39 -24.01 14.42
N TRP A 584 13.03 -23.15 13.46
CA TRP A 584 12.33 -23.60 12.26
C TRP A 584 13.17 -24.46 11.33
N ASN A 585 14.49 -24.50 11.52
CA ASN A 585 15.34 -25.42 10.77
C ASN A 585 15.42 -26.81 11.43
N SER A 586 14.47 -27.13 12.30
CA SER A 586 14.33 -28.45 12.89
C SER A 586 12.93 -28.95 12.59
N ARG A 587 12.83 -30.03 11.80
CA ARG A 587 11.52 -30.62 11.53
C ARG A 587 10.89 -31.16 12.80
N ASP A 588 11.69 -31.50 13.81
CA ASP A 588 11.15 -31.97 15.07
C ASP A 588 10.33 -30.87 15.75
N GLU A 589 10.90 -29.67 15.87
CA GLU A 589 10.20 -28.60 16.56
C GLU A 589 9.02 -28.08 15.75
N VAL A 590 9.20 -27.95 14.42
CA VAL A 590 8.12 -27.44 13.59
C VAL A 590 6.92 -28.37 13.63
N ALA A 591 7.16 -29.69 13.53
CA ALA A 591 6.06 -30.64 13.63
C ALA A 591 5.35 -30.51 14.97
N GLN A 592 6.11 -30.49 16.06
CA GLN A 592 5.51 -30.31 17.37
C GLN A 592 4.75 -28.99 17.46
N MET A 593 5.23 -27.96 16.76
CA MET A 593 4.56 -26.66 16.81
C MET A 593 3.24 -26.69 16.04
N TYR A 594 3.21 -27.37 14.89
CA TYR A 594 1.96 -27.49 14.14
C TYR A 594 0.84 -28.04 15.02
N CYS A 595 1.16 -29.01 15.88
CA CYS A 595 0.14 -29.60 16.74
C CYS A 595 -0.41 -28.57 17.73
N LEU A 596 0.42 -27.60 18.13
CA LEU A 596 -0.04 -26.60 19.09
C LEU A 596 -0.94 -25.55 18.43
N VAL A 597 -0.58 -25.09 17.23
CA VAL A 597 -1.40 -24.08 16.57
C VAL A 597 -2.71 -24.70 16.09
N LYS A 598 -2.72 -26.01 15.81
CA LYS A 598 -3.95 -26.66 15.39
C LYS A 598 -5.03 -26.53 16.46
N ASP A 599 -4.64 -26.45 17.73
CA ASP A 599 -5.58 -26.37 18.84
C ASP A 599 -5.40 -25.09 19.63
N TRP A 600 -4.97 -24.01 18.97
CA TRP A 600 -4.70 -22.77 19.70
C TRP A 600 -6.00 -22.00 19.92
N PRO A 601 -6.18 -21.40 21.09
CA PRO A 601 -7.38 -20.56 21.30
C PRO A 601 -7.35 -19.34 20.40
N PRO A 602 -8.49 -18.93 19.85
CA PRO A 602 -8.51 -17.74 19.00
C PRO A 602 -8.06 -16.50 19.76
N ILE A 603 -7.13 -15.77 19.16
CA ILE A 603 -6.75 -14.44 19.64
C ILE A 603 -7.52 -13.42 18.81
N LYS A 604 -7.69 -12.23 19.37
CA LYS A 604 -8.51 -11.23 18.70
C LYS A 604 -7.76 -10.59 17.53
N PRO A 605 -8.50 -10.04 16.56
CA PRO A 605 -7.86 -9.60 15.31
C PRO A 605 -6.67 -8.66 15.48
N GLU A 606 -6.74 -7.70 16.41
CA GLU A 606 -5.61 -6.78 16.57
C GLU A 606 -4.32 -7.52 16.83
N GLN A 607 -4.39 -8.73 17.42
CA GLN A 607 -3.21 -9.56 17.63
C GLN A 607 -3.00 -10.55 16.49
N ALA A 608 -4.08 -11.06 15.89
CA ALA A 608 -3.93 -12.00 14.79
C ALA A 608 -3.29 -11.36 13.57
N MET A 609 -3.43 -10.05 13.41
CA MET A 609 -2.87 -9.39 12.23
C MET A 609 -1.35 -9.40 12.24
N GLU A 610 -0.74 -9.47 13.44
CA GLU A 610 0.71 -9.59 13.49
C GLU A 610 1.19 -10.83 12.76
N LEU A 611 0.43 -11.92 12.85
CA LEU A 611 0.81 -13.19 12.23
C LEU A 611 0.66 -13.19 10.72
N LEU A 612 0.21 -12.08 10.12
CA LEU A 612 0.20 -11.94 8.67
C LEU A 612 1.36 -11.09 8.16
N ASP A 613 2.18 -10.52 9.06
CA ASP A 613 3.32 -9.73 8.62
C ASP A 613 4.42 -10.67 8.12
N CYS A 614 5.53 -10.09 7.66
CA CYS A 614 6.56 -10.85 6.97
C CYS A 614 7.37 -11.75 7.89
N ASN A 615 7.14 -11.73 9.20
CA ASN A 615 7.87 -12.61 10.12
C ASN A 615 7.16 -13.91 10.41
N TYR A 616 6.03 -14.18 9.76
CA TYR A 616 5.25 -15.40 9.99
C TYR A 616 4.78 -15.93 8.65
N PRO A 617 5.69 -16.56 7.89
CA PRO A 617 5.33 -17.05 6.55
C PRO A 617 4.72 -18.44 6.51
N ASP A 618 4.71 -19.17 7.62
CA ASP A 618 4.24 -20.54 7.60
C ASP A 618 2.75 -20.58 7.24
N PRO A 619 2.32 -21.47 6.34
CA PRO A 619 0.91 -21.47 5.94
C PRO A 619 -0.04 -21.83 7.07
N MET A 620 0.38 -22.70 7.99
CA MET A 620 -0.52 -23.09 9.08
C MET A 620 -0.71 -21.94 10.06
N VAL A 621 0.35 -21.17 10.33
CA VAL A 621 0.22 -20.00 11.20
C VAL A 621 -0.70 -18.97 10.57
N ARG A 622 -0.43 -18.62 9.31
CA ARG A 622 -1.23 -17.59 8.64
C ARG A 622 -2.67 -18.03 8.47
N GLY A 623 -2.91 -19.33 8.28
CA GLY A 623 -4.27 -19.83 8.22
C GLY A 623 -5.00 -19.66 9.53
N PHE A 624 -4.31 -19.87 10.65
CA PHE A 624 -4.90 -19.61 11.95
C PHE A 624 -5.21 -18.12 12.12
N ALA A 625 -4.36 -17.25 11.58
CA ALA A 625 -4.60 -15.83 11.69
C ALA A 625 -5.82 -15.41 10.88
N VAL A 626 -6.02 -16.01 9.70
CA VAL A 626 -7.17 -15.67 8.88
C VAL A 626 -8.45 -16.13 9.57
N ARG A 627 -8.46 -17.35 10.11
CA ARG A 627 -9.65 -17.83 10.80
C ARG A 627 -10.02 -16.94 11.98
N CYS A 628 -9.03 -16.33 12.63
CA CYS A 628 -9.34 -15.35 13.67
C CYS A 628 -10.08 -14.15 13.10
N LEU A 629 -9.69 -13.72 11.90
CA LEU A 629 -10.32 -12.53 11.31
C LEU A 629 -11.74 -12.82 10.86
N GLU A 630 -11.94 -13.91 10.10
CA GLU A 630 -13.26 -14.20 9.56
C GLU A 630 -14.26 -14.65 10.61
N LYS A 631 -13.91 -14.61 11.90
CA LYS A 631 -14.84 -14.88 12.98
C LYS A 631 -14.82 -13.85 14.10
N TYR A 632 -13.89 -12.90 14.08
CA TYR A 632 -13.81 -11.86 15.10
C TYR A 632 -13.65 -10.45 14.53
N LEU A 633 -13.35 -10.31 13.24
CA LEU A 633 -13.12 -9.01 12.64
C LEU A 633 -14.42 -8.49 12.02
N THR A 634 -14.90 -7.36 12.52
CA THR A 634 -16.12 -6.77 11.97
C THR A 634 -15.84 -6.13 10.62
N ASP A 635 -16.89 -5.98 9.83
CA ASP A 635 -16.76 -5.23 8.57
C ASP A 635 -16.30 -3.81 8.83
N ASP A 636 -16.61 -3.26 10.00
CA ASP A 636 -16.15 -1.93 10.35
C ASP A 636 -14.63 -1.89 10.53
N LYS A 637 -14.09 -2.84 11.30
CA LYS A 637 -12.65 -2.88 11.53
C LYS A 637 -11.89 -3.44 10.34
N LEU A 638 -12.51 -4.33 9.56
CA LEU A 638 -11.92 -4.73 8.29
C LEU A 638 -11.76 -3.51 7.39
N SER A 639 -12.82 -2.72 7.25
CA SER A 639 -12.73 -1.50 6.44
C SER A 639 -11.67 -0.56 6.98
N GLN A 640 -11.43 -0.58 8.30
CA GLN A 640 -10.45 0.31 8.88
C GLN A 640 -9.03 -0.13 8.57
N TYR A 641 -8.74 -1.42 8.73
CA TYR A 641 -7.40 -1.97 8.52
C TYR A 641 -7.18 -2.47 7.11
N LEU A 642 -8.07 -2.13 6.17
CA LEU A 642 -7.99 -2.71 4.83
C LEU A 642 -6.67 -2.39 4.15
N ILE A 643 -6.11 -1.21 4.41
CA ILE A 643 -4.82 -0.86 3.81
C ILE A 643 -3.78 -1.91 4.16
N GLN A 644 -3.65 -2.25 5.45
CA GLN A 644 -2.65 -3.21 5.87
C GLN A 644 -3.01 -4.62 5.40
N LEU A 645 -4.30 -4.97 5.42
CA LEU A 645 -4.70 -6.29 4.96
C LEU A 645 -4.42 -6.49 3.48
N VAL A 646 -4.46 -5.41 2.69
CA VAL A 646 -4.09 -5.52 1.29
C VAL A 646 -2.59 -5.67 1.13
N GLN A 647 -1.81 -4.95 1.95
CA GLN A 647 -0.36 -4.99 1.81
C GLN A 647 0.20 -6.37 2.14
N VAL A 648 -0.36 -7.03 3.15
CA VAL A 648 0.15 -8.34 3.54
C VAL A 648 -0.08 -9.38 2.46
N LEU A 649 -0.97 -9.11 1.49
CA LEU A 649 -1.08 -9.99 0.33
C LEU A 649 0.26 -10.12 -0.38
N LYS A 650 1.10 -9.09 -0.32
CA LYS A 650 2.40 -9.14 -0.97
C LYS A 650 3.32 -10.16 -0.30
N TYR A 651 3.15 -10.38 1.00
CA TYR A 651 3.96 -11.37 1.69
C TYR A 651 3.49 -12.79 1.45
N GLU A 652 2.24 -12.97 1.00
CA GLU A 652 1.72 -14.32 0.75
C GLU A 652 2.62 -15.03 -0.25
N GLN A 653 2.98 -16.27 0.07
CA GLN A 653 3.96 -16.99 -0.72
C GLN A 653 3.41 -17.39 -2.09
N TYR A 654 2.10 -17.63 -2.18
CA TYR A 654 1.48 -18.10 -3.40
C TYR A 654 0.23 -17.26 -3.69
N LEU A 655 -0.20 -17.30 -4.95
CA LEU A 655 -1.37 -16.52 -5.35
C LEU A 655 -2.62 -16.95 -4.62
N ASP A 656 -2.88 -18.26 -4.58
CA ASP A 656 -4.06 -18.80 -3.93
C ASP A 656 -3.73 -19.10 -2.47
N ASN A 657 -4.39 -18.38 -1.56
CA ASN A 657 -4.13 -18.54 -0.14
C ASN A 657 -5.39 -18.18 0.64
N LEU A 658 -5.40 -18.57 1.91
CA LEU A 658 -6.58 -18.34 2.75
C LEU A 658 -6.88 -16.87 2.92
N LEU A 659 -5.84 -16.02 2.94
CA LEU A 659 -6.07 -14.59 3.16
C LEU A 659 -6.80 -13.95 1.99
N VAL A 660 -6.28 -14.13 0.77
CA VAL A 660 -6.88 -13.46 -0.38
C VAL A 660 -8.32 -13.93 -0.58
N ARG A 661 -8.57 -15.22 -0.31
CA ARG A 661 -9.94 -15.72 -0.43
C ARG A 661 -10.85 -15.08 0.60
N PHE A 662 -10.32 -14.74 1.77
CA PHE A 662 -11.12 -14.08 2.80
C PHE A 662 -11.44 -12.64 2.39
N LEU A 663 -10.41 -11.87 2.01
CA LEU A 663 -10.64 -10.49 1.60
C LEU A 663 -11.55 -10.42 0.37
N LEU A 664 -11.30 -11.29 -0.62
CA LEU A 664 -12.13 -11.30 -1.81
C LEU A 664 -13.57 -11.68 -1.47
N LYS A 665 -13.75 -12.65 -0.57
CA LYS A 665 -15.08 -13.01 -0.10
C LYS A 665 -15.78 -11.80 0.50
N LYS A 666 -15.08 -11.06 1.36
CA LYS A 666 -15.70 -9.91 2.03
C LYS A 666 -15.89 -8.74 1.07
N ALA A 667 -14.99 -8.57 0.10
CA ALA A 667 -15.13 -7.48 -0.86
C ALA A 667 -16.33 -7.65 -1.78
N LEU A 668 -16.79 -8.89 -1.97
CA LEU A 668 -17.93 -9.18 -2.83
C LEU A 668 -19.24 -9.32 -2.06
N THR A 669 -19.20 -9.36 -0.73
CA THR A 669 -20.40 -9.39 0.09
C THR A 669 -20.69 -8.06 0.76
N ASN A 670 -19.81 -7.07 0.60
CA ASN A 670 -19.99 -5.75 1.19
C ASN A 670 -19.37 -4.73 0.24
N GLN A 671 -20.21 -4.00 -0.49
CA GLN A 671 -19.71 -3.13 -1.54
C GLN A 671 -18.93 -1.94 -1.01
N ARG A 672 -19.07 -1.61 0.28
CA ARG A 672 -18.29 -0.51 0.83
C ARG A 672 -16.81 -0.87 0.91
N ILE A 673 -16.49 -2.03 1.48
CA ILE A 673 -15.11 -2.46 1.54
C ILE A 673 -14.64 -2.94 0.18
N GLY A 674 -15.56 -3.41 -0.66
CA GLY A 674 -15.20 -3.76 -2.03
C GLY A 674 -14.78 -2.55 -2.84
N HIS A 675 -15.34 -1.39 -2.53
CA HIS A 675 -14.95 -0.15 -3.22
C HIS A 675 -13.47 0.16 -2.98
N PHE A 676 -13.07 0.20 -1.71
CA PHE A 676 -11.67 0.49 -1.38
C PHE A 676 -10.76 -0.69 -1.67
N PHE A 677 -11.27 -1.91 -1.54
CA PHE A 677 -10.54 -3.09 -1.98
C PHE A 677 -10.08 -2.91 -3.42
N PHE A 678 -10.99 -2.46 -4.28
CA PHE A 678 -10.63 -2.24 -5.68
C PHE A 678 -9.57 -1.16 -5.80
N TRP A 679 -9.76 -0.02 -5.13
CA TRP A 679 -8.92 1.15 -5.40
C TRP A 679 -7.51 0.97 -4.83
N HIS A 680 -7.39 0.36 -3.64
CA HIS A 680 -6.06 0.11 -3.10
C HIS A 680 -5.28 -0.85 -3.98
N LEU A 681 -5.97 -1.82 -4.58
CA LEU A 681 -5.33 -2.70 -5.55
C LEU A 681 -5.02 -1.94 -6.84
N LYS A 682 -6.02 -1.25 -7.39
CA LYS A 682 -5.82 -0.50 -8.63
C LYS A 682 -4.69 0.51 -8.48
N SER A 683 -4.54 1.11 -7.31
CA SER A 683 -3.55 2.15 -7.11
C SER A 683 -2.12 1.65 -7.25
N GLU A 684 -1.91 0.33 -7.28
CA GLU A 684 -0.57 -0.24 -7.35
C GLU A 684 -0.34 -1.07 -8.62
N MET A 685 -1.21 -0.90 -9.62
CA MET A 685 -1.06 -1.66 -10.86
C MET A 685 0.25 -1.32 -11.56
N HIS A 686 0.75 -0.09 -11.39
CA HIS A 686 1.99 0.31 -12.05
C HIS A 686 3.18 -0.51 -11.56
N ASN A 687 3.17 -0.90 -10.29
CA ASN A 687 4.30 -1.59 -9.67
C ASN A 687 4.36 -3.02 -10.19
N LYS A 688 5.30 -3.28 -11.10
CA LYS A 688 5.37 -4.59 -11.74
C LYS A 688 5.75 -5.71 -10.79
N THR A 689 6.13 -5.40 -9.54
CA THR A 689 6.38 -6.46 -8.57
C THR A 689 5.09 -7.12 -8.09
N VAL A 690 3.93 -6.51 -8.34
CA VAL A 690 2.66 -7.05 -7.86
C VAL A 690 1.57 -6.92 -8.92
N SER A 691 1.89 -6.28 -10.05
CA SER A 691 0.86 -6.01 -11.06
C SER A 691 0.16 -7.29 -11.51
N GLN A 692 0.84 -8.43 -11.48
CA GLN A 692 0.20 -9.68 -11.87
C GLN A 692 -0.73 -10.19 -10.77
N ARG A 693 -0.23 -10.27 -9.54
CA ARG A 693 -1.05 -10.78 -8.44
C ARG A 693 -2.29 -9.92 -8.24
N PHE A 694 -2.11 -8.59 -8.14
CA PHE A 694 -3.26 -7.71 -7.96
C PHE A 694 -4.16 -7.73 -9.19
N GLY A 695 -3.58 -7.86 -10.38
CA GLY A 695 -4.38 -7.92 -11.59
C GLY A 695 -5.34 -9.10 -11.58
N LEU A 696 -4.80 -10.30 -11.36
CA LEU A 696 -5.65 -11.48 -11.27
C LEU A 696 -6.70 -11.32 -10.18
N LEU A 697 -6.35 -10.65 -9.09
CA LEU A 697 -7.30 -10.44 -7.99
C LEU A 697 -8.39 -9.45 -8.39
N LEU A 698 -8.01 -8.40 -9.13
CA LEU A 698 -9.01 -7.45 -9.61
C LEU A 698 -9.92 -8.09 -10.66
N GLU A 699 -9.33 -8.86 -11.58
CA GLU A 699 -10.13 -9.54 -12.59
C GLU A 699 -11.30 -10.29 -11.95
N SER A 700 -11.00 -11.09 -10.92
CA SER A 700 -12.04 -11.88 -10.27
C SER A 700 -13.04 -10.98 -9.57
N TYR A 701 -12.57 -9.89 -8.94
CA TYR A 701 -13.49 -8.96 -8.30
C TYR A 701 -14.42 -8.32 -9.30
N CYS A 702 -13.84 -7.68 -10.34
CA CYS A 702 -14.66 -7.01 -11.34
C CYS A 702 -15.60 -7.98 -12.05
N ARG A 703 -15.24 -9.26 -12.11
CA ARG A 703 -16.09 -10.26 -12.75
C ARG A 703 -17.27 -10.68 -11.88
N ALA A 704 -17.28 -10.29 -10.60
CA ALA A 704 -18.32 -10.74 -9.67
C ALA A 704 -18.89 -9.64 -8.80
N CYS A 705 -18.43 -8.40 -8.93
CA CYS A 705 -18.94 -7.31 -8.11
C CYS A 705 -20.32 -6.83 -8.55
N GLY A 706 -20.80 -7.24 -9.71
CA GLY A 706 -22.12 -6.87 -10.18
C GLY A 706 -22.12 -5.60 -11.00
N MET A 707 -23.28 -4.94 -11.02
CA MET A 707 -23.43 -3.70 -11.78
C MET A 707 -22.55 -2.57 -11.23
N TYR A 708 -21.94 -2.75 -10.06
CA TYR A 708 -21.07 -1.70 -9.54
C TYR A 708 -19.83 -1.50 -10.40
N LEU A 709 -19.45 -2.50 -11.21
CA LEU A 709 -18.35 -2.31 -12.15
C LEU A 709 -18.63 -1.14 -13.08
N LYS A 710 -19.89 -0.98 -13.50
CA LYS A 710 -20.24 0.15 -14.35
C LYS A 710 -19.89 1.47 -13.67
N HIS A 711 -20.17 1.58 -12.36
CA HIS A 711 -19.88 2.81 -11.65
C HIS A 711 -18.38 3.02 -11.48
N LEU A 712 -17.64 1.96 -11.17
CA LEU A 712 -16.19 2.09 -11.04
C LEU A 712 -15.57 2.60 -12.33
N ASN A 713 -16.07 2.14 -13.48
CA ASN A 713 -15.50 2.58 -14.75
C ASN A 713 -15.75 4.07 -15.00
N ARG A 714 -16.85 4.61 -14.47
CA ARG A 714 -17.07 6.05 -14.58
C ARG A 714 -16.12 6.83 -13.67
N GLN A 715 -15.78 6.28 -12.50
CA GLN A 715 -14.74 6.87 -11.69
C GLN A 715 -13.39 6.82 -12.40
N VAL A 716 -13.06 5.65 -12.97
CA VAL A 716 -11.76 5.46 -13.59
C VAL A 716 -11.58 6.40 -14.78
N GLU A 717 -12.61 6.57 -15.59
CA GLU A 717 -12.51 7.50 -16.71
C GLU A 717 -12.38 8.93 -16.21
N ALA A 718 -13.13 9.29 -15.17
CA ALA A 718 -13.04 10.64 -14.62
C ALA A 718 -11.62 10.92 -14.11
N MET A 719 -11.03 9.96 -13.40
CA MET A 719 -9.65 10.15 -12.95
C MET A 719 -8.69 10.20 -14.13
N GLU A 720 -8.88 9.31 -15.11
CA GLU A 720 -8.01 9.32 -16.28
C GLU A 720 -8.05 10.67 -16.98
N LYS A 721 -9.24 11.26 -17.11
CA LYS A 721 -9.34 12.57 -17.74
C LYS A 721 -8.63 13.63 -16.92
N LEU A 722 -8.74 13.55 -15.59
CA LEU A 722 -8.04 14.51 -14.74
C LEU A 722 -6.54 14.29 -14.77
N ILE A 723 -6.11 13.03 -14.85
CA ILE A 723 -4.68 12.74 -15.01
C ILE A 723 -4.15 13.36 -16.28
N ASN A 724 -4.79 13.08 -17.42
CA ASN A 724 -4.31 13.58 -18.69
C ASN A 724 -4.36 15.10 -18.76
N LEU A 725 -5.35 15.71 -18.10
CA LEU A 725 -5.39 17.18 -18.04
C LEU A 725 -4.19 17.73 -17.29
N THR A 726 -3.93 17.18 -16.09
CA THR A 726 -2.83 17.68 -15.28
C THR A 726 -1.47 17.37 -15.90
N ASP A 727 -1.36 16.25 -16.62
CA ASP A 727 -0.11 15.94 -17.33
C ASP A 727 0.18 16.97 -18.42
N ILE A 728 -0.87 17.48 -19.08
CA ILE A 728 -0.69 18.55 -20.06
C ILE A 728 -0.22 19.82 -19.37
N LEU A 729 -0.79 20.13 -18.21
CA LEU A 729 -0.35 21.32 -17.47
C LEU A 729 1.07 21.16 -16.96
N LYS A 730 1.45 19.94 -16.56
CA LYS A 730 2.80 19.70 -16.08
C LYS A 730 3.79 19.67 -17.23
N GLN A 731 3.58 18.77 -18.19
CA GLN A 731 4.61 18.47 -19.19
C GLN A 731 4.62 19.47 -20.34
N GLU A 732 3.46 19.99 -20.74
CA GLU A 732 3.35 20.82 -21.93
C GLU A 732 3.16 22.30 -21.64
N LYS A 733 3.00 22.70 -20.38
CA LYS A 733 2.75 24.10 -20.04
C LYS A 733 3.60 24.59 -18.87
N LYS A 734 4.65 23.87 -18.50
CA LYS A 734 5.60 24.40 -17.52
C LYS A 734 6.11 25.76 -17.96
N ASP A 735 6.36 25.93 -19.25
CA ASP A 735 6.98 27.12 -19.81
C ASP A 735 5.99 28.25 -20.07
N GLU A 736 4.76 28.15 -19.57
CA GLU A 736 3.72 29.13 -19.88
C GLU A 736 3.04 29.59 -18.59
N THR A 737 2.34 30.72 -18.69
CA THR A 737 2.01 31.52 -17.53
C THR A 737 0.88 30.88 -16.72
N GLN A 738 0.68 31.43 -15.51
CA GLN A 738 -0.40 30.98 -14.64
C GLN A 738 -1.76 31.23 -15.28
N LYS A 739 -1.96 32.44 -15.84
CA LYS A 739 -3.25 32.78 -16.41
C LYS A 739 -3.53 31.99 -17.69
N VAL A 740 -2.47 31.62 -18.43
CA VAL A 740 -2.65 30.81 -19.64
C VAL A 740 -3.16 29.43 -19.27
N GLN A 741 -2.52 28.79 -18.29
CA GLN A 741 -2.99 27.50 -17.82
C GLN A 741 -4.45 27.55 -17.41
N MET A 742 -4.85 28.63 -16.74
CA MET A 742 -6.24 28.76 -16.28
C MET A 742 -7.20 28.77 -17.46
N LYS A 743 -6.88 29.55 -18.50
CA LYS A 743 -7.76 29.66 -19.65
C LYS A 743 -7.89 28.33 -20.39
N PHE A 744 -6.79 27.56 -20.45
CA PHE A 744 -6.88 26.22 -21.04
C PHE A 744 -7.75 25.31 -20.18
N LEU A 745 -7.63 25.42 -18.85
CA LEU A 745 -8.42 24.59 -17.96
C LEU A 745 -9.90 24.80 -18.19
N VAL A 746 -10.36 26.05 -18.09
CA VAL A 746 -11.79 26.33 -18.26
C VAL A 746 -12.27 25.91 -19.64
N GLU A 747 -11.49 26.23 -20.68
CA GLU A 747 -11.83 25.77 -22.03
C GLU A 747 -11.87 24.24 -22.08
N GLN A 748 -10.87 23.58 -21.49
CA GLN A 748 -10.81 22.13 -21.56
C GLN A 748 -11.94 21.49 -20.77
N MET A 749 -12.26 22.05 -19.59
CA MET A 749 -13.36 21.51 -18.80
C MET A 749 -14.72 21.87 -19.40
N ARG A 750 -14.79 22.94 -20.18
CA ARG A 750 -16.03 23.36 -20.82
C ARG A 750 -16.46 22.42 -21.95
N ARG A 751 -15.57 21.55 -22.42
CA ARG A 751 -15.92 20.66 -23.52
C ARG A 751 -17.00 19.68 -23.10
N PRO A 752 -17.92 19.31 -24.00
CA PRO A 752 -19.02 18.43 -23.60
C PRO A 752 -18.56 17.07 -23.09
N ASP A 753 -17.69 16.39 -23.84
CA ASP A 753 -17.28 15.05 -23.44
C ASP A 753 -16.59 15.04 -22.09
N PHE A 754 -15.88 16.12 -21.74
CA PHE A 754 -15.26 16.20 -20.43
C PHE A 754 -16.30 16.30 -19.33
N MET A 755 -17.31 17.16 -19.51
CA MET A 755 -18.32 17.33 -18.48
C MET A 755 -19.20 16.10 -18.34
N ASP A 756 -19.52 15.44 -19.46
CA ASP A 756 -20.29 14.19 -19.38
C ASP A 756 -19.51 13.13 -18.61
N ALA A 757 -18.19 13.20 -18.61
CA ALA A 757 -17.36 12.25 -17.88
C ALA A 757 -17.16 12.66 -16.42
N LEU A 758 -17.00 13.95 -16.17
CA LEU A 758 -16.71 14.45 -14.83
C LEU A 758 -17.96 14.81 -14.03
N GLN A 759 -19.14 14.82 -14.64
CA GLN A 759 -20.38 15.13 -13.96
C GLN A 759 -21.23 13.87 -13.84
N GLY A 760 -21.70 13.60 -12.63
CA GLY A 760 -22.57 12.47 -12.38
C GLY A 760 -21.83 11.16 -12.16
N PHE A 761 -21.06 11.08 -11.07
CA PHE A 761 -20.38 9.86 -10.70
C PHE A 761 -20.08 9.91 -9.21
N LEU A 762 -19.80 8.74 -8.64
CA LEU A 762 -19.61 8.63 -7.20
C LEU A 762 -18.18 9.04 -6.81
N SER A 763 -18.06 9.70 -5.66
CA SER A 763 -16.77 10.16 -5.18
C SER A 763 -15.92 8.98 -4.72
N PRO A 764 -14.72 8.78 -5.27
CA PRO A 764 -13.88 7.68 -4.78
C PRO A 764 -13.49 7.80 -3.31
N LEU A 765 -13.54 9.01 -2.74
CA LEU A 765 -13.21 9.17 -1.33
C LEU A 765 -14.30 8.58 -0.44
N ASN A 766 -15.55 8.69 -0.86
CA ASN A 766 -16.68 8.07 -0.19
C ASN A 766 -17.79 7.87 -1.22
N PRO A 767 -18.01 6.64 -1.71
CA PRO A 767 -19.01 6.45 -2.76
C PRO A 767 -20.43 6.83 -2.35
N ALA A 768 -20.69 7.02 -1.06
CA ALA A 768 -21.99 7.52 -0.64
C ALA A 768 -22.23 8.95 -1.11
N HIS A 769 -21.17 9.68 -1.44
CA HIS A 769 -21.28 11.05 -1.93
C HIS A 769 -21.41 11.01 -3.46
N GLN A 770 -22.57 11.42 -3.96
CA GLN A 770 -22.72 11.60 -5.40
C GLN A 770 -22.09 12.92 -5.82
N LEU A 771 -21.34 12.88 -6.92
CA LEU A 771 -20.75 14.07 -7.51
C LEU A 771 -21.56 14.42 -8.76
N GLY A 772 -22.37 15.47 -8.66
CA GLY A 772 -23.23 15.87 -9.75
C GLY A 772 -22.56 16.83 -10.71
N ASN A 773 -23.21 17.97 -10.97
CA ASN A 773 -22.65 18.94 -11.89
C ASN A 773 -21.46 19.66 -11.26
N LEU A 774 -20.57 20.15 -12.12
CA LEU A 774 -19.41 20.91 -11.66
C LEU A 774 -19.80 22.36 -11.46
N ARG A 775 -19.28 22.95 -10.39
CA ARG A 775 -19.32 24.40 -10.22
C ARG A 775 -18.03 24.99 -10.80
N LEU A 776 -17.93 24.88 -12.13
CA LEU A 776 -16.78 25.39 -12.85
C LEU A 776 -16.40 26.79 -12.39
N GLU A 777 -17.40 27.59 -12.01
CA GLU A 777 -17.17 28.90 -11.41
C GLU A 777 -16.15 28.84 -10.28
N GLU A 778 -16.04 27.70 -9.61
CA GLU A 778 -15.23 27.57 -8.41
C GLU A 778 -14.01 26.67 -8.57
N CYS A 779 -13.82 26.06 -9.74
CA CYS A 779 -12.67 25.20 -9.96
C CYS A 779 -11.46 26.04 -10.37
N ARG A 780 -10.27 25.53 -10.06
CA ARG A 780 -9.05 26.30 -10.27
C ARG A 780 -7.83 25.39 -10.23
N ILE A 781 -6.75 25.87 -10.83
CA ILE A 781 -5.41 25.36 -10.51
C ILE A 781 -4.97 25.96 -9.17
N MET A 782 -4.00 25.32 -8.54
CA MET A 782 -3.53 25.73 -7.23
C MET A 782 -2.05 26.13 -7.29
N SER A 783 -1.64 26.91 -6.30
CA SER A 783 -0.32 27.54 -6.32
C SER A 783 0.81 26.54 -6.19
N SER A 784 0.56 25.34 -5.67
CA SER A 784 1.63 24.36 -5.48
C SER A 784 2.33 24.10 -6.81
N ALA A 785 3.65 23.89 -6.73
CA ALA A 785 4.46 23.75 -7.94
C ALA A 785 4.04 22.54 -8.77
N LYS A 786 3.50 21.51 -8.12
CA LYS A 786 2.92 20.38 -8.85
C LYS A 786 1.52 20.67 -9.35
N ARG A 787 0.99 21.88 -9.10
CA ARG A 787 -0.23 22.43 -9.67
C ARG A 787 -1.36 21.42 -9.67
N PRO A 788 -1.91 21.10 -8.51
CA PRO A 788 -3.11 20.25 -8.45
C PRO A 788 -4.37 21.07 -8.73
N LEU A 789 -5.48 20.34 -8.83
CA LEU A 789 -6.77 20.93 -9.20
C LEU A 789 -7.68 20.99 -8.00
N TRP A 790 -8.27 22.17 -7.76
CA TRP A 790 -9.34 22.34 -6.79
C TRP A 790 -10.65 22.15 -7.54
N LEU A 791 -11.34 21.05 -7.28
CA LEU A 791 -12.57 20.71 -7.98
C LEU A 791 -13.76 20.78 -7.03
N ASN A 792 -14.91 21.18 -7.58
CA ASN A 792 -16.12 21.42 -6.79
C ASN A 792 -17.33 20.95 -7.57
N TRP A 793 -18.09 20.02 -7.00
CA TRP A 793 -19.33 19.52 -7.58
C TRP A 793 -20.52 19.93 -6.73
N GLU A 794 -21.68 20.02 -7.36
CA GLU A 794 -22.94 20.13 -6.63
C GLU A 794 -23.34 18.75 -6.10
N ASN A 795 -24.04 18.74 -4.97
CA ASN A 795 -24.55 17.50 -4.41
C ASN A 795 -25.95 17.27 -4.95
N PRO A 796 -26.16 16.30 -5.85
CA PRO A 796 -27.48 16.15 -6.49
C PRO A 796 -28.56 15.56 -5.59
N ASP A 797 -28.27 15.27 -4.34
CA ASP A 797 -29.27 14.68 -3.46
C ASP A 797 -30.49 15.58 -3.38
N ILE A 798 -31.68 14.95 -3.31
CA ILE A 798 -32.92 15.70 -3.24
C ILE A 798 -32.92 16.65 -2.06
N MET A 799 -32.25 16.26 -0.97
CA MET A 799 -32.19 17.09 0.23
C MET A 799 -30.74 17.43 0.55
N SER A 800 -29.99 17.86 -0.46
CA SER A 800 -28.58 18.16 -0.27
C SER A 800 -28.37 19.27 0.74
N GLU A 801 -29.32 20.19 0.86
CA GLU A 801 -29.14 21.35 1.73
C GLU A 801 -29.00 20.95 3.20
N LEU A 802 -29.38 19.73 3.57
CA LEU A 802 -29.33 19.29 4.96
C LEU A 802 -28.02 18.61 5.32
N LEU A 803 -27.05 18.58 4.42
CA LEU A 803 -25.74 17.99 4.71
C LEU A 803 -24.64 18.90 4.17
N PHE A 804 -24.46 18.91 2.86
CA PHE A 804 -23.63 19.92 2.21
C PHE A 804 -24.07 20.03 0.76
N GLN A 805 -24.25 21.27 0.30
CA GLN A 805 -24.83 21.53 -1.01
C GLN A 805 -23.79 21.51 -2.14
N ASN A 806 -22.51 21.66 -1.81
CA ASN A 806 -21.44 21.55 -2.80
C ASN A 806 -20.25 20.86 -2.18
N ASN A 807 -19.67 19.93 -2.93
CA ASN A 807 -18.61 19.04 -2.45
C ASN A 807 -17.34 19.30 -3.25
N GLU A 808 -16.25 19.59 -2.56
CA GLU A 808 -15.00 19.97 -3.21
C GLU A 808 -13.87 19.06 -2.79
N ILE A 809 -13.01 18.72 -3.76
CA ILE A 809 -11.92 17.78 -3.59
C ILE A 809 -10.70 18.32 -4.34
N ILE A 810 -9.52 18.05 -3.81
CA ILE A 810 -8.27 18.39 -4.48
C ILE A 810 -7.73 17.14 -5.16
N PHE A 811 -7.57 17.21 -6.48
CA PHE A 811 -6.93 16.16 -7.26
C PHE A 811 -5.49 16.56 -7.53
N LYS A 812 -4.54 15.76 -7.04
CA LYS A 812 -3.12 16.08 -7.15
C LYS A 812 -2.39 14.98 -7.91
N ASN A 813 -1.54 15.38 -8.86
CA ASN A 813 -0.83 14.47 -9.73
C ASN A 813 0.66 14.80 -9.67
N GLY A 814 1.42 13.94 -8.99
CA GLY A 814 2.85 14.14 -8.88
C GLY A 814 3.39 13.75 -7.52
N ASP A 815 2.54 13.77 -6.50
CA ASP A 815 2.95 13.47 -5.13
C ASP A 815 2.52 12.06 -4.74
N ASP A 816 3.42 11.36 -4.06
CA ASP A 816 3.08 10.08 -3.45
C ASP A 816 2.20 10.32 -2.23
N LEU A 817 0.98 9.78 -2.26
CA LEU A 817 -0.01 10.07 -1.23
C LEU A 817 -0.15 8.98 -0.19
N ARG A 818 0.42 7.80 -0.42
CA ARG A 818 0.25 6.72 0.55
C ARG A 818 0.86 7.07 1.90
N GLN A 819 1.76 8.05 1.96
CA GLN A 819 2.23 8.53 3.26
C GLN A 819 1.13 9.23 4.02
N ASP A 820 0.36 10.08 3.33
CA ASP A 820 -0.75 10.77 3.98
C ASP A 820 -1.89 9.82 4.30
N MET A 821 -2.17 8.87 3.39
CA MET A 821 -3.18 7.85 3.68
C MET A 821 -2.87 7.13 5.00
N LEU A 822 -1.65 6.60 5.12
CA LEU A 822 -1.30 5.83 6.31
C LEU A 822 -1.29 6.71 7.55
N THR A 823 -0.82 7.96 7.41
CA THR A 823 -0.80 8.85 8.56
C THR A 823 -2.23 9.22 8.98
N LEU A 824 -3.05 9.63 8.02
CA LEU A 824 -4.44 9.98 8.34
C LEU A 824 -5.19 8.77 8.92
N GLN A 825 -4.95 7.58 8.35
CA GLN A 825 -5.54 6.37 8.91
C GLN A 825 -5.09 6.16 10.35
N ILE A 826 -3.79 6.31 10.61
CA ILE A 826 -3.25 6.12 11.95
C ILE A 826 -3.83 7.15 12.91
N ILE A 827 -4.07 8.38 12.43
CA ILE A 827 -4.69 9.40 13.28
C ILE A 827 -6.13 9.01 13.60
N ARG A 828 -6.83 8.39 12.65
CA ARG A 828 -8.19 7.96 12.91
C ARG A 828 -8.24 6.81 13.92
N ILE A 829 -7.24 5.93 13.91
CA ILE A 829 -7.17 4.90 14.94
C ILE A 829 -7.02 5.54 16.31
N MET A 830 -6.07 6.47 16.45
CA MET A 830 -5.81 7.09 17.74
C MET A 830 -7.03 7.82 18.26
N GLU A 831 -7.74 8.54 17.39
CA GLU A 831 -8.98 9.20 17.82
C GLU A 831 -10.01 8.17 18.28
N ASN A 832 -10.13 7.06 17.55
CA ASN A 832 -11.08 6.02 17.93
C ASN A 832 -10.74 5.45 19.30
N ILE A 833 -9.45 5.28 19.59
CA ILE A 833 -9.04 4.80 20.91
C ILE A 833 -9.40 5.81 21.98
N TRP A 834 -9.10 7.09 21.73
CA TRP A 834 -9.38 8.13 22.71
C TRP A 834 -10.87 8.25 22.99
N GLN A 835 -11.69 8.22 21.94
CA GLN A 835 -13.13 8.37 22.13
C GLN A 835 -13.69 7.25 23.00
N ASN A 836 -13.31 6.00 22.72
CA ASN A 836 -13.86 4.88 23.46
C ASN A 836 -13.36 4.83 24.90
N GLN A 837 -12.20 5.44 25.19
CA GLN A 837 -11.74 5.55 26.57
C GLN A 837 -12.44 6.68 27.32
N GLY A 838 -12.97 7.68 26.60
CA GLY A 838 -13.62 8.82 27.21
C GLY A 838 -12.92 10.14 27.00
N LEU A 839 -11.82 10.16 26.23
CA LEU A 839 -11.14 11.40 25.90
C LEU A 839 -11.75 11.95 24.61
N ASP A 840 -12.52 13.03 24.74
CA ASP A 840 -13.19 13.63 23.59
C ASP A 840 -12.23 14.57 22.86
N LEU A 841 -11.11 13.99 22.43
CA LEU A 841 -10.11 14.71 21.63
C LEU A 841 -10.49 14.58 20.17
N ARG A 842 -10.85 15.69 19.54
CA ARG A 842 -11.36 15.69 18.17
C ARG A 842 -10.21 15.83 17.19
N MET A 843 -9.98 14.79 16.40
CA MET A 843 -9.05 14.82 15.29
C MET A 843 -9.83 15.01 13.99
N LEU A 844 -9.09 15.30 12.92
CA LEU A 844 -9.68 15.53 11.60
C LEU A 844 -8.92 14.69 10.58
N PRO A 845 -9.13 13.37 10.58
CA PRO A 845 -8.56 12.53 9.54
C PRO A 845 -9.30 12.69 8.22
N TYR A 846 -9.09 13.83 7.55
CA TYR A 846 -9.78 14.10 6.30
C TYR A 846 -9.47 13.02 5.28
N GLY A 847 -10.32 12.94 4.26
CA GLY A 847 -10.21 11.88 3.27
C GLY A 847 -8.98 12.06 2.40
N CYS A 848 -8.27 10.95 2.19
CA CYS A 848 -7.13 10.92 1.28
C CYS A 848 -7.07 9.53 0.67
N LEU A 849 -6.85 9.47 -0.65
CA LEU A 849 -6.83 8.19 -1.35
C LEU A 849 -5.84 8.26 -2.50
N SER A 850 -4.91 7.29 -2.53
CA SER A 850 -4.05 7.11 -3.68
C SER A 850 -4.78 6.26 -4.72
N ILE A 851 -4.75 6.70 -5.97
CA ILE A 851 -5.39 5.99 -7.07
C ILE A 851 -4.39 5.48 -8.09
N GLY A 852 -3.10 5.65 -7.84
CA GLY A 852 -2.09 5.23 -8.79
C GLY A 852 -0.73 5.77 -8.38
N ASP A 853 0.21 5.68 -9.33
CA ASP A 853 1.57 6.16 -9.09
C ASP A 853 1.57 7.67 -8.86
N CYS A 854 1.73 8.09 -7.60
CA CYS A 854 1.85 9.49 -7.24
C CYS A 854 0.68 10.31 -7.81
N VAL A 855 -0.53 9.89 -7.44
CA VAL A 855 -1.73 10.58 -7.87
C VAL A 855 -2.87 10.14 -6.96
N GLY A 856 -3.75 11.08 -6.62
CA GLY A 856 -4.90 10.74 -5.82
C GLY A 856 -5.69 11.97 -5.44
N LEU A 857 -6.61 11.77 -4.49
CA LEU A 857 -7.61 12.75 -4.11
C LEU A 857 -7.49 13.10 -2.63
N ILE A 858 -7.66 14.38 -2.31
CA ILE A 858 -7.68 14.86 -0.93
C ILE A 858 -8.96 15.63 -0.71
N GLU A 859 -9.66 15.32 0.38
CA GLU A 859 -10.87 16.05 0.76
C GLU A 859 -10.51 17.43 1.29
N VAL A 860 -11.08 18.47 0.69
CA VAL A 860 -10.96 19.81 1.26
C VAL A 860 -11.95 19.91 2.42
N VAL A 861 -11.51 20.55 3.50
CA VAL A 861 -12.31 20.72 4.70
C VAL A 861 -12.71 22.18 4.78
N ARG A 862 -14.02 22.43 4.73
CA ARG A 862 -14.52 23.78 4.50
C ARG A 862 -14.37 24.63 5.76
N ASN A 863 -14.43 25.95 5.55
CA ASN A 863 -14.36 26.93 6.63
C ASN A 863 -13.14 26.68 7.52
N SER A 864 -11.98 26.59 6.91
CA SER A 864 -10.73 26.38 7.64
C SER A 864 -9.61 27.17 6.99
N HIS A 865 -8.63 27.56 7.80
CA HIS A 865 -7.48 28.32 7.35
C HIS A 865 -6.23 27.78 8.02
N THR A 866 -5.08 28.09 7.43
CA THR A 866 -3.81 27.78 8.06
C THR A 866 -3.50 28.82 9.14
N ILE A 867 -2.62 28.45 10.06
CA ILE A 867 -2.18 29.39 11.09
C ILE A 867 -1.44 30.56 10.45
N MET A 868 -0.65 30.28 9.41
CA MET A 868 0.01 31.35 8.67
C MET A 868 -1.02 32.30 8.05
N GLN A 869 -2.05 31.74 7.42
CA GLN A 869 -3.11 32.57 6.84
C GLN A 869 -3.76 33.45 7.90
N ILE A 870 -3.89 32.93 9.13
CA ILE A 870 -4.58 33.68 10.18
C ILE A 870 -3.67 34.74 10.78
N GLN A 871 -2.36 34.48 10.85
CA GLN A 871 -1.43 35.52 11.28
C GLN A 871 -1.46 36.70 10.32
N CYS A 872 -1.54 36.42 9.03
CA CYS A 872 -1.62 37.47 8.02
C CYS A 872 -2.94 38.25 8.06
N LYS A 873 -3.94 37.75 8.79
CA LYS A 873 -5.18 38.49 9.00
C LYS A 873 -5.04 39.54 10.09
N GLY A 874 -4.08 39.39 10.99
CA GLY A 874 -3.82 40.34 12.05
C GLY A 874 -2.81 41.39 11.65
N GLY A 875 -2.03 41.84 12.63
CA GLY A 875 -1.01 42.84 12.40
C GLY A 875 0.28 42.48 13.09
N LEU A 876 1.27 43.35 12.93
CA LEU A 876 2.56 43.20 13.57
C LEU A 876 2.52 43.85 14.95
N LYS A 877 3.37 43.34 15.85
CA LYS A 877 3.43 43.88 17.21
C LYS A 877 4.87 44.23 17.55
N GLY A 878 5.72 43.22 17.73
CA GLY A 878 7.14 43.45 17.83
C GLY A 878 7.71 43.90 16.51
N ALA A 879 8.97 44.33 16.53
CA ALA A 879 9.63 44.76 15.31
C ALA A 879 9.59 43.64 14.29
N LEU A 880 8.74 43.78 13.27
CA LEU A 880 8.58 42.76 12.23
C LEU A 880 8.13 41.41 12.80
N GLN A 881 7.43 41.43 13.93
CA GLN A 881 6.89 40.23 14.55
C GLN A 881 5.38 40.24 14.47
N PHE A 882 4.80 39.10 14.08
CA PHE A 882 3.36 38.96 14.08
C PHE A 882 2.82 38.97 15.50
N ASN A 883 1.59 39.46 15.65
CA ASN A 883 0.95 39.50 16.97
C ASN A 883 0.59 38.09 17.40
N SER A 884 1.13 37.65 18.54
CA SER A 884 0.87 36.29 19.01
C SER A 884 -0.60 36.08 19.35
N HIS A 885 -1.32 37.15 19.71
CA HIS A 885 -2.74 37.06 20.04
C HIS A 885 -3.63 37.05 18.81
N THR A 886 -3.07 37.22 17.61
CA THR A 886 -3.89 37.28 16.41
C THR A 886 -4.75 36.04 16.23
N LEU A 887 -4.28 34.89 16.71
CA LEU A 887 -5.07 33.66 16.60
C LEU A 887 -6.25 33.69 17.56
N HIS A 888 -6.01 34.08 18.82
CA HIS A 888 -7.09 34.15 19.79
C HIS A 888 -8.12 35.18 19.40
N GLN A 889 -7.70 36.27 18.75
CA GLN A 889 -8.65 37.30 18.35
C GLN A 889 -9.51 36.84 17.16
N TRP A 890 -8.90 36.10 16.22
CA TRP A 890 -9.69 35.54 15.13
C TRP A 890 -10.68 34.51 15.64
N LEU A 891 -10.29 33.74 16.66
CA LEU A 891 -11.22 32.81 17.28
C LEU A 891 -12.40 33.54 17.91
N LYS A 892 -12.11 34.62 18.65
CA LYS A 892 -13.18 35.40 19.27
C LYS A 892 -14.11 35.98 18.21
N ASP A 893 -13.55 36.53 17.14
CA ASP A 893 -14.37 37.15 16.10
C ASP A 893 -15.29 36.13 15.43
N LYS A 894 -14.84 34.88 15.30
CA LYS A 894 -15.63 33.84 14.67
C LYS A 894 -16.54 33.09 15.62
N ASN A 895 -16.40 33.31 16.94
CA ASN A 895 -17.23 32.64 17.94
C ASN A 895 -17.67 33.67 18.99
N LYS A 896 -18.43 34.67 18.55
CA LYS A 896 -18.95 35.67 19.46
C LYS A 896 -20.00 35.06 20.38
N GLY A 897 -20.01 35.50 21.63
CA GLY A 897 -21.05 35.12 22.55
C GLY A 897 -20.74 33.85 23.31
N GLU A 898 -21.81 33.20 23.76
CA GLU A 898 -21.69 32.01 24.60
C GLU A 898 -20.95 30.87 23.92
N ILE A 899 -20.90 30.86 22.58
CA ILE A 899 -20.25 29.80 21.84
C ILE A 899 -18.73 29.93 21.95
N TYR A 900 -18.27 30.99 22.61
CA TYR A 900 -16.83 31.17 22.79
C TYR A 900 -16.23 30.01 23.58
N ASP A 901 -16.80 29.71 24.75
CA ASP A 901 -16.25 28.65 25.59
C ASP A 901 -16.19 27.32 24.86
N ALA A 902 -17.13 27.07 23.95
CA ALA A 902 -17.11 25.81 23.20
C ALA A 902 -15.94 25.78 22.23
N ALA A 903 -15.65 26.91 21.57
CA ALA A 903 -14.54 26.94 20.62
C ALA A 903 -13.20 26.76 21.33
N ILE A 904 -13.00 27.41 22.47
CA ILE A 904 -11.78 27.21 23.23
C ILE A 904 -11.65 25.75 23.65
N ASP A 905 -12.76 25.13 24.06
CA ASP A 905 -12.73 23.72 24.43
C ASP A 905 -12.38 22.86 23.23
N LEU A 906 -12.90 23.21 22.05
CA LEU A 906 -12.62 22.43 20.86
C LEU A 906 -11.18 22.62 20.39
N PHE A 907 -10.65 23.84 20.48
CA PHE A 907 -9.26 24.06 20.11
C PHE A 907 -8.32 23.35 21.06
N THR A 908 -8.57 23.43 22.37
CA THR A 908 -7.67 22.83 23.34
C THR A 908 -7.67 21.30 23.21
N ARG A 909 -8.83 20.71 22.91
CA ARG A 909 -8.91 19.27 22.79
C ARG A 909 -8.25 18.77 21.50
N SER A 910 -8.57 19.40 20.37
CA SER A 910 -7.94 19.01 19.11
C SER A 910 -6.45 19.31 19.14
N CYS A 911 -6.05 20.41 19.77
CA CYS A 911 -4.63 20.72 19.89
C CYS A 911 -3.90 19.66 20.70
N ALA A 912 -4.47 19.26 21.83
CA ALA A 912 -3.87 18.20 22.63
C ALA A 912 -3.74 16.91 21.83
N GLY A 913 -4.76 16.59 21.03
CA GLY A 913 -4.71 15.36 20.26
C GLY A 913 -3.57 15.33 19.28
N TYR A 914 -3.38 16.43 18.53
CA TYR A 914 -2.34 16.47 17.51
C TYR A 914 -0.95 16.63 18.12
N CYS A 915 -0.84 17.37 19.24
CA CYS A 915 0.43 17.44 19.94
C CYS A 915 0.94 16.05 20.28
N VAL A 916 0.07 15.21 20.85
CA VAL A 916 0.47 13.85 21.21
C VAL A 916 0.72 13.03 19.94
N ALA A 917 -0.23 13.04 19.01
CA ALA A 917 -0.11 12.23 17.81
C ALA A 917 1.17 12.57 17.04
N THR A 918 1.40 13.86 16.78
CA THR A 918 2.55 14.23 15.97
C THR A 918 3.87 13.93 16.68
N PHE A 919 3.91 14.05 18.00
CA PHE A 919 5.12 13.68 18.72
C PHE A 919 5.41 12.20 18.56
N ILE A 920 4.42 11.35 18.85
CA ILE A 920 4.62 9.90 18.79
C ILE A 920 5.13 9.48 17.43
N LEU A 921 4.57 10.04 16.36
CA LEU A 921 4.88 9.63 15.00
C LEU A 921 6.04 10.40 14.40
N GLY A 922 6.75 11.20 15.18
CA GLY A 922 7.87 11.98 14.64
C GLY A 922 7.44 12.99 13.61
N ILE A 923 6.27 13.62 13.81
CA ILE A 923 5.70 14.59 12.89
C ILE A 923 5.68 15.98 13.50
N GLY A 924 6.37 16.18 14.62
CA GLY A 924 6.12 17.37 15.43
C GLY A 924 6.45 18.67 14.72
N ASP A 925 7.63 18.75 14.10
CA ASP A 925 8.20 20.03 13.66
C ASP A 925 7.54 20.48 12.36
N ARG A 926 6.30 20.94 12.48
CA ARG A 926 5.53 21.43 11.34
C ARG A 926 5.66 22.95 11.21
N HIS A 927 5.42 23.43 10.00
CA HIS A 927 5.38 24.85 9.68
C HIS A 927 3.98 25.40 9.95
N ASN A 928 3.91 26.72 10.18
CA ASN A 928 2.62 27.34 10.45
C ASN A 928 1.65 27.18 9.28
N SER A 929 2.16 26.95 8.06
CA SER A 929 1.31 26.73 6.90
C SER A 929 0.89 25.28 6.75
N ASN A 930 1.40 24.38 7.61
CA ASN A 930 1.01 22.98 7.62
C ASN A 930 0.05 22.66 8.77
N ILE A 931 -0.25 23.63 9.62
CA ILE A 931 -1.25 23.49 10.68
C ILE A 931 -2.45 24.36 10.30
N MET A 932 -3.65 23.84 10.53
CA MET A 932 -4.88 24.51 10.14
C MET A 932 -5.86 24.51 11.30
N VAL A 933 -6.87 25.36 11.17
CA VAL A 933 -7.91 25.49 12.18
C VAL A 933 -9.20 25.93 11.50
N LYS A 934 -10.31 25.29 11.87
CA LYS A 934 -11.62 25.69 11.39
C LYS A 934 -12.11 26.93 12.12
N ASP A 935 -13.05 27.64 11.49
CA ASP A 935 -13.81 28.66 12.21
C ASP A 935 -14.45 28.06 13.46
N ASP A 936 -14.88 26.79 13.35
CA ASP A 936 -15.41 26.05 14.49
C ASP A 936 -14.46 26.09 15.68
N GLY A 937 -13.15 26.18 15.42
CA GLY A 937 -12.14 26.08 16.45
C GLY A 937 -11.33 24.80 16.39
N GLN A 938 -11.67 23.89 15.48
CA GLN A 938 -11.00 22.59 15.41
C GLN A 938 -9.67 22.71 14.67
N LEU A 939 -8.61 22.23 15.31
CA LEU A 939 -7.26 22.29 14.77
C LEU A 939 -6.85 20.94 14.18
N PHE A 940 -6.09 20.98 13.10
CA PHE A 940 -5.62 19.77 12.45
C PHE A 940 -4.40 20.07 11.58
N HIS A 941 -3.56 19.06 11.41
CA HIS A 941 -2.36 19.16 10.59
C HIS A 941 -2.63 18.59 9.20
N ILE A 942 -1.79 18.98 8.24
CA ILE A 942 -1.99 18.63 6.83
C ILE A 942 -0.63 18.36 6.18
N ASP A 943 -0.69 17.85 4.95
CA ASP A 943 0.48 17.61 4.11
C ASP A 943 1.58 16.89 4.89
N PHE A 944 1.26 15.67 5.32
CA PHE A 944 2.21 14.89 6.10
C PHE A 944 3.34 14.36 5.23
N GLY A 945 3.01 13.92 4.02
CA GLY A 945 4.06 13.45 3.11
C GLY A 945 5.05 14.54 2.74
N HIS A 946 4.54 15.77 2.57
CA HIS A 946 5.43 16.90 2.30
C HIS A 946 6.49 17.03 3.40
N PHE A 947 6.11 16.76 4.64
CA PHE A 947 7.05 16.89 5.75
C PHE A 947 8.08 15.78 5.74
N LEU A 948 7.68 14.54 5.42
CA LEU A 948 8.63 13.43 5.38
C LEU A 948 9.66 13.64 4.28
N ASP A 949 9.22 14.07 3.10
CA ASP A 949 10.17 14.34 2.02
C ASP A 949 11.10 15.50 2.38
N HIS A 950 10.58 16.52 3.06
CA HIS A 950 11.40 17.66 3.44
C HIS A 950 12.48 17.27 4.44
N LYS A 951 12.21 16.28 5.30
CA LYS A 951 13.21 15.82 6.25
C LYS A 951 14.52 15.49 5.54
N LYS A 952 14.43 14.75 4.43
CA LYS A 952 15.58 14.49 3.58
C LYS A 952 15.15 14.10 2.18
N ARG A 961 13.52 21.85 15.00
CA ARG A 961 13.84 20.87 16.02
C ARG A 961 13.03 21.13 17.30
N VAL A 962 11.92 20.41 17.44
CA VAL A 962 11.06 20.51 18.61
C VAL A 962 10.23 19.23 18.71
N PRO A 963 9.97 18.71 19.92
CA PRO A 963 9.14 17.50 20.00
C PRO A 963 7.79 17.64 19.32
N PHE A 964 7.12 18.78 19.51
CA PHE A 964 5.87 19.04 18.82
C PHE A 964 5.57 20.52 18.94
N VAL A 965 4.79 21.03 17.98
CA VAL A 965 4.49 22.46 17.91
C VAL A 965 3.47 22.81 19.00
N LEU A 966 3.94 23.51 20.03
CA LEU A 966 3.08 24.09 21.05
C LEU A 966 3.41 25.58 21.17
N THR A 967 3.24 26.28 20.05
CA THR A 967 3.66 27.67 19.95
C THR A 967 2.91 28.54 20.94
N GLN A 968 3.44 29.76 21.15
CA GLN A 968 2.82 30.68 22.09
C GLN A 968 1.41 31.05 21.64
N ASP A 969 1.19 31.18 20.32
CA ASP A 969 -0.13 31.53 19.83
C ASP A 969 -1.18 30.53 20.31
N PHE A 970 -0.82 29.25 20.39
CA PHE A 970 -1.76 28.24 20.88
C PHE A 970 -2.02 28.42 22.37
N LEU A 971 -0.99 28.75 23.14
CA LEU A 971 -1.16 28.94 24.58
C LEU A 971 -2.06 30.13 24.89
N ILE A 972 -2.03 31.18 24.04
CA ILE A 972 -2.92 32.31 24.24
C ILE A 972 -4.37 31.86 24.22
N VAL A 973 -4.75 31.08 23.20
CA VAL A 973 -6.13 30.67 23.07
C VAL A 973 -6.49 29.57 24.06
N ILE A 974 -5.56 28.67 24.39
CA ILE A 974 -5.84 27.63 25.36
C ILE A 974 -6.14 28.25 26.73
N SER A 975 -5.33 29.23 27.13
CA SER A 975 -5.51 29.92 28.40
C SER A 975 -6.49 31.08 28.32
N LYS A 976 -7.13 31.27 27.17
CA LYS A 976 -8.14 32.33 27.00
C LYS A 976 -7.51 33.72 27.14
N GLY A 977 -6.34 33.90 26.55
CA GLY A 977 -5.72 35.22 26.47
C GLY A 977 -5.15 35.75 27.77
N ALA A 978 -4.56 34.89 28.59
CA ALA A 978 -4.04 35.27 29.90
C ALA A 978 -2.55 35.57 29.82
N GLN A 979 -2.07 36.30 30.83
CA GLN A 979 -0.64 36.51 31.01
C GLN A 979 -0.03 35.30 31.70
N GLU A 980 1.26 35.07 31.44
CA GLU A 980 1.95 33.86 31.86
C GLU A 980 1.04 32.65 31.71
N CYS A 981 0.54 32.47 30.48
CA CYS A 981 -0.49 31.50 30.18
C CYS A 981 -0.13 30.07 30.58
N THR A 982 1.15 29.80 30.85
CA THR A 982 1.56 28.46 31.25
C THR A 982 1.26 28.15 32.70
N LYS A 983 0.71 29.10 33.46
CA LYS A 983 0.44 28.91 34.89
C LYS A 983 -1.04 28.98 35.24
N THR A 984 -1.92 29.06 34.25
CA THR A 984 -3.35 29.09 34.52
C THR A 984 -3.89 27.66 34.64
N ARG A 985 -5.14 27.57 35.08
CA ARG A 985 -5.78 26.27 35.26
C ARG A 985 -6.38 25.71 33.98
N GLU A 986 -6.49 26.52 32.93
CA GLU A 986 -6.81 25.97 31.62
C GLU A 986 -5.64 25.16 31.06
N PHE A 987 -4.44 25.75 31.11
CA PHE A 987 -3.25 25.00 30.72
C PHE A 987 -2.98 23.84 31.66
N GLU A 988 -3.37 23.97 32.92
CA GLU A 988 -3.18 22.87 33.87
C GLU A 988 -3.90 21.61 33.41
N ARG A 989 -5.16 21.76 33.01
CA ARG A 989 -5.94 20.62 32.52
C ARG A 989 -5.71 20.33 31.05
N PHE A 990 -4.95 21.18 30.35
CA PHE A 990 -4.57 20.88 28.97
C PHE A 990 -3.44 19.86 28.92
N GLN A 991 -2.37 20.10 29.66
CA GLN A 991 -1.27 19.15 29.69
C GLN A 991 -1.69 17.82 30.32
N GLU A 992 -2.75 17.82 31.13
CA GLU A 992 -3.24 16.56 31.69
C GLU A 992 -4.00 15.77 30.63
N MET A 993 -4.69 16.45 29.71
CA MET A 993 -5.26 15.76 28.55
C MET A 993 -4.17 15.10 27.73
N CYS A 994 -3.07 15.81 27.47
CA CYS A 994 -1.98 15.25 26.68
C CYS A 994 -1.38 14.02 27.37
N TYR A 995 -1.17 14.08 28.68
CA TYR A 995 -0.64 12.94 29.41
C TYR A 995 -1.55 11.72 29.23
N LYS A 996 -2.84 11.89 29.53
CA LYS A 996 -3.78 10.77 29.39
C LYS A 996 -3.81 10.26 27.95
N ALA A 997 -3.82 11.17 26.98
CA ALA A 997 -3.84 10.76 25.58
C ALA A 997 -2.58 9.99 25.21
N TYR A 998 -1.44 10.38 25.78
CA TYR A 998 -0.19 9.68 25.49
C TYR A 998 -0.21 8.25 26.02
N LEU A 999 -0.47 8.09 27.32
CA LEU A 999 -0.49 6.75 27.90
C LEU A 999 -1.61 5.91 27.32
N ALA A 1000 -2.68 6.54 26.82
CA ALA A 1000 -3.73 5.77 26.17
C ALA A 1000 -3.22 5.11 24.90
N ILE A 1001 -2.39 5.80 24.14
CA ILE A 1001 -1.83 5.22 22.92
C ILE A 1001 -0.78 4.17 23.25
N ARG A 1002 0.00 4.41 24.31
CA ARG A 1002 0.96 3.40 24.75
C ARG A 1002 0.25 2.12 25.18
N GLN A 1003 -0.92 2.26 25.82
CA GLN A 1003 -1.70 1.09 26.19
C GLN A 1003 -2.15 0.28 24.97
N HIS A 1004 -2.06 0.86 23.77
CA HIS A 1004 -2.38 0.16 22.53
C HIS A 1004 -1.19 0.16 21.58
N ALA A 1005 0.02 0.24 22.14
CA ALA A 1005 1.22 0.31 21.30
C ALA A 1005 1.34 -0.89 20.37
N ASN A 1006 0.86 -2.06 20.81
CA ASN A 1006 1.01 -3.26 19.99
C ASN A 1006 0.27 -3.11 18.66
N LEU A 1007 -0.95 -2.58 18.69
CA LEU A 1007 -1.72 -2.41 17.47
C LEU A 1007 -0.94 -1.59 16.45
N PHE A 1008 -0.44 -0.43 16.86
CA PHE A 1008 0.23 0.46 15.91
C PHE A 1008 1.51 -0.18 15.37
N ILE A 1009 2.31 -0.80 16.24
CA ILE A 1009 3.51 -1.47 15.79
C ILE A 1009 3.17 -2.50 14.72
N ASN A 1010 2.09 -3.26 14.92
CA ASN A 1010 1.69 -4.25 13.94
C ASN A 1010 1.23 -3.60 12.64
N LEU A 1011 0.47 -2.50 12.73
CA LEU A 1011 -0.02 -1.86 11.52
C LEU A 1011 1.12 -1.34 10.66
N PHE A 1012 2.15 -0.74 11.28
CA PHE A 1012 3.30 -0.28 10.52
C PHE A 1012 4.15 -1.44 10.02
N SER A 1013 4.25 -2.51 10.83
CA SER A 1013 5.01 -3.69 10.39
C SER A 1013 4.39 -4.28 9.13
N MET A 1014 3.07 -4.31 9.04
CA MET A 1014 2.38 -4.86 7.87
C MET A 1014 2.62 -4.04 6.61
N MET A 1015 3.17 -2.83 6.72
CA MET A 1015 3.39 -1.96 5.59
C MET A 1015 4.82 -2.03 5.04
N LEU A 1016 5.65 -2.93 5.55
CA LEU A 1016 7.06 -2.93 5.17
C LEU A 1016 7.24 -3.24 3.69
N GLY A 1017 6.49 -4.21 3.17
CA GLY A 1017 6.59 -4.54 1.76
C GLY A 1017 5.94 -3.55 0.82
N SER A 1018 5.43 -2.43 1.34
CA SER A 1018 4.67 -1.50 0.51
C SER A 1018 5.53 -0.83 -0.55
N GLY A 1019 6.82 -0.65 -0.28
CA GLY A 1019 7.67 0.15 -1.13
C GLY A 1019 7.79 1.60 -0.70
N MET A 1020 7.17 1.98 0.41
CA MET A 1020 7.34 3.33 0.93
C MET A 1020 8.73 3.45 1.56
N PRO A 1021 9.52 4.45 1.18
CA PRO A 1021 10.89 4.54 1.72
C PRO A 1021 10.93 4.72 3.23
N GLU A 1022 9.86 5.24 3.83
CA GLU A 1022 9.82 5.39 5.28
C GLU A 1022 9.73 4.06 5.99
N LEU A 1023 9.30 3.00 5.29
CA LEU A 1023 9.07 1.68 5.87
C LEU A 1023 9.80 0.65 5.01
N GLN A 1024 11.11 0.52 5.24
CA GLN A 1024 11.93 -0.46 4.54
C GLN A 1024 12.49 -1.54 5.47
N SER A 1025 12.45 -1.33 6.78
CA SER A 1025 12.95 -2.32 7.72
C SER A 1025 12.34 -2.04 9.09
N PHE A 1026 12.35 -3.06 9.94
CA PHE A 1026 11.82 -2.90 11.29
C PHE A 1026 12.57 -1.82 12.06
N ASP A 1027 13.84 -1.58 11.70
CA ASP A 1027 14.60 -0.50 12.34
C ASP A 1027 13.89 0.83 12.17
N ASP A 1028 13.24 1.04 11.02
CA ASP A 1028 12.47 2.27 10.82
C ASP A 1028 11.34 2.40 11.85
N ILE A 1029 10.75 1.27 12.24
CA ILE A 1029 9.65 1.30 13.20
C ILE A 1029 10.15 1.51 14.63
N ALA A 1030 11.46 1.33 14.88
CA ALA A 1030 11.98 1.47 16.23
C ALA A 1030 11.76 2.88 16.79
N TYR A 1031 11.59 3.89 15.93
CA TYR A 1031 11.38 5.25 16.42
C TYR A 1031 10.17 5.32 17.35
N ILE A 1032 9.08 4.63 16.99
CA ILE A 1032 7.88 4.70 17.83
C ILE A 1032 8.11 4.01 19.15
N ARG A 1033 9.04 3.05 19.21
CA ARG A 1033 9.41 2.47 20.50
C ARG A 1033 10.14 3.48 21.38
N LYS A 1034 10.77 4.49 20.77
CA LYS A 1034 11.41 5.54 21.53
C LYS A 1034 10.40 6.54 22.06
N THR A 1035 9.50 7.03 21.21
CA THR A 1035 8.52 8.02 21.64
C THR A 1035 7.54 7.43 22.64
N LEU A 1036 7.16 6.16 22.47
CA LEU A 1036 6.33 5.47 23.44
C LEU A 1036 7.14 4.92 24.61
N ALA A 1037 8.47 4.94 24.52
CA ALA A 1037 9.35 4.54 25.61
C ALA A 1037 8.94 3.16 26.15
N LEU A 1038 8.89 2.19 25.24
CA LEU A 1038 8.34 0.88 25.59
C LEU A 1038 9.30 0.05 26.44
N ASP A 1039 10.62 0.24 26.28
CA ASP A 1039 11.58 -0.45 27.12
C ASP A 1039 11.72 0.20 28.49
N LYS A 1040 10.87 1.17 28.80
CA LYS A 1040 10.74 1.72 30.15
C LYS A 1040 9.28 1.60 30.56
N THR A 1041 9.04 1.49 31.86
CA THR A 1041 7.68 1.26 32.34
C THR A 1041 6.93 2.59 32.42
N GLU A 1042 5.73 2.56 33.00
CA GLU A 1042 4.78 3.66 32.85
C GLU A 1042 5.37 4.99 33.33
N GLN A 1043 5.66 5.08 34.63
CA GLN A 1043 6.08 6.37 35.19
C GLN A 1043 7.27 6.95 34.46
N GLU A 1044 8.20 6.09 34.02
CA GLU A 1044 9.33 6.58 33.24
C GLU A 1044 8.87 7.18 31.92
N ALA A 1045 7.97 6.47 31.22
CA ALA A 1045 7.42 7.00 29.97
C ALA A 1045 6.65 8.29 30.22
N LEU A 1046 5.93 8.36 31.34
CA LEU A 1046 5.22 9.58 31.70
C LEU A 1046 6.18 10.75 31.83
N GLU A 1047 7.20 10.60 32.68
CA GLU A 1047 8.18 11.66 32.87
C GLU A 1047 8.93 11.97 31.57
N TYR A 1048 9.18 10.94 30.76
CA TYR A 1048 9.84 11.17 29.48
C TYR A 1048 8.99 12.07 28.58
N PHE A 1049 7.67 11.92 28.64
CA PHE A 1049 6.80 12.77 27.84
C PHE A 1049 6.62 14.14 28.46
N MET A 1050 6.45 14.20 29.78
CA MET A 1050 6.40 15.50 30.46
C MET A 1050 7.64 16.32 30.15
N LYS A 1051 8.81 15.67 30.12
CA LYS A 1051 10.03 16.37 29.75
C LYS A 1051 9.94 16.93 28.33
N GLN A 1052 9.43 16.12 27.40
CA GLN A 1052 9.30 16.59 26.02
C GLN A 1052 8.28 17.71 25.90
N MET A 1053 7.30 17.76 26.80
CA MET A 1053 6.32 18.84 26.76
C MET A 1053 6.91 20.15 27.27
N ASN A 1054 7.83 20.08 28.24
CA ASN A 1054 8.56 21.28 28.64
C ASN A 1054 9.44 21.80 27.51
N ASP A 1055 10.08 20.88 26.78
CA ASP A 1055 10.86 21.29 25.61
C ASP A 1055 9.98 21.83 24.50
N ALA A 1056 8.74 21.32 24.40
CA ALA A 1056 7.81 21.86 23.41
C ALA A 1056 7.33 23.25 23.79
N ARG A 1057 7.22 23.53 25.09
CA ARG A 1057 6.95 24.89 25.55
C ARG A 1057 8.09 25.85 25.22
N HIS A 1058 9.25 25.34 24.83
CA HIS A 1058 10.44 26.15 24.56
C HIS A 1058 10.97 26.79 25.84
N GLY A 1059 10.71 26.16 26.98
CA GLY A 1059 11.14 26.69 28.25
C GLY A 1059 10.30 26.13 29.37
N GLY A 1060 10.75 26.40 30.60
CA GLY A 1060 10.07 25.94 31.79
C GLY A 1060 10.77 26.32 33.07
N MET B 11 40.94 -5.63 34.42
CA MET B 11 39.53 -6.12 34.52
C MET B 11 38.55 -4.96 34.55
N SER B 12 38.75 -3.99 33.67
CA SER B 12 37.92 -2.80 33.60
C SER B 12 36.87 -2.99 32.50
N LEU B 13 35.62 -3.19 32.91
CA LEU B 13 34.54 -3.30 31.94
C LEU B 13 34.40 -2.03 31.10
N GLN B 14 34.84 -0.89 31.64
CA GLN B 14 34.72 0.37 30.91
C GLN B 14 35.76 0.50 29.81
N ASP B 15 36.91 -0.13 29.96
CA ASP B 15 37.97 -0.08 28.95
C ASP B 15 37.91 -1.24 27.97
N ALA B 16 37.16 -2.29 28.28
CA ALA B 16 37.17 -3.50 27.47
C ALA B 16 36.89 -3.19 26.01
N GLU B 17 37.58 -3.91 25.13
CA GLU B 17 37.36 -3.77 23.69
C GLU B 17 35.88 -3.80 23.36
N TRP B 18 35.17 -4.83 23.84
CA TRP B 18 33.87 -5.21 23.32
C TRP B 18 32.70 -4.54 24.03
N TYR B 19 32.95 -3.69 25.02
CA TYR B 19 31.86 -2.98 25.70
C TYR B 19 31.67 -1.63 25.02
N TRP B 20 30.60 -1.52 24.23
CA TRP B 20 30.22 -0.23 23.65
C TRP B 20 29.25 0.53 24.54
N GLY B 21 28.45 -0.18 25.32
CA GLY B 21 27.59 0.45 26.31
C GLY B 21 26.31 1.05 25.77
N ASP B 22 26.26 2.37 25.70
CA ASP B 22 25.02 3.10 25.46
C ASP B 22 24.63 3.06 23.98
N ILE B 23 24.33 1.84 23.51
CA ILE B 23 24.10 1.59 22.10
C ILE B 23 22.77 0.87 21.93
N SER B 24 22.14 1.10 20.77
CA SER B 24 20.82 0.57 20.46
C SER B 24 20.91 -0.76 19.72
N ARG B 25 19.79 -1.49 19.72
CA ARG B 25 19.71 -2.71 18.95
C ARG B 25 19.98 -2.44 17.48
N GLU B 26 19.49 -1.31 16.97
CA GLU B 26 19.69 -0.97 15.56
C GLU B 26 21.18 -0.78 15.25
N GLU B 27 21.93 -0.21 16.20
CA GLU B 27 23.33 0.07 15.95
C GLU B 27 24.18 -1.20 15.99
N VAL B 28 23.85 -2.14 16.87
CA VAL B 28 24.59 -3.39 16.90
C VAL B 28 24.22 -4.26 15.70
N ASN B 29 22.99 -4.16 15.21
CA ASN B 29 22.64 -4.84 13.97
C ASN B 29 23.43 -4.25 12.80
N GLU B 30 23.64 -2.94 12.80
CA GLU B 30 24.48 -2.30 11.80
C GLU B 30 25.95 -2.71 11.92
N LYS B 31 26.33 -3.38 13.00
CA LYS B 31 27.72 -3.76 13.23
C LYS B 31 27.99 -5.24 12.98
N LEU B 32 27.03 -6.12 13.27
CA LEU B 32 27.17 -7.54 13.01
C LEU B 32 26.60 -7.94 11.64
N ARG B 33 26.40 -6.98 10.75
CA ARG B 33 25.79 -7.26 9.46
C ARG B 33 26.73 -8.09 8.60
N ASP B 34 26.32 -9.30 8.25
CA ASP B 34 27.08 -10.18 7.37
C ASP B 34 28.44 -10.53 7.96
N THR B 35 28.57 -10.47 9.28
CA THR B 35 29.81 -10.86 9.94
C THR B 35 29.87 -12.38 10.11
N ALA B 36 31.06 -12.87 10.42
CA ALA B 36 31.27 -14.30 10.58
C ALA B 36 30.80 -14.76 11.96
N ASP B 37 30.40 -16.03 12.03
CA ASP B 37 30.03 -16.62 13.31
C ASP B 37 31.14 -16.42 14.33
N GLY B 38 30.76 -16.09 15.56
CA GLY B 38 31.70 -15.85 16.62
C GLY B 38 32.01 -14.39 16.89
N THR B 39 31.64 -13.49 15.98
CA THR B 39 31.77 -12.06 16.25
C THR B 39 30.74 -11.65 17.30
N PHE B 40 31.18 -10.90 18.31
CA PHE B 40 30.34 -10.61 19.46
C PHE B 40 30.53 -9.16 19.90
N LEU B 41 29.66 -8.75 20.83
CA LEU B 41 29.53 -7.36 21.25
C LEU B 41 28.66 -7.32 22.50
N VAL B 42 28.93 -6.37 23.39
CA VAL B 42 28.21 -6.25 24.64
C VAL B 42 27.71 -4.81 24.79
N ARG B 43 26.47 -4.69 25.23
CA ARG B 43 25.88 -3.41 25.63
C ARG B 43 25.40 -3.52 27.08
N ASP B 44 25.04 -2.38 27.65
CA ASP B 44 24.14 -2.39 28.80
C ASP B 44 22.70 -2.44 28.29
N ALA B 45 21.84 -3.12 29.05
CA ALA B 45 20.53 -3.49 28.54
C ALA B 45 19.78 -2.27 28.02
N SER B 46 18.96 -2.51 26.99
CA SER B 46 18.14 -1.44 26.41
C SER B 46 17.21 -0.82 27.44
N THR B 47 16.94 -1.52 28.54
CA THR B 47 16.17 -0.93 29.64
C THR B 47 16.90 0.23 30.30
N LYS B 48 18.22 0.33 30.09
CA LYS B 48 19.06 1.33 30.72
C LYS B 48 19.06 1.23 32.24
N MET B 49 18.64 0.09 32.78
CA MET B 49 18.73 -0.16 34.21
C MET B 49 20.17 -0.46 34.58
N HIS B 50 20.66 0.20 35.64
CA HIS B 50 22.06 0.12 35.99
C HIS B 50 22.44 -1.30 36.39
N GLY B 51 23.65 -1.71 36.02
CA GLY B 51 24.14 -3.03 36.37
C GLY B 51 23.44 -4.17 35.67
N ASP B 52 22.88 -3.92 34.50
CA ASP B 52 22.14 -4.92 33.72
C ASP B 52 22.61 -4.84 32.28
N TYR B 53 22.98 -5.98 31.70
CA TYR B 53 23.73 -6.00 30.46
C TYR B 53 23.19 -7.07 29.51
N THR B 54 23.63 -6.98 28.25
CA THR B 54 23.23 -7.91 27.21
C THR B 54 24.42 -8.17 26.28
N LEU B 55 24.58 -9.43 25.89
CA LEU B 55 25.62 -9.85 24.96
C LEU B 55 24.97 -10.35 23.68
N THR B 56 25.45 -9.85 22.54
CA THR B 56 25.01 -10.29 21.23
C THR B 56 26.19 -10.91 20.49
N LEU B 57 25.96 -12.06 19.86
CA LEU B 57 26.99 -12.70 19.06
C LEU B 57 26.38 -13.27 17.78
N ARG B 58 27.22 -13.40 16.76
CA ARG B 58 26.81 -13.87 15.45
C ARG B 58 26.89 -15.38 15.40
N LYS B 59 25.80 -16.02 14.98
CA LYS B 59 25.75 -17.47 14.84
C LYS B 59 24.62 -17.83 13.89
N GLY B 60 24.96 -18.46 12.77
CA GLY B 60 23.97 -18.88 11.81
C GLY B 60 23.35 -17.75 11.02
N GLY B 61 24.12 -16.71 10.73
CA GLY B 61 23.59 -15.54 10.06
C GLY B 61 22.64 -14.72 10.90
N ASN B 62 22.57 -14.97 12.20
CA ASN B 62 21.66 -14.27 13.10
C ASN B 62 22.43 -13.60 14.23
N ASN B 63 21.81 -12.58 14.81
CA ASN B 63 22.35 -11.86 15.96
C ASN B 63 21.56 -12.32 17.18
N LYS B 64 22.14 -13.26 17.93
CA LYS B 64 21.45 -13.92 19.03
C LYS B 64 21.80 -13.24 20.34
N LEU B 65 20.78 -12.71 21.01
CA LEU B 65 20.96 -11.90 22.21
C LEU B 65 20.79 -12.76 23.45
N ILE B 66 21.66 -12.54 24.44
CA ILE B 66 21.62 -13.25 25.71
C ILE B 66 21.77 -12.24 26.84
N LYS B 67 20.98 -12.41 27.90
CA LYS B 67 20.98 -11.48 29.02
C LYS B 67 21.96 -11.95 30.09
N ILE B 68 22.75 -11.02 30.62
CA ILE B 68 23.75 -11.30 31.63
C ILE B 68 23.14 -10.95 32.98
N PHE B 69 22.73 -11.97 33.73
CA PHE B 69 22.15 -11.75 35.05
C PHE B 69 23.22 -11.33 36.04
N HIS B 70 22.77 -10.67 37.12
CA HIS B 70 23.68 -10.08 38.09
C HIS B 70 23.06 -10.20 39.47
N ARG B 71 23.81 -10.77 40.41
CA ARG B 71 23.32 -10.98 41.77
C ARG B 71 24.51 -11.10 42.72
N ASP B 72 24.39 -10.43 43.86
CA ASP B 72 25.40 -10.51 44.92
C ASP B 72 26.80 -10.20 44.39
N GLY B 73 26.85 -9.26 43.44
CA GLY B 73 28.10 -8.90 42.80
C GLY B 73 28.62 -9.90 41.79
N LYS B 74 28.07 -11.11 41.75
CA LYS B 74 28.50 -12.12 40.80
C LYS B 74 27.86 -11.85 39.44
N TYR B 75 28.28 -12.62 38.44
CA TYR B 75 27.78 -12.46 37.08
C TYR B 75 27.53 -13.82 36.45
N GLY B 76 26.90 -13.79 35.29
CA GLY B 76 26.50 -14.99 34.58
C GLY B 76 25.25 -14.72 33.75
N PHE B 77 24.87 -15.71 32.96
CA PHE B 77 23.66 -15.62 32.15
C PHE B 77 22.80 -16.87 32.27
N SER B 78 22.77 -17.46 33.47
CA SER B 78 21.82 -18.51 33.78
C SER B 78 21.53 -18.46 35.27
N ASP B 79 20.56 -19.27 35.71
CA ASP B 79 20.18 -19.24 37.12
C ASP B 79 21.35 -19.55 38.03
N PRO B 80 22.09 -20.64 37.86
CA PRO B 80 23.36 -20.80 38.61
C PRO B 80 24.37 -19.76 38.15
N LEU B 81 24.75 -18.88 39.08
CA LEU B 81 25.51 -17.67 38.77
C LEU B 81 26.83 -17.71 39.51
N THR B 82 27.91 -17.30 38.81
CA THR B 82 29.25 -17.63 39.29
C THR B 82 30.23 -16.46 39.23
N PHE B 83 30.41 -15.87 38.05
CA PHE B 83 31.61 -15.10 37.76
C PHE B 83 31.65 -13.78 38.53
N SER B 84 32.88 -13.33 38.82
CA SER B 84 33.06 -12.11 39.60
C SER B 84 32.77 -10.87 38.77
N SER B 85 33.25 -10.84 37.53
CA SER B 85 33.06 -9.70 36.65
C SER B 85 32.64 -10.18 35.26
N VAL B 86 32.09 -9.26 34.47
CA VAL B 86 31.72 -9.59 33.10
C VAL B 86 32.96 -9.94 32.28
N VAL B 87 34.10 -9.33 32.61
CA VAL B 87 35.32 -9.64 31.87
C VAL B 87 35.77 -11.07 32.14
N GLU B 88 35.52 -11.58 33.35
CA GLU B 88 35.81 -12.99 33.62
C GLU B 88 34.82 -13.89 32.91
N LEU B 89 33.54 -13.49 32.88
CA LEU B 89 32.53 -14.26 32.17
C LEU B 89 32.83 -14.30 30.68
N ILE B 90 33.15 -13.15 30.09
CA ILE B 90 33.41 -13.09 28.65
C ILE B 90 34.70 -13.83 28.31
N ASN B 91 35.78 -13.56 29.05
CA ASN B 91 37.06 -14.20 28.75
C ASN B 91 36.96 -15.72 28.88
N HIS B 92 36.15 -16.22 29.80
CA HIS B 92 35.96 -17.66 29.92
C HIS B 92 35.41 -18.24 28.62
N TYR B 93 34.38 -17.60 28.06
CA TYR B 93 33.78 -18.07 26.82
C TYR B 93 34.53 -17.59 25.59
N ARG B 94 35.52 -16.72 25.74
CA ARG B 94 36.49 -16.54 24.67
C ARG B 94 37.42 -17.73 24.57
N ASN B 95 37.68 -18.41 25.69
CA ASN B 95 38.61 -19.52 25.71
C ASN B 95 37.96 -20.82 25.27
N GLU B 96 36.81 -21.16 25.84
CA GLU B 96 36.12 -22.40 25.50
C GLU B 96 34.67 -22.10 25.17
N SER B 97 34.00 -23.11 24.62
CA SER B 97 32.80 -22.91 23.83
C SER B 97 31.55 -22.70 24.68
N LEU B 98 30.59 -21.99 24.09
CA LEU B 98 29.25 -21.86 24.65
C LEU B 98 28.46 -23.16 24.57
N ALA B 99 29.04 -24.21 23.96
CA ALA B 99 28.43 -25.53 24.04
C ALA B 99 28.10 -25.93 25.47
N GLN B 100 28.89 -25.43 26.43
CA GLN B 100 28.61 -25.70 27.83
C GLN B 100 27.23 -25.19 28.23
N TYR B 101 26.76 -24.12 27.59
CA TYR B 101 25.45 -23.56 27.88
C TYR B 101 24.35 -24.17 27.01
N ASN B 102 24.56 -24.19 25.69
CA ASN B 102 23.64 -24.83 24.76
C ASN B 102 24.44 -25.71 23.81
N PRO B 103 24.21 -27.03 23.80
CA PRO B 103 24.91 -27.87 22.80
C PRO B 103 24.68 -27.42 21.37
N LYS B 104 23.56 -26.76 21.08
CA LYS B 104 23.31 -26.21 19.75
C LYS B 104 23.91 -24.82 19.55
N LEU B 105 24.89 -24.45 20.38
CA LEU B 105 25.56 -23.16 20.30
C LEU B 105 27.06 -23.38 20.46
N ASP B 106 27.64 -24.12 19.51
CA ASP B 106 29.01 -24.59 19.60
C ASP B 106 30.06 -23.49 19.44
N VAL B 107 29.66 -22.23 19.29
CA VAL B 107 30.61 -21.19 18.95
C VAL B 107 31.31 -20.68 20.21
N LYS B 108 32.53 -20.17 20.03
CA LYS B 108 33.24 -19.42 21.05
C LYS B 108 33.18 -17.93 20.73
N LEU B 109 33.41 -17.11 21.76
CA LEU B 109 33.47 -15.66 21.58
C LEU B 109 34.79 -15.33 20.89
N LEU B 110 34.82 -15.56 19.58
CA LEU B 110 36.07 -15.52 18.83
C LEU B 110 36.54 -14.10 18.57
N TYR B 111 35.72 -13.28 17.91
CA TYR B 111 36.11 -11.95 17.51
C TYR B 111 35.28 -10.89 18.22
N PRO B 112 35.90 -9.91 18.88
CA PRO B 112 35.16 -8.73 19.31
C PRO B 112 35.15 -7.66 18.21
N VAL B 113 34.31 -6.65 18.43
CA VAL B 113 34.37 -5.40 17.68
C VAL B 113 34.39 -4.27 18.70
N SER B 114 35.39 -3.40 18.60
CA SER B 114 35.75 -2.51 19.69
C SER B 114 35.53 -1.05 19.32
N LYS B 115 35.50 -0.20 20.37
CA LYS B 115 34.96 1.14 20.25
C LYS B 115 35.93 2.12 19.60
N TYR B 116 37.24 1.94 19.78
CA TYR B 116 38.22 2.91 19.28
C TYR B 116 39.46 2.21 18.75
N GLN B 117 39.26 1.15 17.96
CA GLN B 117 40.34 0.49 17.23
C GLN B 117 40.40 0.94 15.78
N GLN B 118 39.52 1.85 15.35
CA GLN B 118 39.39 2.25 13.96
C GLN B 118 39.34 3.77 13.83
N ASP B 119 40.18 4.47 14.60
CA ASP B 119 40.29 5.92 14.50
C ASP B 119 41.28 6.24 13.38
N GLN B 120 40.77 6.43 12.18
CA GLN B 120 41.61 6.64 11.00
C GLN B 120 41.92 8.11 10.77
N VAL B 121 42.34 8.80 11.83
CA VAL B 121 42.93 10.12 11.76
C VAL B 121 44.44 9.95 11.94
N VAL B 122 45.21 10.43 10.99
CA VAL B 122 46.63 10.13 10.89
C VAL B 122 47.50 11.24 11.48
N LYS B 123 47.33 12.47 10.99
CA LYS B 123 48.27 13.54 11.27
C LYS B 123 47.96 14.21 12.60
N GLU B 124 48.85 15.13 13.00
CA GLU B 124 48.68 15.96 14.18
C GLU B 124 47.21 16.29 14.41
N ASP B 125 46.75 16.13 15.64
CA ASP B 125 45.33 16.33 15.94
C ASP B 125 45.01 17.80 16.21
N ASN B 126 45.44 18.69 15.31
CA ASN B 126 44.83 20.00 15.26
C ASN B 126 43.31 19.82 15.16
N ILE B 127 42.57 20.67 15.86
CA ILE B 127 41.12 20.47 15.92
C ILE B 127 40.49 20.85 14.58
N GLU B 128 41.32 21.23 13.61
CA GLU B 128 40.85 21.33 12.24
C GLU B 128 40.49 19.97 11.65
N ALA B 129 40.83 18.88 12.34
CA ALA B 129 40.35 17.56 11.91
C ALA B 129 38.83 17.54 11.82
N VAL B 130 38.16 18.28 12.71
CA VAL B 130 36.71 18.46 12.63
C VAL B 130 36.36 19.85 12.11
N GLY B 131 37.16 20.86 12.45
CA GLY B 131 36.93 22.21 11.97
C GLY B 131 37.22 22.41 10.49
N LYS B 132 37.73 21.38 9.81
CA LYS B 132 38.05 21.50 8.39
C LYS B 132 37.81 20.18 7.66
N LYS B 133 38.50 19.12 8.08
CA LYS B 133 38.42 17.86 7.33
C LYS B 133 37.03 17.24 7.42
N LEU B 134 36.43 17.24 8.61
CA LEU B 134 35.07 16.74 8.73
C LEU B 134 34.12 17.52 7.82
N HIS B 135 34.27 18.85 7.79
CA HIS B 135 33.41 19.67 6.94
C HIS B 135 33.65 19.35 5.46
N GLU B 136 34.89 19.05 5.09
CA GLU B 136 35.19 18.68 3.72
C GLU B 136 34.55 17.34 3.36
N TYR B 137 34.74 16.34 4.22
CA TYR B 137 34.16 15.02 3.95
C TYR B 137 32.64 15.10 3.86
N ASN B 138 32.01 15.82 4.79
CA ASN B 138 30.55 15.96 4.74
C ASN B 138 30.11 16.67 3.46
N THR B 139 30.85 17.71 3.06
CA THR B 139 30.56 18.36 1.79
C THR B 139 30.75 17.38 0.63
N GLN B 140 31.76 16.52 0.71
CA GLN B 140 31.99 15.53 -0.34
C GLN B 140 30.92 14.44 -0.31
N PHE B 141 30.28 14.22 0.84
CA PHE B 141 29.24 13.21 0.95
C PHE B 141 27.92 13.70 0.40
N GLN B 142 27.51 14.92 0.77
CA GLN B 142 26.21 15.44 0.32
C GLN B 142 26.21 15.73 -1.16
N GLU B 143 27.38 16.04 -1.74
CA GLU B 143 27.45 16.23 -3.19
C GLU B 143 27.26 14.90 -3.91
N LYS B 144 28.01 13.87 -3.50
CA LYS B 144 27.86 12.55 -4.12
C LYS B 144 26.51 11.94 -3.81
N SER B 145 25.91 12.29 -2.67
CA SER B 145 24.56 11.82 -2.37
C SER B 145 23.52 12.53 -3.22
N ARG B 146 23.80 13.77 -3.61
CA ARG B 146 22.89 14.49 -4.50
C ARG B 146 22.99 13.98 -5.94
N GLU B 147 24.17 13.53 -6.35
CA GLU B 147 24.33 12.95 -7.68
C GLU B 147 23.62 11.61 -7.78
N TYR B 148 23.72 10.78 -6.74
CA TYR B 148 23.07 9.47 -6.76
C TYR B 148 21.55 9.61 -6.72
N ASP B 149 21.04 10.63 -6.05
CA ASP B 149 19.59 10.88 -6.07
C ASP B 149 19.15 11.36 -7.45
N ARG B 150 19.98 12.16 -8.12
CA ARG B 150 19.66 12.59 -9.48
C ARG B 150 19.68 11.41 -10.44
N LEU B 151 20.72 10.57 -10.36
CA LEU B 151 20.80 9.39 -11.21
C LEU B 151 19.55 8.53 -11.06
N TYR B 152 19.12 8.29 -9.82
CA TYR B 152 17.96 7.45 -9.61
C TYR B 152 16.68 8.07 -10.17
N GLU B 153 16.65 9.40 -10.30
CA GLU B 153 15.47 10.06 -10.85
C GLU B 153 15.36 9.79 -12.35
N GLU B 154 16.42 10.12 -13.12
CA GLU B 154 16.38 9.85 -14.54
C GLU B 154 16.50 8.36 -14.84
N TYR B 155 16.96 7.56 -13.87
CA TYR B 155 16.89 6.11 -14.01
C TYR B 155 15.45 5.65 -14.03
N THR B 156 14.65 6.10 -13.06
CA THR B 156 13.24 5.72 -13.01
C THR B 156 12.46 6.34 -14.16
N ARG B 157 12.78 7.59 -14.51
CA ARG B 157 12.15 8.20 -15.69
C ARG B 157 12.46 7.37 -16.93
N THR B 158 13.73 7.10 -17.19
CA THR B 158 14.11 6.35 -18.38
C THR B 158 13.47 4.96 -18.37
N SER B 159 13.43 4.31 -17.21
CA SER B 159 12.84 2.98 -17.12
C SER B 159 11.39 3.00 -17.57
N GLN B 160 10.64 4.03 -17.17
CA GLN B 160 9.22 4.11 -17.50
C GLN B 160 8.98 4.53 -18.94
N GLU B 161 9.84 5.39 -19.50
CA GLU B 161 9.73 5.70 -20.91
C GLU B 161 10.05 4.49 -21.78
N ILE B 162 10.88 3.57 -21.28
CA ILE B 162 11.26 2.40 -22.07
C ILE B 162 10.08 1.46 -22.23
N GLN B 163 9.38 1.17 -21.12
CA GLN B 163 8.26 0.23 -21.22
C GLN B 163 7.11 0.84 -22.03
N MET B 164 6.99 2.17 -22.03
CA MET B 164 6.07 2.80 -22.96
C MET B 164 6.44 2.49 -24.40
N LYS B 165 7.74 2.55 -24.72
CA LYS B 165 8.19 2.29 -26.08
C LYS B 165 8.10 0.80 -26.41
N ARG B 166 8.37 -0.07 -25.43
CA ARG B 166 8.27 -1.51 -25.67
C ARG B 166 6.84 -1.91 -26.01
N THR B 167 5.87 -1.35 -25.28
CA THR B 167 4.47 -1.65 -25.61
C THR B 167 4.04 -1.00 -26.92
N ALA B 168 4.69 0.11 -27.31
CA ALA B 168 4.34 0.76 -28.56
C ALA B 168 4.85 -0.02 -29.76
N ILE B 169 6.08 -0.52 -29.71
CA ILE B 169 6.55 -1.36 -30.81
C ILE B 169 5.79 -2.67 -30.83
N GLU B 170 5.36 -3.15 -29.66
CA GLU B 170 4.54 -4.36 -29.60
C GLU B 170 3.17 -4.10 -30.22
N ALA B 171 2.68 -2.87 -30.15
CA ALA B 171 1.45 -2.52 -30.85
C ALA B 171 1.68 -2.43 -32.36
N PHE B 172 2.79 -1.81 -32.76
CA PHE B 172 3.16 -1.83 -34.18
C PHE B 172 3.26 -3.25 -34.71
N ASN B 173 3.69 -4.19 -33.87
CA ASN B 173 3.78 -5.58 -34.32
C ASN B 173 2.40 -6.13 -34.66
N GLU B 174 1.38 -5.75 -33.90
CA GLU B 174 0.02 -6.24 -34.17
C GLU B 174 -0.59 -5.53 -35.38
N THR B 175 -0.36 -4.23 -35.53
CA THR B 175 -0.87 -3.52 -36.69
C THR B 175 -0.25 -4.06 -37.98
N ILE B 176 1.06 -4.31 -37.98
CA ILE B 176 1.72 -4.84 -39.17
C ILE B 176 1.25 -6.28 -39.43
N LYS B 177 1.09 -7.06 -38.37
CA LYS B 177 0.53 -8.40 -38.54
C LYS B 177 -0.83 -8.37 -39.22
N ILE B 178 -1.61 -7.31 -38.97
CA ILE B 178 -2.96 -7.23 -39.53
C ILE B 178 -2.92 -6.73 -40.96
N PHE B 179 -2.04 -5.78 -41.27
CA PHE B 179 -1.91 -5.33 -42.64
C PHE B 179 -1.26 -6.38 -43.53
N GLU B 180 -0.38 -7.21 -42.97
CA GLU B 180 0.25 -8.26 -43.75
C GLU B 180 -0.76 -9.34 -44.13
N GLU B 181 -1.64 -9.72 -43.21
CA GLU B 181 -2.71 -10.65 -43.56
C GLU B 181 -3.74 -10.00 -44.47
N GLN B 182 -3.84 -8.66 -44.46
CA GLN B 182 -4.65 -7.98 -45.44
C GLN B 182 -4.05 -8.12 -46.84
N CYS B 183 -2.72 -8.12 -46.94
CA CYS B 183 -2.07 -8.35 -48.22
C CYS B 183 -2.31 -9.78 -48.70
N GLN B 184 -2.13 -10.76 -47.80
CA GLN B 184 -2.26 -12.16 -48.21
C GLN B 184 -3.70 -12.52 -48.53
N THR B 185 -4.67 -11.81 -47.94
CA THR B 185 -6.06 -12.00 -48.33
C THR B 185 -6.39 -11.23 -49.61
N GLN B 186 -5.78 -10.07 -49.80
CA GLN B 186 -5.95 -9.35 -51.07
C GLN B 186 -5.46 -10.20 -52.24
N GLU B 187 -4.30 -10.85 -52.07
CA GLU B 187 -3.78 -11.71 -53.12
C GLU B 187 -4.58 -12.99 -53.24
N ARG B 188 -5.15 -13.48 -52.14
CA ARG B 188 -5.94 -14.72 -52.21
C ARG B 188 -7.21 -14.52 -53.01
N TYR B 189 -7.93 -13.43 -52.74
CA TYR B 189 -9.24 -13.23 -53.34
C TYR B 189 -9.22 -12.40 -54.62
N SER B 190 -8.14 -11.66 -54.88
CA SER B 190 -8.05 -10.88 -56.10
C SER B 190 -7.42 -11.66 -57.25
N LYS B 191 -6.66 -12.72 -56.97
CA LYS B 191 -5.89 -13.40 -58.00
C LYS B 191 -6.77 -13.77 -59.20
N GLU B 192 -7.83 -14.54 -58.95
CA GLU B 192 -8.61 -15.09 -60.05
C GLU B 192 -9.65 -14.13 -60.61
N TYR B 193 -9.89 -12.99 -59.94
CA TYR B 193 -10.60 -11.90 -60.61
C TYR B 193 -9.66 -11.14 -61.53
N ILE B 194 -8.42 -10.94 -61.10
CA ILE B 194 -7.40 -10.41 -62.00
C ILE B 194 -7.28 -11.29 -63.25
N GLU B 195 -7.22 -12.60 -63.05
CA GLU B 195 -7.07 -13.52 -64.18
C GLU B 195 -8.30 -13.50 -65.08
N LYS B 196 -9.49 -13.40 -64.49
CA LYS B 196 -10.70 -13.30 -65.28
C LYS B 196 -10.75 -11.99 -66.06
N PHE B 197 -10.38 -10.88 -65.42
CA PHE B 197 -10.35 -9.61 -66.12
C PHE B 197 -9.32 -9.60 -67.24
N LYS B 198 -8.24 -10.39 -67.10
CA LYS B 198 -7.16 -10.35 -68.08
C LYS B 198 -7.64 -10.81 -69.45
N ARG B 199 -8.46 -11.86 -69.49
CA ARG B 199 -8.91 -12.41 -70.77
C ARG B 199 -10.15 -11.72 -71.31
N GLU B 200 -10.86 -10.95 -70.48
CA GLU B 200 -11.92 -10.09 -70.96
C GLU B 200 -11.39 -8.79 -71.55
N GLY B 201 -10.10 -8.52 -71.40
CA GLY B 201 -9.52 -7.29 -71.89
C GLY B 201 -9.92 -6.05 -71.11
N ASN B 202 -10.18 -6.21 -69.81
CA ASN B 202 -10.64 -5.09 -68.98
C ASN B 202 -9.48 -4.61 -68.11
N GLU B 203 -8.53 -3.95 -68.76
CA GLU B 203 -7.40 -3.35 -68.05
C GLU B 203 -7.86 -2.29 -67.06
N LYS B 204 -9.03 -1.69 -67.29
CA LYS B 204 -9.53 -0.66 -66.40
C LYS B 204 -9.77 -1.21 -65.00
N GLU B 205 -10.42 -2.37 -64.90
CA GLU B 205 -10.70 -2.93 -63.58
C GLU B 205 -9.45 -3.49 -62.92
N ILE B 206 -8.51 -4.03 -63.70
CA ILE B 206 -7.26 -4.51 -63.13
C ILE B 206 -6.52 -3.38 -62.45
N GLN B 207 -6.55 -2.18 -63.03
CA GLN B 207 -5.80 -1.05 -62.48
C GLN B 207 -6.50 -0.44 -61.27
N ARG B 208 -7.82 -0.62 -61.12
CA ARG B 208 -8.46 -0.27 -59.86
C ARG B 208 -7.96 -1.16 -58.74
N ILE B 209 -7.91 -2.48 -58.99
CA ILE B 209 -7.43 -3.41 -57.98
C ILE B 209 -5.97 -3.14 -57.64
N MET B 210 -5.14 -2.92 -58.67
CA MET B 210 -3.74 -2.61 -58.44
C MET B 210 -3.58 -1.29 -57.69
N HIS B 211 -4.32 -0.27 -58.12
CA HIS B 211 -4.24 1.03 -57.45
C HIS B 211 -4.56 0.91 -55.97
N ASN B 212 -5.49 0.03 -55.61
CA ASN B 212 -5.84 -0.16 -54.21
C ASN B 212 -4.78 -0.99 -53.48
N TYR B 213 -4.26 -2.04 -54.15
CA TYR B 213 -3.20 -2.83 -53.55
C TYR B 213 -1.95 -1.99 -53.32
N ASP B 214 -1.57 -1.19 -54.33
CA ASP B 214 -0.40 -0.32 -54.16
C ASP B 214 -0.59 0.62 -52.98
N LYS B 215 -1.79 1.16 -52.80
CA LYS B 215 -2.03 2.04 -51.67
C LYS B 215 -2.01 1.29 -50.35
N LEU B 216 -2.35 0.00 -50.37
CA LEU B 216 -2.23 -0.81 -49.15
C LEU B 216 -0.78 -0.97 -48.75
N LYS B 217 0.05 -1.50 -49.64
CA LYS B 217 1.46 -1.69 -49.31
C LYS B 217 2.24 -0.38 -49.29
N SER B 218 1.67 0.71 -49.82
CA SER B 218 2.25 2.02 -49.57
C SER B 218 2.11 2.40 -48.10
N ARG B 219 0.91 2.22 -47.54
CA ARG B 219 0.69 2.54 -46.13
C ARG B 219 1.49 1.61 -45.22
N ILE B 220 1.52 0.32 -45.54
CA ILE B 220 2.25 -0.62 -44.69
C ILE B 220 3.72 -0.24 -44.61
N SER B 221 4.25 0.40 -45.66
CA SER B 221 5.63 0.87 -45.62
C SER B 221 5.76 2.04 -44.65
N GLU B 222 4.74 2.89 -44.57
CA GLU B 222 4.81 4.05 -43.68
C GLU B 222 4.84 3.61 -42.22
N ILE B 223 4.04 2.61 -41.86
CA ILE B 223 4.03 2.16 -40.46
C ILE B 223 5.21 1.23 -40.18
N ILE B 224 5.70 0.50 -41.17
CA ILE B 224 6.93 -0.27 -40.98
C ILE B 224 8.09 0.68 -40.72
N ASP B 225 8.15 1.79 -41.47
CA ASP B 225 9.19 2.78 -41.22
C ASP B 225 8.99 3.46 -39.87
N SER B 226 7.74 3.71 -39.48
CA SER B 226 7.48 4.29 -38.17
C SER B 226 7.89 3.36 -37.05
N ARG B 227 7.84 2.05 -37.28
CA ARG B 227 8.25 1.10 -36.24
C ARG B 227 9.77 1.13 -36.04
N ARG B 228 10.53 0.99 -37.14
CA ARG B 228 11.99 0.98 -37.00
C ARG B 228 12.49 2.31 -36.45
N ARG B 229 11.84 3.42 -36.83
CA ARG B 229 12.22 4.72 -36.28
C ARG B 229 12.00 4.77 -34.77
N LEU B 230 11.04 4.00 -34.26
CA LEU B 230 10.82 3.89 -32.83
C LEU B 230 11.72 2.84 -32.18
N GLU B 231 11.95 1.72 -32.87
CA GLU B 231 12.92 0.74 -32.37
C GLU B 231 14.31 1.34 -32.28
N GLU B 232 14.60 2.34 -33.13
CA GLU B 232 15.88 3.04 -33.03
C GLU B 232 15.95 3.87 -31.76
N ASP B 233 14.91 4.69 -31.51
CA ASP B 233 14.86 5.45 -30.27
C ASP B 233 14.95 4.51 -29.07
N LEU B 234 14.28 3.36 -29.14
CA LEU B 234 14.29 2.43 -28.01
C LEU B 234 15.69 1.87 -27.77
N LYS B 235 16.32 1.34 -28.82
CA LYS B 235 17.65 0.76 -28.66
C LYS B 235 18.64 1.78 -28.10
N LYS B 236 18.53 3.04 -28.54
CA LYS B 236 19.44 4.07 -28.06
C LYS B 236 19.09 4.52 -26.64
N GLN B 237 17.81 4.52 -26.28
CA GLN B 237 17.45 4.84 -24.89
C GLN B 237 17.71 3.67 -23.96
N ALA B 238 17.58 2.43 -24.45
CA ALA B 238 17.92 1.27 -23.64
C ALA B 238 19.41 1.25 -23.32
N ALA B 239 20.25 1.79 -24.21
CA ALA B 239 21.69 1.81 -23.98
C ALA B 239 22.04 2.78 -22.86
N GLU B 240 21.55 4.02 -22.94
CA GLU B 240 21.85 4.98 -21.89
C GLU B 240 21.14 4.63 -20.59
N TYR B 241 20.13 3.76 -20.64
CA TYR B 241 19.57 3.21 -19.41
C TYR B 241 20.57 2.32 -18.70
N ARG B 242 21.26 1.46 -19.44
CA ARG B 242 22.28 0.61 -18.84
C ARG B 242 23.47 1.43 -18.34
N GLU B 243 23.74 2.59 -18.97
CA GLU B 243 24.84 3.43 -18.50
C GLU B 243 24.49 4.10 -17.18
N ILE B 244 23.26 4.62 -17.05
CA ILE B 244 22.84 5.20 -15.78
C ILE B 244 22.93 4.17 -14.67
N ASP B 245 22.70 2.90 -14.99
CA ASP B 245 22.73 1.86 -13.97
C ASP B 245 24.15 1.61 -13.49
N LYS B 246 25.09 1.40 -14.41
CA LYS B 246 26.47 1.13 -14.02
C LYS B 246 27.09 2.33 -13.34
N ARG B 247 26.65 3.54 -13.68
CA ARG B 247 27.11 4.73 -12.96
C ARG B 247 26.66 4.70 -11.51
N MET B 248 25.39 4.39 -11.27
CA MET B 248 24.91 4.25 -9.89
C MET B 248 25.71 3.18 -9.14
N ASN B 249 25.91 2.02 -9.78
CA ASN B 249 26.65 0.94 -9.14
C ASN B 249 28.09 1.33 -8.85
N SER B 250 28.64 2.30 -9.59
CA SER B 250 29.97 2.81 -9.27
C SER B 250 29.92 3.83 -8.13
N ILE B 251 28.84 4.60 -8.05
CA ILE B 251 28.73 5.64 -7.02
C ILE B 251 28.33 5.05 -5.67
N LYS B 252 27.63 3.92 -5.67
CA LYS B 252 27.12 3.38 -4.40
C LYS B 252 28.24 3.00 -3.44
N PRO B 253 29.26 2.23 -3.83
CA PRO B 253 30.32 1.90 -2.85
C PRO B 253 31.10 3.13 -2.38
N ASP B 254 31.36 4.08 -3.27
CA ASP B 254 32.01 5.32 -2.87
C ASP B 254 31.17 6.07 -1.84
N LEU B 255 29.88 6.24 -2.14
CA LEU B 255 28.98 6.95 -1.22
C LEU B 255 29.00 6.29 0.16
N ILE B 256 29.07 4.96 0.20
CA ILE B 256 29.12 4.25 1.47
C ILE B 256 30.47 4.45 2.15
N GLN B 257 31.54 4.44 1.35
CA GLN B 257 32.87 4.69 1.92
C GLN B 257 32.96 6.08 2.53
N LEU B 258 32.37 7.09 1.87
CA LEU B 258 32.48 8.45 2.37
C LEU B 258 31.59 8.68 3.59
N ARG B 259 30.43 8.03 3.65
CA ARG B 259 29.58 8.17 4.84
C ARG B 259 30.30 7.64 6.07
N LYS B 260 30.77 6.39 6.02
CA LYS B 260 31.47 5.83 7.16
C LYS B 260 32.71 6.63 7.52
N THR B 261 33.37 7.21 6.52
CA THR B 261 34.52 8.06 6.80
C THR B 261 34.08 9.33 7.54
N ARG B 262 33.11 10.04 6.99
CA ARG B 262 32.58 11.23 7.66
C ARG B 262 32.10 10.90 9.07
N ASP B 263 31.28 9.85 9.20
CA ASP B 263 30.67 9.54 10.48
C ASP B 263 31.72 9.22 11.53
N GLN B 264 32.74 8.43 11.18
CA GLN B 264 33.75 8.08 12.17
C GLN B 264 34.67 9.25 12.51
N TYR B 265 34.68 10.29 11.67
CA TYR B 265 35.38 11.52 12.05
C TYR B 265 34.60 12.33 13.07
N LEU B 266 33.40 11.89 13.44
CA LEU B 266 32.75 12.39 14.65
C LEU B 266 33.39 11.81 15.91
N MET B 267 34.26 10.81 15.77
CA MET B 267 35.09 10.37 16.90
C MET B 267 35.78 11.57 17.53
N TRP B 268 36.46 12.38 16.71
CA TRP B 268 37.23 13.49 17.23
C TRP B 268 36.37 14.64 17.72
N LEU B 269 35.09 14.66 17.40
CA LEU B 269 34.16 15.52 18.13
C LEU B 269 33.91 14.95 19.53
N THR B 270 33.86 13.62 19.64
CA THR B 270 33.74 12.98 20.94
C THR B 270 35.01 13.11 21.76
N GLN B 271 36.16 13.28 21.11
CA GLN B 271 37.41 13.52 21.84
C GLN B 271 37.45 14.93 22.45
N LYS B 272 36.57 15.83 22.03
CA LYS B 272 36.23 16.97 22.86
C LYS B 272 35.08 16.64 23.79
N GLY B 273 34.06 15.96 23.27
CA GLY B 273 32.98 15.43 24.08
C GLY B 273 31.72 16.25 24.11
N VAL B 274 31.66 17.38 23.40
CA VAL B 274 30.49 18.24 23.41
C VAL B 274 30.36 18.91 22.05
N ARG B 275 29.11 19.24 21.69
CA ARG B 275 28.78 19.76 20.37
C ARG B 275 29.28 21.17 20.13
N GLN B 276 29.99 21.77 21.07
CA GLN B 276 30.56 23.11 20.86
C GLN B 276 31.41 23.17 19.60
N LYS B 277 31.88 22.03 19.09
CA LYS B 277 32.77 22.05 17.94
C LYS B 277 32.01 22.09 16.62
N LYS B 278 31.06 21.17 16.40
CA LYS B 278 30.26 21.27 15.19
C LYS B 278 29.36 22.49 15.20
N LEU B 279 29.24 23.18 16.34
CA LEU B 279 28.60 24.49 16.36
C LEU B 279 29.27 25.44 15.36
N ASN B 280 30.59 25.32 15.19
CA ASN B 280 31.29 26.15 14.22
C ASN B 280 30.75 25.92 12.82
N GLU B 281 30.40 24.67 12.50
CA GLU B 281 29.81 24.35 11.21
C GLU B 281 28.32 24.71 11.15
N TRP B 282 27.70 25.02 12.28
CA TRP B 282 26.35 25.59 12.27
C TRP B 282 26.44 27.09 11.98
#